data_8Y0B
#
_entry.id   8Y0B
#
_cell.length_a   124.729
_cell.length_b   124.729
_cell.length_c   267.756
_cell.angle_alpha   90.000
_cell.angle_beta   90.000
_cell.angle_gamma   90.000
#
_symmetry.space_group_name_H-M   'P 43 21 2'
#
loop_
_entity.id
_entity.type
_entity.pdbx_description
1 polymer 'RNA (53-MER)'
2 polymer "DNA (5'-D(P*AP*AP*AP*TP*GP*AP*CP*TP*TP*CP*TP*CP*TP*AP*AP*AP*GP*GP*AP*CP*T)-3')"
3 polymer "DNA (5'-D(P*AP*GP*TP*CP*CP*TP*TP*TP*AP*GP*AP*TP*A)-3')"
4 polymer 'CRISPR-associated endonuclease Cas12a'
5 non-polymer 'MAGNESIUM ION'
6 water water
#
loop_
_entity_poly.entity_id
_entity_poly.type
_entity_poly.pdbx_seq_one_letter_code
_entity_poly.pdbx_strand_id
1 'polyribonucleotide' GGAAUUUCUACUGUUGUAGAUGAGAAGUCAUUUAAUAAGGCCGUCUAAGAACUUUAUC B
2 'polydeoxyribonucleotide'
;(DA)(DA)(DA)(DT)(DG)(DA)(DC)(DT)(DT)(DC)(DT)(DC)(DT)(DA)(DA)(DA)(DG)(DG)(DA)(DC)
(DT)
;
C
3 'polydeoxyribonucleotide' (DA)(DG)(DT)(DC)(DC)(DT)(DT)(DT)(DA)(DG)(DA)(DT)(DA)(DA)(DA)(DG)(DT)(DT) D
4 'polypeptide(L)'
;MSIYQEFVNKYSLSKTLRFELIPQGKTLENIKARGLILDDEKRAKDYKKAKQIIDKYHQFFIEEILSSVCISEDLLQNYS
DVYFKLKKSDDDNLQKDFKSAKDTIKKQISEYIKDSEKFKNLFNQNLIDAKKGQESDLILWLKQSKDNGIELFKANSDIT
DIDEALEIIKSFKGWTTYFKGFHENRKNVYSSNDIPTSIIYRIVDDNLPKFLENKAKYESLKDKAPEAINYEQIKKDLAE
ELTFDIDYKTSEVNQRVFSLDEVFEIANFNNYLNQSGITKFNTIIGGKFVNGENTKRKGINEYINLYSQQINDKTLKKYK
MSVLFKQILSDTESKSFVIDKLEDDSDVVTTMQSFYEQIAAFKTVEEKSIKETLSLLFDDLKAQKLDLSKIYFKNDKSLT
DLSQQVFDDYSVIGTAVLEYITQQIAPKNLDNPSKKEQELIAKKTEKAKYLSLETIKLALEEFNKHRDIDKQCRFEEILA
NFAAIPMIFDEIAQNKDNLAQISIKYQNQGKKDLLQASAEDDVKAIKDLLDQTNNLLHKLKIFHISQSEDKANILDKDEH
FYLVFEECYFELANIVPLYNKIRNYITQKPYSDEKFKLNFENSTLANGWDKNKEPDNTAILFIKDDKYYLGVMNKKNNKI
FDDKAIKENKGEGYKKIVYKLLPGANKMLPKVFFSAKSIKFYNPSEDILRIRNHSTHTKNGSPQKGYEKFEFNIEDCRKF
IDFYKQSISKHPEWKDFGFRFSDTQRYNSIDEFYREVENQGYKLTFENISESYIDSVVNQGKLYLFQIYNKDFSAYSKGR
PNLHTLYWKALFDERNLQDVVYKLNGEAELFYRKQSIPKKITHPAKEAIANKNKDNPKKESVFEYDLIKDKRFTEDKFFF
HCPITINFKSSGANKFNDEINLLLKEKANDVHILSIDRGERHLAYYTLVDGKGNIIKQDTFNIIGNDRMKTNYHDKLAAI
EKDRDSARKDWKKINNIKEMKEGYLSQVVHEIAKLVIEYNAIVVFADLNFGFKRGRFKVEKQVYQKLEKMLIEKLNYLVF
KDNEFDKTGGVLRAYQLTAPFETFKKMGKQTGIIYYVPAGFTSKICPVTGFVNQLYPKYESVSKSQEFFSKFDKICYNLD
KGYFEFSFDYKNFGDKAAKGKWTIASFGSRLINFRNSDKNHNWDTREVYPTKELEKLLKDYSIEYGHGECIKAAICGESD
KKFFAKLTSVLNTILQMRNSKTGTELDYLISPVADVNGNFFDSRQAPKNMPQDADANGAYHIGLKGLMLLGRIKNNQEGK
KLNLVIKNEEYFEFVQNRNN
;
A
#
# COMPACT_ATOMS: atom_id res chain seq x y z
N MET D 1 -36.31 -12.16 10.61
CA MET D 1 -36.42 -11.81 9.19
C MET D 1 -35.77 -10.45 8.85
N SER D 2 -34.95 -10.50 7.81
CA SER D 2 -34.08 -9.41 7.43
C SER D 2 -34.82 -8.23 6.81
N ILE D 3 -34.40 -7.01 7.18
CA ILE D 3 -34.81 -5.87 6.38
C ILE D 3 -34.19 -5.87 4.99
N TYR D 4 -33.25 -6.78 4.71
CA TYR D 4 -32.45 -6.73 3.49
C TYR D 4 -32.89 -7.70 2.39
N GLN D 5 -34.08 -8.29 2.50
CA GLN D 5 -34.46 -9.40 1.61
C GLN D 5 -34.54 -8.96 0.14
N GLU D 6 -34.71 -7.68 -0.11
CA GLU D 6 -34.81 -7.17 -1.47
C GLU D 6 -33.44 -6.86 -2.09
N PHE D 7 -32.41 -6.68 -1.27
CA PHE D 7 -31.09 -6.30 -1.80
C PHE D 7 -30.38 -7.56 -2.26
N VAL D 8 -30.86 -8.04 -3.40
CA VAL D 8 -30.51 -9.31 -4.03
C VAL D 8 -30.55 -9.04 -5.52
N ASN D 9 -29.63 -9.65 -6.27
CA ASN D 9 -29.63 -9.55 -7.75
C ASN D 9 -29.66 -8.09 -8.19
N LYS D 10 -28.79 -7.28 -7.58
CA LYS D 10 -28.74 -5.83 -7.80
C LYS D 10 -27.77 -5.43 -8.90
N TYR D 11 -26.60 -6.05 -8.98
CA TYR D 11 -25.63 -5.66 -9.98
C TYR D 11 -24.70 -6.84 -10.24
N SER D 12 -24.12 -6.84 -11.42
CA SER D 12 -23.27 -7.94 -11.85
C SER D 12 -21.82 -7.70 -11.42
N LEU D 13 -21.07 -8.80 -11.35
CA LEU D 13 -19.65 -8.66 -11.10
C LEU D 13 -18.87 -9.81 -11.73
N SER D 14 -17.57 -9.56 -11.88
CA SER D 14 -16.63 -10.49 -12.50
C SER D 14 -15.82 -11.19 -11.42
N LYS D 15 -15.61 -12.50 -11.60
CA LYS D 15 -14.74 -13.26 -10.72
C LYS D 15 -14.00 -14.30 -11.53
N THR D 16 -13.00 -14.91 -10.90
CA THR D 16 -12.23 -16.00 -11.46
C THR D 16 -12.30 -17.16 -10.48
N LEU D 17 -12.58 -18.36 -10.97
CA LEU D 17 -12.44 -19.57 -10.17
C LEU D 17 -11.19 -20.32 -10.63
N ARG D 18 -10.45 -20.90 -9.68
CA ARG D 18 -9.21 -21.62 -9.98
C ARG D 18 -9.37 -23.08 -9.55
N PHE D 19 -8.77 -23.98 -10.33
CA PHE D 19 -8.89 -25.42 -10.11
C PHE D 19 -7.57 -26.08 -10.47
N GLU D 20 -7.32 -27.25 -9.90
CA GLU D 20 -6.29 -28.10 -10.47
C GLU D 20 -6.85 -28.84 -11.69
N LEU D 21 -5.96 -29.20 -12.61
CA LEU D 21 -6.31 -30.02 -13.77
C LEU D 21 -5.58 -31.35 -13.60
N ILE D 22 -6.32 -32.45 -13.65
CA ILE D 22 -5.76 -33.79 -13.48
C ILE D 22 -5.78 -34.48 -14.85
N PRO D 23 -4.63 -34.68 -15.47
CA PRO D 23 -4.61 -35.37 -16.77
C PRO D 23 -5.16 -36.79 -16.65
N GLN D 24 -5.88 -37.23 -17.69
CA GLN D 24 -6.64 -38.48 -17.69
C GLN D 24 -6.05 -39.47 -18.67
N GLY D 25 -5.97 -40.74 -18.28
CA GLY D 25 -5.53 -41.74 -19.25
C GLY D 25 -4.14 -41.41 -19.77
N LYS D 26 -3.99 -41.42 -21.08
CA LYS D 26 -2.69 -41.22 -21.72
C LYS D 26 -2.34 -39.76 -22.02
N THR D 27 -3.11 -38.77 -21.52
CA THR D 27 -2.82 -37.39 -21.95
C THR D 27 -1.47 -36.93 -21.42
N LEU D 28 -1.08 -37.32 -20.20
CA LEU D 28 0.23 -36.87 -19.69
C LEU D 28 1.38 -37.45 -20.52
N GLU D 29 1.35 -38.75 -20.82
CA GLU D 29 2.40 -39.33 -21.66
C GLU D 29 2.44 -38.68 -23.04
N ASN D 30 1.26 -38.36 -23.61
CA ASN D 30 1.22 -37.74 -24.92
C ASN D 30 1.78 -36.32 -24.87
N ILE D 31 1.45 -35.59 -23.80
CA ILE D 31 1.99 -34.25 -23.63
C ILE D 31 3.52 -34.30 -23.59
N LYS D 32 4.07 -35.23 -22.80
CA LYS D 32 5.52 -35.32 -22.65
C LYS D 32 6.19 -35.75 -23.95
N ALA D 33 5.58 -36.69 -24.68
CA ALA D 33 6.20 -37.21 -25.90
C ALA D 33 6.39 -36.12 -26.95
N ARG D 34 5.58 -35.07 -26.92
CA ARG D 34 5.76 -33.97 -27.86
C ARG D 34 6.45 -32.76 -27.24
N GLY D 35 6.93 -32.88 -25.99
CA GLY D 35 7.67 -31.80 -25.35
C GLY D 35 6.91 -30.51 -25.17
N LEU D 36 5.59 -30.58 -24.98
CA LEU D 36 4.76 -29.36 -24.96
C LEU D 36 5.02 -28.50 -23.73
N ILE D 37 5.32 -29.10 -22.58
CA ILE D 37 5.52 -28.32 -21.36
C ILE D 37 6.86 -27.60 -21.40
N LEU D 38 7.93 -28.29 -21.81
CA LEU D 38 9.23 -27.63 -21.92
C LEU D 38 9.21 -26.51 -22.95
N ASP D 39 8.48 -26.70 -24.06
CA ASP D 39 8.38 -25.65 -25.05
C ASP D 39 7.62 -24.43 -24.51
N ASP D 40 6.56 -24.65 -23.73
CA ASP D 40 5.85 -23.51 -23.15
C ASP D 40 6.65 -22.83 -22.04
N GLU D 41 7.46 -23.60 -21.30
CA GLU D 41 8.38 -23.00 -20.34
C GLU D 41 9.33 -22.02 -21.04
N LYS D 42 9.91 -22.44 -22.17
CA LYS D 42 10.78 -21.56 -22.94
C LYS D 42 10.01 -20.39 -23.55
N ARG D 43 8.80 -20.64 -24.09
CA ARG D 43 8.03 -19.53 -24.65
C ARG D 43 7.74 -18.46 -23.61
N ALA D 44 7.50 -18.85 -22.35
CA ALA D 44 7.25 -17.83 -21.34
C ALA D 44 8.49 -16.97 -21.12
N LYS D 45 9.67 -17.57 -21.12
CA LYS D 45 10.88 -16.76 -21.03
C LYS D 45 11.06 -15.88 -22.25
N ASP D 46 10.85 -16.44 -23.45
CA ASP D 46 10.98 -15.65 -24.68
C ASP D 46 9.97 -14.50 -24.72
N TYR D 47 8.76 -14.75 -24.20
CA TYR D 47 7.71 -13.73 -24.26
C TYR D 47 8.04 -12.56 -23.34
N LYS D 48 8.59 -12.85 -22.14
CA LYS D 48 9.06 -11.78 -21.26
C LYS D 48 10.12 -10.93 -21.96
N LYS D 49 11.06 -11.60 -22.64
CA LYS D 49 12.11 -10.88 -23.34
C LYS D 49 11.55 -10.03 -24.48
N ALA D 50 10.66 -10.61 -25.29
CA ALA D 50 10.08 -9.82 -26.37
C ALA D 50 9.43 -8.56 -25.81
N LYS D 51 8.79 -8.67 -24.64
CA LYS D 51 8.14 -7.49 -24.08
C LYS D 51 9.16 -6.49 -23.56
N GLN D 52 10.29 -6.97 -23.02
CA GLN D 52 11.36 -6.05 -22.66
C GLN D 52 11.91 -5.36 -23.91
N ILE D 53 11.96 -6.08 -25.03
CA ILE D 53 12.51 -5.50 -26.25
C ILE D 53 11.57 -4.43 -26.79
N ILE D 54 10.26 -4.71 -26.80
CA ILE D 54 9.28 -3.72 -27.25
C ILE D 54 9.30 -2.48 -26.37
N ASP D 55 9.61 -2.64 -25.07
CA ASP D 55 9.56 -1.49 -24.16
C ASP D 55 10.73 -0.54 -24.36
N LYS D 56 11.89 -1.07 -24.77
CA LYS D 56 12.99 -0.19 -25.17
C LYS D 56 12.51 0.75 -26.28
N TYR D 57 11.77 0.20 -27.26
CA TYR D 57 11.21 1.01 -28.33
C TYR D 57 10.21 2.05 -27.80
N HIS D 58 9.35 1.65 -26.86
CA HIS D 58 8.43 2.63 -26.25
C HIS D 58 9.21 3.71 -25.51
N GLN D 59 10.32 3.33 -24.88
CA GLN D 59 11.14 4.30 -24.14
C GLN D 59 11.69 5.35 -25.09
N PHE D 60 12.26 4.89 -26.21
CA PHE D 60 12.68 5.77 -27.30
C PHE D 60 11.53 6.64 -27.81
N PHE D 61 10.38 6.02 -28.08
CA PHE D 61 9.24 6.77 -28.63
C PHE D 61 8.77 7.86 -27.68
N ILE D 62 8.71 7.56 -26.38
CA ILE D 62 8.27 8.57 -25.41
C ILE D 62 9.24 9.76 -25.39
N GLU D 63 10.54 9.50 -25.39
CA GLU D 63 11.50 10.60 -25.39
C GLU D 63 11.35 11.46 -26.64
N GLU D 64 11.20 10.81 -27.80
CA GLU D 64 11.04 11.53 -29.06
C GLU D 64 9.77 12.39 -29.06
N ILE D 65 8.70 11.89 -28.48
CA ILE D 65 7.47 12.68 -28.41
C ILE D 65 7.63 13.84 -27.43
N LEU D 66 8.17 13.59 -26.25
CA LEU D 66 8.22 14.65 -25.24
C LEU D 66 9.23 15.74 -25.60
N SER D 67 10.27 15.41 -26.37
CA SER D 67 11.16 16.45 -26.88
C SER D 67 10.44 17.40 -27.83
N SER D 68 9.42 16.92 -28.55
CA SER D 68 8.63 17.75 -29.45
C SER D 68 7.55 18.57 -28.74
N VAL D 69 7.15 18.18 -27.54
CA VAL D 69 5.98 18.80 -26.90
C VAL D 69 6.36 20.18 -26.36
N CYS D 70 5.52 21.17 -26.65
CA CYS D 70 5.63 22.50 -26.07
C CYS D 70 4.24 22.95 -25.67
N ILE D 71 3.99 23.08 -24.36
CA ILE D 71 2.70 23.55 -23.86
C ILE D 71 2.79 25.07 -23.69
N SER D 72 1.81 25.79 -24.22
CA SER D 72 1.85 27.25 -24.23
C SER D 72 1.72 27.83 -22.83
N GLU D 73 2.50 28.90 -22.57
CA GLU D 73 2.39 29.60 -21.29
C GLU D 73 0.95 29.96 -20.99
N ASP D 74 0.18 30.32 -22.03
CA ASP D 74 -1.19 30.76 -21.84
C ASP D 74 -2.05 29.65 -21.26
N LEU D 75 -1.92 28.44 -21.80
CA LEU D 75 -2.66 27.28 -21.29
C LEU D 75 -2.24 26.91 -19.88
N LEU D 76 -0.95 26.96 -19.58
CA LEU D 76 -0.48 26.70 -18.22
C LEU D 76 -1.01 27.74 -17.25
N GLN D 77 -0.89 29.02 -17.60
CA GLN D 77 -1.36 30.08 -16.72
C GLN D 77 -2.87 29.96 -16.47
N ASN D 78 -3.65 29.65 -17.51
CA ASN D 78 -5.07 29.42 -17.30
C ASN D 78 -5.30 28.26 -16.33
N TYR D 79 -4.53 27.18 -16.49
CA TYR D 79 -4.59 26.08 -15.52
C TYR D 79 -4.24 26.58 -14.12
N SER D 80 -3.09 27.25 -13.97
CA SER D 80 -2.67 27.72 -12.66
C SER D 80 -3.75 28.53 -11.97
N ASP D 81 -4.33 29.50 -12.68
CA ASP D 81 -5.23 30.46 -12.05
C ASP D 81 -6.48 29.79 -11.49
N VAL D 82 -7.12 28.91 -12.26
CA VAL D 82 -8.33 28.25 -11.74
C VAL D 82 -7.97 27.13 -10.77
N TYR D 83 -6.77 26.58 -10.90
CA TYR D 83 -6.32 25.61 -9.89
C TYR D 83 -6.32 26.23 -8.49
N PHE D 84 -5.72 27.41 -8.36
CA PHE D 84 -5.67 28.09 -7.06
C PHE D 84 -6.98 28.76 -6.68
N LYS D 85 -7.92 28.91 -7.63
CA LYS D 85 -9.23 29.44 -7.28
C LYS D 85 -10.23 28.35 -6.91
N LEU D 86 -9.93 27.08 -7.18
CA LEU D 86 -10.73 25.99 -6.62
C LEU D 86 -10.24 25.56 -5.25
N LYS D 87 -8.98 25.85 -4.90
CA LYS D 87 -8.71 26.26 -3.54
C LYS D 87 -9.58 27.47 -3.22
N LYS D 88 -9.90 27.66 -1.94
CA LYS D 88 -10.48 28.94 -1.51
C LYS D 88 -11.91 29.13 -2.00
N SER D 89 -12.48 28.14 -2.71
CA SER D 89 -13.75 28.30 -3.41
C SER D 89 -14.16 27.01 -4.13
N ASP D 90 -15.46 26.72 -4.24
CA ASP D 90 -15.88 25.46 -4.87
C ASP D 90 -17.12 25.67 -5.72
N ASP D 91 -17.20 26.84 -6.31
CA ASP D 91 -18.27 27.19 -7.23
C ASP D 91 -18.19 26.33 -8.49
N ASP D 92 -19.37 25.89 -8.98
CA ASP D 92 -19.45 24.94 -10.09
C ASP D 92 -19.04 25.56 -11.42
N ASN D 93 -19.23 26.87 -11.56
CA ASN D 93 -18.54 27.66 -12.57
C ASN D 93 -17.09 27.18 -12.73
N LEU D 94 -16.31 27.14 -11.64
CA LEU D 94 -14.88 26.82 -11.75
C LEU D 94 -14.64 25.35 -12.07
N GLN D 95 -15.44 24.45 -11.49
CA GLN D 95 -15.18 23.02 -11.62
C GLN D 95 -15.14 22.55 -13.07
N LYS D 96 -15.95 23.16 -13.95
CA LYS D 96 -15.82 22.84 -15.37
C LYS D 96 -14.96 23.88 -16.10
N ASP D 97 -14.75 25.06 -15.51
CA ASP D 97 -13.62 25.89 -15.93
C ASP D 97 -12.31 25.12 -15.83
N PHE D 98 -12.14 24.38 -14.71
CA PHE D 98 -10.94 23.59 -14.51
C PHE D 98 -10.89 22.40 -15.46
N LYS D 99 -11.99 21.66 -15.57
CA LYS D 99 -11.98 20.51 -16.48
C LYS D 99 -11.70 20.95 -17.91
N SER D 100 -12.17 22.14 -18.31
CA SER D 100 -11.86 22.62 -19.64
C SER D 100 -10.39 22.94 -19.80
N ALA D 101 -9.81 23.63 -18.81
CA ALA D 101 -8.39 23.98 -18.88
C ALA D 101 -7.53 22.72 -18.94
N LYS D 102 -7.72 21.84 -17.97
CA LYS D 102 -7.04 20.55 -17.95
C LYS D 102 -7.15 19.84 -19.29
N ASP D 103 -8.36 19.75 -19.84
CA ASP D 103 -8.58 18.95 -21.04
C ASP D 103 -7.98 19.60 -22.29
N THR D 104 -7.82 20.93 -22.29
CA THR D 104 -7.14 21.55 -23.42
C THR D 104 -5.68 21.11 -23.49
N ILE D 105 -5.00 21.04 -22.34
CA ILE D 105 -3.61 20.60 -22.35
C ILE D 105 -3.50 19.12 -22.71
N LYS D 106 -4.44 18.31 -22.23
CA LYS D 106 -4.41 16.88 -22.56
C LYS D 106 -4.59 16.66 -24.05
N LYS D 107 -5.53 17.39 -24.68
CA LYS D 107 -5.73 17.23 -26.11
C LYS D 107 -4.49 17.65 -26.88
N GLN D 108 -3.84 18.73 -26.44
CA GLN D 108 -2.64 19.18 -27.13
C GLN D 108 -1.54 18.11 -27.12
N ILE D 109 -1.24 17.56 -25.93
CA ILE D 109 -0.23 16.50 -25.85
C ILE D 109 -0.67 15.28 -26.65
N SER D 110 -1.97 14.97 -26.62
CA SER D 110 -2.49 13.83 -27.38
C SER D 110 -2.23 13.99 -28.87
N GLU D 111 -2.52 15.16 -29.43
CA GLU D 111 -2.28 15.40 -30.86
C GLU D 111 -0.81 15.21 -31.21
N TYR D 112 0.09 15.68 -30.35
CA TYR D 112 1.51 15.49 -30.62
C TYR D 112 1.86 14.02 -30.77
N ILE D 113 1.33 13.14 -29.90
CA ILE D 113 1.75 11.76 -30.05
C ILE D 113 0.98 11.07 -31.18
N LYS D 114 -0.27 11.45 -31.45
CA LYS D 114 -0.95 10.91 -32.64
C LYS D 114 -0.36 11.45 -33.94
N ASP D 115 0.62 12.38 -33.88
CA ASP D 115 1.27 12.95 -35.06
C ASP D 115 2.45 12.14 -35.55
N SER D 116 3.15 11.47 -34.64
CA SER D 116 4.34 10.73 -35.04
C SER D 116 3.95 9.59 -35.97
N GLU D 117 4.87 9.28 -36.88
CA GLU D 117 4.68 8.14 -37.76
C GLU D 117 4.75 6.82 -37.02
N LYS D 118 5.50 6.78 -35.91
CA LYS D 118 5.67 5.55 -35.17
C LYS D 118 4.40 5.11 -34.46
N PHE D 119 3.44 6.01 -34.25
CA PHE D 119 2.27 5.68 -33.45
C PHE D 119 1.36 4.66 -34.14
N LYS D 120 1.13 4.83 -35.45
CA LYS D 120 0.09 4.05 -36.12
C LYS D 120 0.37 2.57 -36.08
N ASN D 121 1.63 2.17 -35.98
CA ASN D 121 1.99 0.76 -35.95
C ASN D 121 2.50 0.31 -34.59
N LEU D 122 2.31 1.10 -33.54
CA LEU D 122 2.82 0.70 -32.24
C LEU D 122 2.10 -0.53 -31.69
N PHE D 123 0.84 -0.76 -32.10
CA PHE D 123 0.03 -1.79 -31.46
C PHE D 123 -0.49 -2.84 -32.43
N ASN D 124 0.08 -2.97 -33.62
CA ASN D 124 -0.51 -3.88 -34.58
C ASN D 124 0.57 -4.81 -35.11
N GLN D 125 0.18 -5.71 -36.01
CA GLN D 125 1.11 -6.70 -36.52
C GLN D 125 2.29 -6.08 -37.27
N ASN D 126 2.22 -4.81 -37.67
CA ASN D 126 3.35 -4.22 -38.35
C ASN D 126 4.54 -4.01 -37.42
N LEU D 127 4.30 -3.99 -36.10
CA LEU D 127 5.38 -3.82 -35.15
C LEU D 127 6.46 -4.89 -35.32
N ILE D 128 6.07 -6.17 -35.34
CA ILE D 128 7.05 -7.25 -35.36
C ILE D 128 6.93 -8.17 -36.55
N ASP D 129 5.84 -8.11 -37.32
CA ASP D 129 5.64 -9.10 -38.40
C ASP D 129 4.89 -8.43 -39.56
N ALA D 130 5.53 -7.44 -40.15
CA ALA D 130 4.89 -6.66 -41.20
C ALA D 130 4.70 -7.48 -42.48
N LYS D 131 3.57 -7.25 -43.13
CA LYS D 131 3.31 -7.60 -44.53
C LYS D 131 3.28 -6.27 -45.30
N LYS D 132 3.39 -6.31 -46.63
CA LYS D 132 3.65 -7.48 -47.46
C LYS D 132 4.99 -7.12 -48.16
N GLY D 133 6.04 -7.86 -47.79
CA GLY D 133 7.40 -7.47 -48.12
C GLY D 133 7.88 -6.19 -47.47
N GLN D 134 7.10 -5.59 -46.58
CA GLN D 134 7.52 -4.44 -45.81
C GLN D 134 8.34 -4.86 -44.59
N GLU D 135 9.12 -3.92 -44.08
CA GLU D 135 9.88 -4.20 -42.87
C GLU D 135 9.08 -3.81 -41.63
N SER D 136 9.30 -4.53 -40.54
CA SER D 136 8.59 -4.27 -39.29
C SER D 136 9.22 -3.12 -38.55
N ASP D 137 8.39 -2.23 -38.01
CA ASP D 137 8.89 -1.04 -37.33
C ASP D 137 9.92 -1.40 -36.25
N LEU D 138 9.64 -2.43 -35.45
CA LEU D 138 10.56 -2.77 -34.37
C LEU D 138 11.87 -3.34 -34.90
N ILE D 139 11.79 -4.14 -35.98
CA ILE D 139 13.01 -4.70 -36.58
C ILE D 139 13.88 -3.59 -37.16
N LEU D 140 13.25 -2.61 -37.81
CA LEU D 140 13.99 -1.47 -38.37
C LEU D 140 14.73 -0.70 -37.28
N TRP D 141 14.02 -0.31 -36.22
CA TRP D 141 14.64 0.46 -35.16
C TRP D 141 15.77 -0.33 -34.51
N LEU D 142 15.62 -1.64 -34.39
CA LEU D 142 16.68 -2.46 -33.81
C LEU D 142 17.91 -2.46 -34.70
N LYS D 143 17.71 -2.49 -36.01
CA LYS D 143 18.82 -2.42 -36.94
C LYS D 143 19.48 -1.04 -36.94
N GLN D 144 18.68 0.04 -36.97
CA GLN D 144 19.25 1.38 -36.90
C GLN D 144 20.09 1.58 -35.64
N SER D 145 19.59 1.10 -34.48
CA SER D 145 20.37 1.21 -33.25
C SER D 145 21.65 0.39 -33.32
N LYS D 146 21.62 -0.73 -34.01
CA LYS D 146 22.83 -1.53 -34.17
C LYS D 146 23.83 -0.84 -35.09
N ASP D 147 23.35 -0.03 -36.04
CA ASP D 147 24.25 0.73 -36.89
C ASP D 147 24.86 1.92 -36.16
N ASN D 148 24.12 2.51 -35.22
CA ASN D 148 24.61 3.59 -34.37
C ASN D 148 25.34 3.11 -33.13
N GLY D 149 25.72 1.83 -33.09
CA GLY D 149 26.51 1.30 -31.99
C GLY D 149 25.86 1.37 -30.62
N ILE D 150 24.58 1.71 -30.56
CA ILE D 150 23.88 1.81 -29.28
C ILE D 150 23.66 0.41 -28.70
N GLU D 151 24.08 0.22 -27.45
CA GLU D 151 23.95 -1.07 -26.78
C GLU D 151 22.72 -1.02 -25.87
N LEU D 152 21.57 -1.42 -26.41
CA LEU D 152 20.33 -1.35 -25.65
C LEU D 152 20.32 -2.32 -24.47
N PHE D 153 21.03 -3.47 -24.57
CA PHE D 153 20.83 -4.58 -23.64
C PHE D 153 22.08 -4.97 -22.87
N LYS D 154 23.00 -4.02 -22.65
CA LYS D 154 24.04 -4.23 -21.64
C LYS D 154 23.49 -4.10 -20.23
N ALA D 155 22.26 -3.62 -20.08
CA ALA D 155 21.66 -3.38 -18.77
C ALA D 155 20.84 -4.55 -18.24
N ASN D 156 20.52 -5.57 -19.05
CA ASN D 156 19.83 -6.72 -18.49
C ASN D 156 20.48 -8.02 -18.94
N SER D 157 20.67 -8.91 -17.97
CA SER D 157 21.43 -10.14 -18.15
C SER D 157 20.76 -11.15 -19.06
N ASP D 158 19.48 -10.98 -19.36
CA ASP D 158 18.76 -11.98 -20.13
C ASP D 158 19.06 -11.91 -21.62
N ILE D 159 19.46 -10.74 -22.12
CA ILE D 159 19.61 -10.50 -23.55
C ILE D 159 21.03 -10.06 -23.83
N THR D 160 21.73 -10.83 -24.67
CA THR D 160 23.13 -10.57 -24.97
C THR D 160 23.29 -9.23 -25.68
N ASP D 161 22.69 -9.11 -26.86
CA ASP D 161 22.94 -7.99 -27.76
C ASP D 161 21.72 -7.80 -28.66
N ILE D 162 21.85 -6.92 -29.66
CA ILE D 162 20.76 -6.63 -30.57
C ILE D 162 20.43 -7.83 -31.44
N ASP D 163 21.43 -8.66 -31.75
CA ASP D 163 21.16 -9.80 -32.64
C ASP D 163 20.36 -10.89 -31.94
N GLU D 164 20.56 -11.10 -30.64
CA GLU D 164 19.69 -12.02 -29.92
C GLU D 164 18.28 -11.46 -29.81
N ALA D 165 18.15 -10.16 -29.55
CA ALA D 165 16.84 -9.52 -29.55
C ALA D 165 16.13 -9.73 -30.88
N LEU D 166 16.85 -9.58 -32.00
CA LEU D 166 16.19 -9.73 -33.29
C LEU D 166 15.71 -11.15 -33.49
N GLU D 167 16.54 -12.14 -33.11
CA GLU D 167 16.11 -13.53 -33.15
C GLU D 167 14.81 -13.73 -32.36
N ILE D 168 14.78 -13.19 -31.13
CA ILE D 168 13.61 -13.33 -30.27
C ILE D 168 12.37 -12.71 -30.91
N ILE D 169 12.50 -11.50 -31.45
CA ILE D 169 11.36 -10.87 -32.09
C ILE D 169 10.86 -11.73 -33.25
N LYS D 170 11.78 -12.23 -34.09
CA LYS D 170 11.34 -12.97 -35.27
C LYS D 170 10.69 -14.31 -34.93
N SER D 171 11.06 -14.92 -33.80
CA SER D 171 10.47 -16.19 -33.37
C SER D 171 8.96 -16.07 -33.07
N PHE D 172 8.41 -14.88 -33.02
CA PHE D 172 6.99 -14.71 -32.76
C PHE D 172 6.19 -14.40 -34.03
N LYS D 173 6.70 -14.83 -35.19
CA LYS D 173 6.14 -14.40 -36.48
C LYS D 173 4.63 -14.62 -36.55
N GLY D 174 4.17 -15.83 -36.33
CA GLY D 174 2.73 -15.91 -36.57
C GLY D 174 1.90 -15.61 -35.36
N TRP D 175 2.42 -14.80 -34.42
CA TRP D 175 1.90 -14.78 -33.07
C TRP D 175 1.58 -13.37 -32.60
N THR D 176 1.22 -12.47 -33.51
CA THR D 176 0.95 -11.09 -33.09
C THR D 176 -0.23 -11.03 -32.12
N THR D 177 -1.29 -11.81 -32.33
CA THR D 177 -2.45 -11.57 -31.46
C THR D 177 -2.21 -12.11 -30.04
N TYR D 178 -1.19 -12.93 -29.83
CA TYR D 178 -0.75 -13.29 -28.47
C TYR D 178 -0.39 -12.07 -27.64
N PHE D 179 0.05 -11.00 -28.29
CA PHE D 179 0.44 -9.76 -27.63
C PHE D 179 -0.72 -8.84 -27.30
N LYS D 180 -1.96 -9.26 -27.52
CA LYS D 180 -3.05 -8.28 -27.52
C LYS D 180 -3.25 -7.67 -26.14
N GLY D 181 -3.11 -8.45 -25.08
CA GLY D 181 -3.27 -7.89 -23.74
C GLY D 181 -2.15 -6.91 -23.43
N PHE D 182 -0.92 -7.29 -23.75
CA PHE D 182 0.21 -6.39 -23.55
C PHE D 182 0.04 -5.09 -24.34
N HIS D 183 -0.47 -5.17 -25.58
CA HIS D 183 -0.69 -3.93 -26.34
C HIS D 183 -1.73 -3.05 -25.67
N GLU D 184 -2.75 -3.64 -25.06
CA GLU D 184 -3.69 -2.82 -24.31
C GLU D 184 -3.03 -2.18 -23.09
N ASN D 185 -2.11 -2.90 -22.42
CA ASN D 185 -1.35 -2.26 -21.35
C ASN D 185 -0.53 -1.08 -21.86
N ARG D 186 -0.02 -1.16 -23.08
CA ARG D 186 0.77 -0.06 -23.65
C ARG D 186 -0.13 1.07 -24.18
N LYS D 187 -1.31 0.76 -24.75
CA LYS D 187 -2.23 1.85 -25.09
C LYS D 187 -2.58 2.68 -23.86
N ASN D 188 -2.70 2.02 -22.69
CA ASN D 188 -2.95 2.75 -21.46
C ASN D 188 -1.85 3.77 -21.16
N VAL D 189 -0.62 3.54 -21.62
CA VAL D 189 0.48 4.47 -21.39
C VAL D 189 0.27 5.80 -22.12
N TYR D 190 -0.51 5.82 -23.22
CA TYR D 190 -0.69 7.02 -24.03
C TYR D 190 -2.09 7.61 -23.98
N SER D 191 -3.02 7.00 -23.25
CA SER D 191 -4.41 7.42 -23.33
C SER D 191 -4.60 8.88 -22.89
N SER D 192 -5.52 9.58 -23.55
CA SER D 192 -6.01 10.85 -23.03
C SER D 192 -7.12 10.69 -22.00
N ASN D 193 -7.64 9.48 -21.81
CA ASN D 193 -8.63 9.25 -20.76
C ASN D 193 -8.03 9.56 -19.40
N ASP D 194 -8.90 9.67 -18.41
CA ASP D 194 -8.46 10.11 -17.09
C ASP D 194 -7.95 8.94 -16.25
N ILE D 195 -6.93 8.26 -16.78
CA ILE D 195 -6.40 7.06 -16.13
C ILE D 195 -4.93 7.27 -15.75
N PRO D 196 -4.52 6.80 -14.57
CA PRO D 196 -3.19 7.12 -14.04
C PRO D 196 -2.03 6.35 -14.65
N THR D 197 -2.25 5.50 -15.64
CA THR D 197 -1.18 4.79 -16.33
C THR D 197 -0.51 5.61 -17.42
N SER D 198 -1.10 6.73 -17.81
CA SER D 198 -0.69 7.47 -19.00
C SER D 198 0.36 8.54 -18.70
N ILE D 199 1.29 8.74 -19.66
CA ILE D 199 2.21 9.86 -19.55
C ILE D 199 1.48 11.20 -19.54
N ILE D 200 0.29 11.25 -20.14
CA ILE D 200 -0.46 12.49 -20.19
C ILE D 200 -1.04 12.81 -18.81
N TYR D 201 -1.62 11.79 -18.16
CA TYR D 201 -1.99 11.91 -16.76
C TYR D 201 -0.78 12.21 -15.88
N ARG D 202 0.31 11.49 -16.10
CA ARG D 202 1.51 11.71 -15.29
C ARG D 202 1.96 13.17 -15.37
N ILE D 203 1.85 13.77 -16.55
CA ILE D 203 2.28 15.17 -16.76
C ILE D 203 1.27 16.15 -16.18
N VAL D 204 -0.01 16.00 -16.54
CA VAL D 204 -1.03 17.03 -16.27
C VAL D 204 -1.78 16.79 -14.95
N ASP D 205 -2.04 15.55 -14.57
CA ASP D 205 -2.78 15.33 -13.31
C ASP D 205 -1.86 15.21 -12.10
N ASP D 206 -0.65 14.68 -12.26
CA ASP D 206 0.27 14.49 -11.15
C ASP D 206 1.29 15.62 -11.05
N ASN D 207 2.12 15.77 -12.07
CA ASN D 207 3.34 16.56 -11.95
C ASN D 207 3.07 18.06 -12.09
N LEU D 208 2.12 18.46 -12.95
CA LEU D 208 1.83 19.89 -13.06
C LEU D 208 1.34 20.47 -11.74
N PRO D 209 0.35 19.88 -11.06
CA PRO D 209 -0.04 20.45 -9.76
C PRO D 209 1.10 20.45 -8.76
N LYS D 210 1.92 19.40 -8.72
CA LYS D 210 3.04 19.39 -7.79
C LYS D 210 4.02 20.53 -8.09
N PHE D 211 4.33 20.75 -9.37
CA PHE D 211 5.17 21.88 -9.76
C PHE D 211 4.56 23.21 -9.32
N LEU D 212 3.26 23.40 -9.53
CA LEU D 212 2.64 24.69 -9.22
C LEU D 212 2.61 24.93 -7.71
N GLU D 213 2.21 23.92 -6.94
CA GLU D 213 2.32 23.98 -5.49
C GLU D 213 3.75 24.28 -5.06
N ASN D 214 4.74 23.78 -5.82
CA ASN D 214 6.13 24.08 -5.51
C ASN D 214 6.47 25.53 -5.86
N LYS D 215 5.89 26.06 -6.94
CA LYS D 215 6.10 27.47 -7.26
C LYS D 215 5.54 28.37 -6.15
N ALA D 216 4.35 28.04 -5.64
CA ALA D 216 3.74 28.82 -4.58
C ALA D 216 4.52 28.68 -3.28
N LYS D 217 5.06 27.50 -3.00
CA LYS D 217 5.92 27.38 -1.83
C LYS D 217 7.21 28.18 -1.99
N TYR D 218 7.73 28.27 -3.22
CA TYR D 218 8.95 29.06 -3.43
C TYR D 218 8.69 30.55 -3.23
N GLU D 219 7.53 31.04 -3.69
CA GLU D 219 7.23 32.46 -3.54
C GLU D 219 6.85 32.80 -2.11
N SER D 220 6.07 31.95 -1.46
CA SER D 220 5.79 32.14 -0.04
C SER D 220 7.10 32.11 0.76
N LEU D 221 8.02 31.25 0.37
CA LEU D 221 9.27 31.11 1.12
C LEU D 221 10.13 32.36 1.02
N LYS D 222 10.27 32.91 -0.19
CA LYS D 222 11.10 34.10 -0.35
C LYS D 222 10.55 35.27 0.45
N ASP D 223 9.23 35.35 0.62
CA ASP D 223 8.64 36.43 1.40
C ASP D 223 8.91 36.25 2.90
N LYS D 224 8.79 35.03 3.42
CA LYS D 224 8.79 34.80 4.86
C LYS D 224 10.09 34.24 5.41
N ALA D 225 10.93 33.61 4.58
CA ALA D 225 12.27 33.17 5.02
C ALA D 225 13.33 33.41 3.94
N PRO D 226 13.52 34.69 3.52
CA PRO D 226 14.46 35.01 2.42
C PRO D 226 15.87 34.42 2.49
N GLU D 227 16.53 34.42 3.65
CA GLU D 227 17.91 33.92 3.69
C GLU D 227 17.99 32.42 3.95
N ALA D 228 16.91 31.69 3.73
CA ALA D 228 16.95 30.25 3.99
C ALA D 228 17.86 29.55 2.99
N ILE D 229 17.72 29.85 1.70
CA ILE D 229 18.49 29.18 0.65
C ILE D 229 19.73 30.00 0.31
N ASN D 230 20.89 29.35 0.38
CA ASN D 230 22.14 29.98 -0.06
C ASN D 230 22.20 29.90 -1.58
N TYR D 231 21.76 30.96 -2.25
CA TYR D 231 21.62 30.93 -3.70
C TYR D 231 22.94 30.73 -4.42
N GLU D 232 24.05 31.19 -3.83
CA GLU D 232 25.31 31.05 -4.55
C GLU D 232 25.94 29.68 -4.36
N GLN D 233 25.73 29.05 -3.20
CA GLN D 233 26.18 27.66 -3.03
C GLN D 233 25.45 26.73 -3.99
N ILE D 234 24.12 26.86 -4.07
CA ILE D 234 23.32 25.95 -4.88
C ILE D 234 23.65 26.11 -6.37
N LYS D 235 23.94 27.34 -6.82
CA LYS D 235 24.37 27.55 -8.20
C LYS D 235 25.67 26.81 -8.51
N LYS D 236 26.58 26.78 -7.53
CA LYS D 236 27.84 26.04 -7.68
C LYS D 236 27.64 24.55 -7.42
N ASP D 237 26.85 24.19 -6.41
CA ASP D 237 26.69 22.78 -6.07
C ASP D 237 25.97 22.02 -7.18
N LEU D 238 24.86 22.57 -7.68
CA LEU D 238 23.97 21.86 -8.61
C LEU D 238 23.90 22.56 -9.96
N ALA D 239 25.05 23.02 -10.48
CA ALA D 239 25.06 23.72 -11.76
C ALA D 239 24.63 22.80 -12.90
N GLU D 240 25.09 21.55 -12.87
CA GLU D 240 24.68 20.56 -13.87
C GLU D 240 23.16 20.43 -13.96
N GLU D 241 22.48 20.33 -12.82
CA GLU D 241 21.03 20.16 -12.83
C GLU D 241 20.29 21.47 -13.10
N LEU D 242 20.94 22.62 -12.86
CA LEU D 242 20.38 23.91 -13.24
C LEU D 242 20.64 24.29 -14.69
N THR D 243 21.36 23.47 -15.45
CA THR D 243 21.55 23.74 -16.88
C THR D 243 20.33 23.32 -17.68
N PHE D 244 19.87 24.20 -18.57
CA PHE D 244 18.78 23.88 -19.48
C PHE D 244 19.07 24.50 -20.84
N ASP D 245 18.57 23.87 -21.91
CA ASP D 245 18.83 24.37 -23.25
C ASP D 245 17.87 25.49 -23.67
N ILE D 246 16.65 25.52 -23.15
CA ILE D 246 15.64 26.47 -23.60
C ILE D 246 14.98 27.07 -22.36
N ASP D 247 15.02 28.40 -22.24
CA ASP D 247 14.15 29.12 -21.33
C ASP D 247 12.86 29.38 -22.09
N TYR D 248 11.74 28.85 -21.59
CA TYR D 248 10.51 28.86 -22.36
C TYR D 248 9.71 30.14 -22.20
N LYS D 249 10.01 30.98 -21.22
CA LYS D 249 9.35 32.29 -21.19
C LYS D 249 10.02 33.26 -22.15
N THR D 250 11.34 33.44 -22.05
CA THR D 250 12.04 34.31 -23.01
C THR D 250 12.19 33.65 -24.38
N SER D 251 12.18 32.32 -24.44
CA SER D 251 12.32 31.52 -25.66
C SER D 251 13.72 31.52 -26.23
N GLU D 252 14.71 32.05 -25.50
CA GLU D 252 16.08 31.96 -25.97
C GLU D 252 16.63 30.54 -25.85
N VAL D 253 17.31 30.09 -26.90
CA VAL D 253 17.80 28.72 -26.99
C VAL D 253 19.25 28.63 -26.49
N ASN D 254 19.73 29.66 -25.79
CA ASN D 254 21.06 29.58 -25.20
C ASN D 254 21.08 28.63 -24.00
N GLN D 255 22.11 27.78 -23.95
CA GLN D 255 22.25 26.79 -22.88
C GLN D 255 23.08 27.37 -21.74
N ARG D 256 22.46 27.55 -20.58
CA ARG D 256 23.14 28.22 -19.48
C ARG D 256 22.60 27.73 -18.15
N VAL D 257 23.33 28.05 -17.09
CA VAL D 257 22.87 27.80 -15.73
C VAL D 257 21.71 28.73 -15.42
N PHE D 258 20.56 28.15 -15.11
CA PHE D 258 19.36 28.92 -14.82
C PHE D 258 19.37 29.40 -13.39
N SER D 259 18.66 30.50 -13.17
CA SER D 259 18.44 30.98 -11.83
C SER D 259 17.25 30.24 -11.24
N LEU D 260 17.23 30.16 -9.89
CA LEU D 260 16.11 29.53 -9.21
C LEU D 260 14.79 30.18 -9.60
N ASP D 261 14.78 31.50 -9.77
CA ASP D 261 13.55 32.16 -10.19
C ASP D 261 13.11 31.71 -11.56
N GLU D 262 14.07 31.38 -12.43
CA GLU D 262 13.75 30.93 -13.78
C GLU D 262 13.21 29.51 -13.81
N VAL D 263 13.68 28.65 -12.91
CA VAL D 263 13.15 27.29 -12.90
C VAL D 263 11.71 27.28 -12.43
N PHE D 264 11.30 28.26 -11.62
CA PHE D 264 9.93 28.29 -11.14
C PHE D 264 9.04 29.24 -11.93
N GLU D 265 9.49 29.64 -13.13
CA GLU D 265 8.62 30.34 -14.04
C GLU D 265 7.72 29.32 -14.74
N ILE D 266 6.42 29.64 -14.84
CA ILE D 266 5.45 28.63 -15.26
C ILE D 266 5.77 28.07 -16.64
N ALA D 267 6.40 28.87 -17.51
CA ALA D 267 6.68 28.38 -18.86
C ALA D 267 7.69 27.26 -18.85
N ASN D 268 8.59 27.25 -17.87
CA ASN D 268 9.67 26.28 -17.82
C ASN D 268 9.23 24.93 -17.24
N PHE D 269 7.93 24.75 -17.00
CA PHE D 269 7.40 23.40 -16.80
C PHE D 269 7.70 22.51 -17.99
N ASN D 270 7.81 23.10 -19.19
CA ASN D 270 8.16 22.36 -20.40
C ASN D 270 9.55 21.71 -20.33
N ASN D 271 10.33 22.02 -19.30
CA ASN D 271 11.63 21.37 -19.08
C ASN D 271 11.54 20.19 -18.13
N TYR D 272 10.36 19.86 -17.60
CA TYR D 272 10.20 18.82 -16.60
C TYR D 272 9.16 17.81 -17.05
N LEU D 273 9.14 17.52 -18.35
CA LEU D 273 8.15 16.65 -18.95
C LEU D 273 8.63 15.20 -18.98
N ASN D 274 9.85 15.00 -19.51
CA ASN D 274 10.46 13.68 -19.61
C ASN D 274 11.27 13.39 -18.36
N GLN D 275 11.86 12.18 -18.30
CA GLN D 275 12.51 11.73 -17.07
C GLN D 275 13.77 12.52 -16.75
N SER D 276 14.56 12.90 -17.76
CA SER D 276 15.79 13.66 -17.47
C SER D 276 15.45 15.01 -16.84
N GLY D 277 14.38 15.66 -17.30
CA GLY D 277 13.96 16.91 -16.71
C GLY D 277 13.34 16.74 -15.34
N ILE D 278 12.67 15.61 -15.12
CA ILE D 278 12.15 15.34 -13.78
C ILE D 278 13.30 15.13 -12.81
N THR D 279 14.34 14.43 -13.24
CA THR D 279 15.45 14.16 -12.34
C THR D 279 16.24 15.43 -12.03
N LYS D 280 16.37 16.33 -13.03
CA LYS D 280 17.02 17.61 -12.76
C LYS D 280 16.24 18.39 -11.73
N PHE D 281 14.93 18.52 -11.95
CA PHE D 281 14.11 19.25 -11.00
C PHE D 281 14.17 18.61 -9.62
N ASN D 282 14.13 17.27 -9.56
CA ASN D 282 14.16 16.63 -8.25
C ASN D 282 15.51 16.80 -7.57
N THR D 283 16.59 16.88 -8.35
CA THR D 283 17.90 17.10 -7.74
C THR D 283 18.03 18.52 -7.21
N ILE D 284 17.47 19.50 -7.92
CA ILE D 284 17.45 20.87 -7.40
C ILE D 284 16.82 20.88 -6.01
N ILE D 285 15.77 20.07 -5.82
CA ILE D 285 15.08 20.04 -4.53
C ILE D 285 15.82 19.21 -3.49
N GLY D 286 16.57 18.19 -3.91
CA GLY D 286 17.09 17.21 -2.96
C GLY D 286 18.59 17.03 -2.93
N GLY D 287 19.35 17.78 -3.71
CA GLY D 287 20.80 17.67 -3.68
C GLY D 287 21.31 16.32 -4.18
N LYS D 288 22.61 16.14 -4.03
CA LYS D 288 23.25 14.90 -4.49
C LYS D 288 24.51 14.63 -3.69
N PHE D 289 24.93 13.37 -3.72
CA PHE D 289 26.25 12.97 -3.26
C PHE D 289 27.20 12.97 -4.45
N VAL D 290 28.39 13.52 -4.25
CA VAL D 290 29.44 13.51 -5.27
C VAL D 290 30.60 12.69 -4.75
N ASN D 291 31.11 11.82 -5.61
CA ASN D 291 32.20 10.93 -5.23
C ASN D 291 33.44 11.75 -4.87
N GLY D 292 34.09 11.37 -3.78
CA GLY D 292 35.25 12.07 -3.30
C GLY D 292 34.97 13.13 -2.26
N GLU D 293 33.83 13.81 -2.35
CA GLU D 293 33.43 14.80 -1.35
C GLU D 293 32.77 14.10 -0.18
N ASN D 294 33.19 14.43 1.04
CA ASN D 294 32.54 13.81 2.19
C ASN D 294 31.19 14.47 2.49
N THR D 295 31.11 15.80 2.42
CA THR D 295 29.83 16.46 2.63
C THR D 295 28.92 16.24 1.42
N LYS D 296 27.62 16.14 1.68
CA LYS D 296 26.62 16.01 0.64
C LYS D 296 26.22 17.40 0.16
N ARG D 297 26.20 17.60 -1.16
CA ARG D 297 25.67 18.84 -1.73
C ARG D 297 24.18 18.93 -1.44
N LYS D 298 23.74 20.09 -0.97
CA LYS D 298 22.39 20.25 -0.46
C LYS D 298 21.45 20.81 -1.53
N GLY D 299 20.16 20.52 -1.35
CA GLY D 299 19.11 21.06 -2.18
C GLY D 299 18.16 21.95 -1.38
N ILE D 300 17.19 22.51 -2.11
CA ILE D 300 16.25 23.47 -1.53
C ILE D 300 15.68 22.97 -0.21
N ASN D 301 15.24 21.70 -0.17
CA ASN D 301 14.53 21.21 1.02
C ASN D 301 15.45 21.15 2.24
N GLU D 302 16.72 20.77 2.04
CA GLU D 302 17.69 20.75 3.12
C GLU D 302 17.91 22.16 3.70
N TYR D 303 18.00 23.19 2.85
CA TYR D 303 18.09 24.56 3.36
C TYR D 303 16.84 24.94 4.15
N ILE D 304 15.66 24.56 3.65
CA ILE D 304 14.42 24.87 4.36
C ILE D 304 14.42 24.21 5.73
N ASN D 305 14.80 22.94 5.81
CA ASN D 305 14.83 22.25 7.09
C ASN D 305 15.82 22.89 8.05
N LEU D 306 17.04 23.17 7.57
CA LEU D 306 18.09 23.66 8.46
C LEU D 306 17.77 25.05 8.98
N TYR D 307 17.31 25.94 8.11
CA TYR D 307 16.94 27.27 8.57
C TYR D 307 15.79 27.20 9.57
N SER D 308 14.86 26.26 9.38
CA SER D 308 13.74 26.11 10.29
C SER D 308 14.19 25.60 11.65
N GLN D 309 15.23 24.79 11.71
CA GLN D 309 15.78 24.32 12.97
C GLN D 309 16.77 25.32 13.59
N GLN D 310 17.38 26.19 12.76
CA GLN D 310 18.33 27.17 13.28
C GLN D 310 17.62 28.32 14.00
N ILE D 311 16.44 28.73 13.54
CA ILE D 311 15.65 29.79 14.16
C ILE D 311 14.43 29.24 14.89
N ASN D 312 14.32 27.91 15.00
CA ASN D 312 13.13 27.19 15.42
C ASN D 312 11.81 27.85 15.07
N ASP D 313 11.52 27.89 13.77
CA ASP D 313 10.22 28.30 13.25
C ASP D 313 9.61 27.09 12.54
N LYS D 314 8.76 26.38 13.26
CA LYS D 314 8.07 25.19 12.76
C LYS D 314 7.09 25.46 11.59
N THR D 315 6.78 26.72 11.31
CA THR D 315 5.83 27.02 10.25
C THR D 315 6.43 26.88 8.85
N LEU D 316 7.75 27.02 8.72
CA LEU D 316 8.40 26.84 7.42
C LEU D 316 8.37 25.39 6.94
N LYS D 317 8.03 24.43 7.81
CA LYS D 317 7.97 23.05 7.37
C LYS D 317 6.86 22.85 6.34
N LYS D 318 5.85 23.71 6.35
CA LYS D 318 4.82 23.65 5.32
C LYS D 318 5.35 24.00 3.94
N TYR D 319 6.60 24.47 3.83
CA TYR D 319 7.16 24.88 2.56
C TYR D 319 8.03 23.81 1.91
N LYS D 320 8.20 22.66 2.58
CA LYS D 320 8.92 21.54 1.98
C LYS D 320 8.36 21.25 0.61
N MET D 321 9.25 21.03 -0.35
CA MET D 321 8.79 20.80 -1.71
C MET D 321 8.50 19.33 -1.94
N SER D 322 7.63 19.08 -2.91
CA SER D 322 7.27 17.73 -3.30
C SER D 322 8.06 17.35 -4.55
N VAL D 323 8.68 16.17 -4.50
CA VAL D 323 9.29 15.58 -5.68
C VAL D 323 8.25 15.40 -6.80
N LEU D 324 8.69 15.53 -8.05
CA LEU D 324 7.86 15.15 -9.18
C LEU D 324 7.94 13.64 -9.38
N PHE D 325 6.80 13.03 -9.73
CA PHE D 325 6.74 11.59 -9.96
C PHE D 325 7.47 11.22 -11.25
N LYS D 326 8.01 10.00 -11.30
CA LYS D 326 8.78 9.58 -12.48
C LYS D 326 7.89 9.56 -13.74
N GLN D 327 8.53 9.65 -14.90
CA GLN D 327 7.80 9.43 -16.15
C GLN D 327 7.56 7.93 -16.38
N ILE D 328 6.38 7.62 -16.90
CA ILE D 328 5.93 6.23 -17.06
C ILE D 328 6.84 5.50 -18.04
N LEU D 329 7.32 4.33 -17.65
CA LEU D 329 8.19 3.41 -18.39
C LEU D 329 9.67 3.79 -18.31
N SER D 330 10.03 4.97 -17.82
CA SER D 330 11.42 5.39 -17.87
C SER D 330 12.28 4.53 -16.92
N ASP D 331 13.54 4.37 -17.28
CA ASP D 331 14.53 3.93 -16.30
C ASP D 331 14.99 5.11 -15.44
N THR D 332 15.25 4.82 -14.17
CA THR D 332 15.71 5.85 -13.25
C THR D 332 17.23 5.77 -13.12
N GLU D 333 17.90 6.91 -13.27
CA GLU D 333 19.31 7.06 -12.93
C GLU D 333 19.48 8.31 -12.09
N SER D 334 20.14 8.16 -10.95
CA SER D 334 20.35 9.26 -10.02
C SER D 334 21.50 10.14 -10.47
N LYS D 335 21.51 11.38 -9.96
CA LYS D 335 22.68 12.23 -10.10
C LYS D 335 23.56 12.22 -8.86
N SER D 336 23.38 11.27 -7.94
CA SER D 336 24.36 10.98 -6.91
C SER D 336 25.19 9.78 -7.30
N PHE D 337 26.33 9.63 -6.63
CA PHE D 337 27.30 8.59 -6.97
C PHE D 337 26.65 7.21 -6.94
N VAL D 338 26.98 6.40 -7.94
CA VAL D 338 26.45 5.04 -8.07
C VAL D 338 27.54 4.06 -7.60
N ILE D 339 27.24 3.34 -6.51
CA ILE D 339 28.13 2.30 -6.02
C ILE D 339 28.24 1.17 -7.05
N ASP D 340 29.40 0.52 -7.10
CA ASP D 340 29.53 -0.71 -7.86
C ASP D 340 28.56 -1.74 -7.29
N LYS D 341 28.10 -2.63 -8.15
CA LYS D 341 27.14 -3.66 -7.78
C LYS D 341 27.82 -5.01 -7.96
N LEU D 342 27.90 -5.79 -6.88
CA LEU D 342 28.38 -7.16 -7.02
C LEU D 342 27.33 -7.99 -7.72
N GLU D 343 27.78 -8.97 -8.51
CA GLU D 343 26.86 -9.77 -9.30
C GLU D 343 26.72 -11.22 -8.84
N ASP D 344 27.73 -11.79 -8.20
CA ASP D 344 27.69 -13.20 -7.82
C ASP D 344 28.47 -13.41 -6.52
N ASP D 345 28.55 -14.66 -6.09
CA ASP D 345 29.24 -14.97 -4.83
C ASP D 345 30.74 -14.70 -4.94
N SER D 346 31.33 -14.92 -6.12
CA SER D 346 32.74 -14.65 -6.33
C SER D 346 33.06 -13.20 -6.01
N ASP D 347 32.23 -12.29 -6.52
CA ASP D 347 32.40 -10.87 -6.23
C ASP D 347 32.38 -10.58 -4.73
N VAL D 348 31.72 -11.44 -3.94
CA VAL D 348 31.62 -11.17 -2.51
C VAL D 348 32.92 -11.52 -1.81
N VAL D 349 33.51 -12.68 -2.11
CA VAL D 349 34.71 -13.09 -1.40
C VAL D 349 35.95 -12.39 -1.96
N THR D 350 35.98 -12.12 -3.25
CA THR D 350 37.06 -11.33 -3.82
C THR D 350 37.07 -9.92 -3.25
N THR D 351 35.89 -9.31 -3.12
CA THR D 351 35.84 -7.93 -2.63
C THR D 351 36.20 -7.84 -1.15
N MET D 352 35.92 -8.89 -0.37
CA MET D 352 36.25 -8.86 1.05
C MET D 352 37.70 -9.22 1.32
N GLN D 353 38.22 -10.20 0.58
CA GLN D 353 39.65 -10.49 0.59
C GLN D 353 40.46 -9.23 0.31
N SER D 354 40.12 -8.52 -0.76
CA SER D 354 40.90 -7.36 -1.15
C SER D 354 40.94 -6.32 -0.04
N PHE D 355 39.84 -6.16 0.70
CA PHE D 355 39.82 -5.13 1.73
C PHE D 355 40.63 -5.56 2.95
N TYR D 356 40.42 -6.79 3.42
CA TYR D 356 41.05 -7.23 4.66
C TYR D 356 42.52 -7.57 4.45
N GLU D 357 42.95 -7.83 3.21
CA GLU D 357 44.37 -7.95 2.92
C GLU D 357 45.05 -6.59 2.97
N GLN D 358 44.41 -5.57 2.36
CA GLN D 358 44.96 -4.23 2.39
C GLN D 358 45.11 -3.71 3.81
N ILE D 359 44.06 -3.88 4.63
CA ILE D 359 44.09 -3.44 6.03
C ILE D 359 45.22 -4.10 6.79
N ALA D 360 45.50 -5.38 6.48
CA ALA D 360 46.59 -6.10 7.13
C ALA D 360 47.95 -5.73 6.56
N ALA D 361 48.04 -5.46 5.25
CA ALA D 361 49.34 -5.17 4.63
C ALA D 361 49.74 -3.70 4.74
N PHE D 362 48.78 -2.80 4.95
CA PHE D 362 49.06 -1.38 4.99
C PHE D 362 50.13 -1.06 6.04
N LYS D 363 51.00 -0.10 5.69
CA LYS D 363 52.00 0.48 6.59
C LYS D 363 51.85 1.99 6.52
N THR D 364 51.85 2.64 7.68
CA THR D 364 51.91 4.11 7.71
C THR D 364 53.23 4.60 7.13
N VAL D 365 53.42 5.91 7.06
CA VAL D 365 54.72 6.43 6.64
C VAL D 365 55.82 6.09 7.61
N GLU D 366 55.49 5.78 8.86
CA GLU D 366 56.48 5.33 9.83
C GLU D 366 56.64 3.82 9.83
N GLU D 367 56.15 3.14 8.79
CA GLU D 367 56.39 1.72 8.56
C GLU D 367 55.79 0.84 9.66
N LYS D 368 54.61 1.21 10.16
CA LYS D 368 53.92 0.43 11.17
C LYS D 368 52.52 0.05 10.70
N SER D 369 52.07 -1.12 11.13
CA SER D 369 50.72 -1.61 10.89
C SER D 369 49.70 -0.69 11.55
N ILE D 370 48.45 -0.84 11.10
CA ILE D 370 47.34 -0.12 11.73
C ILE D 370 47.22 -0.48 13.21
N LYS D 371 47.32 -1.77 13.54
CA LYS D 371 47.24 -2.19 14.94
C LYS D 371 48.42 -1.64 15.74
N GLU D 372 49.65 -1.76 15.22
CA GLU D 372 50.79 -1.20 15.93
C GLU D 372 50.63 0.30 16.15
N THR D 373 50.11 1.02 15.15
CA THR D 373 49.95 2.46 15.27
C THR D 373 48.93 2.81 16.34
N LEU D 374 47.78 2.14 16.31
CA LEU D 374 46.71 2.48 17.25
C LEU D 374 47.06 2.11 18.69
N SER D 375 47.67 0.94 18.89
CA SER D 375 48.21 0.60 20.20
C SER D 375 49.20 1.64 20.68
N LEU D 376 50.15 1.99 19.82
CA LEU D 376 51.14 3.01 20.17
C LEU D 376 50.47 4.33 20.58
N LEU D 377 49.48 4.77 19.81
CA LEU D 377 48.87 6.06 20.08
C LEU D 377 48.01 6.01 21.34
N PHE D 378 47.31 4.91 21.56
CA PHE D 378 46.34 4.90 22.65
C PHE D 378 46.98 4.55 23.98
N ASP D 379 47.97 3.65 23.99
CA ASP D 379 48.74 3.42 25.21
C ASP D 379 49.39 4.70 25.71
N ASP D 380 49.96 5.48 24.79
CA ASP D 380 50.55 6.77 25.19
C ASP D 380 49.49 7.75 25.67
N LEU D 381 48.28 7.68 25.12
CA LEU D 381 47.20 8.52 25.59
C LEU D 381 46.87 8.23 27.07
N LYS D 382 46.79 6.94 27.41
CA LYS D 382 46.51 6.53 28.79
C LYS D 382 47.67 6.88 29.73
N ALA D 383 48.90 6.67 29.29
CA ALA D 383 50.07 6.95 30.10
C ALA D 383 50.30 8.44 30.35
N GLN D 384 49.38 9.32 29.92
CA GLN D 384 49.55 10.77 29.98
C GLN D 384 50.82 11.23 29.27
N LYS D 385 51.33 10.41 28.33
CA LYS D 385 52.45 10.81 27.48
C LYS D 385 52.09 11.99 26.60
N LEU D 386 50.82 12.09 26.21
CA LEU D 386 50.39 13.09 25.26
C LEU D 386 50.07 14.40 25.97
N ASP D 387 50.22 15.49 25.24
CA ASP D 387 49.73 16.78 25.67
C ASP D 387 48.25 16.84 25.27
N LEU D 388 47.37 16.66 26.26
CA LEU D 388 45.93 16.59 25.97
C LEU D 388 45.35 17.94 25.61
N SER D 389 46.12 19.03 25.63
CA SER D 389 45.65 20.25 25.00
C SER D 389 45.86 20.22 23.48
N LYS D 390 46.62 19.25 22.98
CA LYS D 390 46.87 19.08 21.55
C LYS D 390 46.03 17.98 20.93
N ILE D 391 45.21 17.27 21.71
CA ILE D 391 44.35 16.21 21.21
C ILE D 391 42.91 16.64 21.42
N TYR D 392 42.03 16.33 20.47
CA TYR D 392 40.67 16.87 20.48
C TYR D 392 39.66 15.78 20.16
N PHE D 393 38.42 16.03 20.58
CA PHE D 393 37.25 15.27 20.16
C PHE D 393 36.37 16.20 19.34
N LYS D 394 35.71 15.63 18.32
CA LYS D 394 34.72 16.42 17.60
C LYS D 394 33.49 16.60 18.48
N ASN D 395 33.03 17.85 18.59
CA ASN D 395 31.90 18.21 19.44
C ASN D 395 30.60 18.05 18.66
N ASP D 396 30.33 16.80 18.29
CA ASP D 396 29.11 16.43 17.58
C ASP D 396 28.55 15.20 18.30
N LYS D 397 27.78 14.38 17.57
CA LYS D 397 27.14 13.23 18.19
C LYS D 397 28.16 12.15 18.57
N SER D 398 29.31 12.13 17.94
CA SER D 398 30.32 11.16 18.36
C SER D 398 30.71 11.36 19.82
N LEU D 399 30.77 12.63 20.25
CA LEU D 399 30.98 12.90 21.67
C LEU D 399 29.74 12.57 22.47
N THR D 400 28.55 12.82 21.90
CA THR D 400 27.31 12.34 22.48
C THR D 400 27.38 10.84 22.77
N ASP D 401 27.83 10.06 21.79
CA ASP D 401 27.92 8.61 21.98
C ASP D 401 28.93 8.28 23.07
N LEU D 402 30.05 9.01 23.11
CA LEU D 402 31.13 8.67 24.01
C LEU D 402 30.69 8.79 25.47
N SER D 403 29.96 9.86 25.80
CA SER D 403 29.37 9.96 27.14
C SER D 403 28.34 8.86 27.34
N GLN D 404 27.41 8.71 26.40
CA GLN D 404 26.37 7.69 26.50
C GLN D 404 26.97 6.29 26.57
N GLN D 405 28.15 6.09 25.98
CA GLN D 405 28.77 4.77 26.00
C GLN D 405 29.52 4.56 27.31
N VAL D 406 30.33 5.52 27.70
CA VAL D 406 31.21 5.37 28.86
C VAL D 406 30.48 5.69 30.17
N PHE D 407 29.67 6.74 30.21
CA PHE D 407 28.95 7.10 31.43
C PHE D 407 27.48 6.72 31.40
N ASP D 408 27.09 5.85 30.45
CA ASP D 408 25.74 5.31 30.27
C ASP D 408 24.77 6.45 30.00
N ASP D 409 25.29 7.65 29.89
CA ASP D 409 24.53 8.87 29.91
C ASP D 409 25.19 9.86 28.95
N TYR D 410 24.40 10.40 28.05
CA TYR D 410 24.83 11.55 27.27
C TYR D 410 25.15 12.74 28.17
N SER D 411 25.69 13.79 27.55
CA SER D 411 25.79 15.12 28.14
C SER D 411 26.27 15.17 29.58
N VAL D 412 26.73 14.07 30.19
CA VAL D 412 27.57 14.25 31.36
C VAL D 412 28.80 15.06 30.97
N ILE D 413 29.28 14.85 29.75
CA ILE D 413 30.33 15.68 29.16
C ILE D 413 29.74 16.95 28.56
N GLY D 414 28.73 16.81 27.70
CA GLY D 414 28.15 17.97 27.05
C GLY D 414 27.63 19.02 28.03
N THR D 415 27.00 18.57 29.12
CA THR D 415 26.57 19.51 30.15
C THR D 415 27.77 20.05 30.93
N ALA D 416 28.80 19.22 31.15
CA ALA D 416 29.94 19.61 31.98
C ALA D 416 30.75 20.74 31.37
N VAL D 417 30.65 20.98 30.07
CA VAL D 417 31.39 22.08 29.45
C VAL D 417 30.55 23.35 29.39
N LEU D 418 29.24 23.23 29.17
CA LEU D 418 28.33 24.37 29.28
C LEU D 418 28.40 25.00 30.67
N GLU D 419 28.93 24.28 31.65
CA GLU D 419 29.13 24.79 33.01
C GLU D 419 30.50 25.41 33.20
N TYR D 420 31.57 24.68 32.88
CA TYR D 420 32.91 25.16 33.18
C TYR D 420 33.25 26.41 32.36
N ILE D 421 32.66 26.58 31.17
CA ILE D 421 32.86 27.82 30.42
C ILE D 421 32.18 28.99 31.12
N THR D 422 30.92 28.80 31.55
CA THR D 422 30.23 29.82 32.34
C THR D 422 31.00 30.13 33.62
N GLN D 423 31.67 29.12 34.18
CA GLN D 423 32.43 29.24 35.42
C GLN D 423 33.84 29.77 35.19
N LYS D 444 28.29 35.41 25.51
CA LYS D 444 27.44 34.82 24.48
C LYS D 444 28.22 33.73 23.73
N THR D 445 27.46 32.73 23.26
CA THR D 445 27.98 31.41 22.97
C THR D 445 27.92 31.11 21.48
N GLU D 446 28.77 30.19 21.04
CA GLU D 446 28.56 29.51 19.77
C GLU D 446 29.16 28.11 19.83
N LYS D 447 28.63 27.25 18.96
CA LYS D 447 29.08 25.87 18.83
C LYS D 447 30.58 25.81 18.57
N ALA D 448 31.32 25.24 19.51
CA ALA D 448 32.73 24.93 19.29
C ALA D 448 32.83 23.58 18.59
N LYS D 449 33.47 23.57 17.41
CA LYS D 449 33.36 22.39 16.56
C LYS D 449 34.22 21.23 17.06
N TYR D 450 35.32 21.54 17.75
CA TYR D 450 36.16 20.53 18.37
C TYR D 450 36.51 20.99 19.78
N LEU D 451 36.66 20.02 20.69
CA LEU D 451 36.93 20.28 22.09
C LEU D 451 38.21 19.55 22.51
N SER D 452 39.11 20.28 23.17
CA SER D 452 40.33 19.70 23.70
C SER D 452 40.01 18.58 24.67
N LEU D 453 40.94 17.64 24.82
CA LEU D 453 40.81 16.64 25.87
C LEU D 453 41.14 17.23 27.24
N GLU D 454 41.98 18.27 27.30
CA GLU D 454 42.22 18.96 28.56
C GLU D 454 40.98 19.72 29.00
N THR D 455 40.34 20.44 28.08
CA THR D 455 39.05 21.06 28.38
C THR D 455 38.06 20.02 28.90
N ILE D 456 38.05 18.83 28.31
CA ILE D 456 37.12 17.78 28.76
C ILE D 456 37.44 17.38 30.20
N LYS D 457 38.71 17.11 30.49
CA LYS D 457 39.08 16.64 31.82
C LYS D 457 38.75 17.67 32.89
N LEU D 458 39.21 18.91 32.70
CA LEU D 458 39.00 19.95 33.71
C LEU D 458 37.53 20.27 33.90
N ALA D 459 36.74 20.23 32.83
CA ALA D 459 35.33 20.58 32.94
C ALA D 459 34.57 19.57 33.78
N LEU D 460 34.76 18.28 33.49
CA LEU D 460 33.94 17.27 34.16
C LEU D 460 34.45 16.95 35.56
N GLU D 461 35.74 17.17 35.85
CA GLU D 461 36.18 17.01 37.23
C GLU D 461 35.54 18.06 38.13
N GLU D 462 35.32 19.27 37.62
CA GLU D 462 34.49 20.23 38.34
C GLU D 462 33.03 19.84 38.29
N PHE D 463 32.60 19.17 37.23
CA PHE D 463 31.23 18.68 37.14
C PHE D 463 30.97 17.54 38.12
N ASN D 464 32.03 16.87 38.59
CA ASN D 464 31.88 15.75 39.52
C ASN D 464 31.94 16.16 40.98
N LYS D 465 32.28 17.42 41.28
CA LYS D 465 32.07 17.91 42.63
C LYS D 465 30.63 18.40 42.81
N HIS D 466 30.01 18.95 41.77
CA HIS D 466 28.57 19.17 41.78
C HIS D 466 27.82 17.85 41.95
N ARG D 467 28.41 16.77 41.48
CA ARG D 467 27.74 15.49 41.33
C ARG D 467 27.93 14.60 42.55
N ASP D 468 26.91 13.78 42.81
CA ASP D 468 26.91 12.77 43.86
C ASP D 468 28.20 11.96 43.85
N ILE D 469 28.67 11.58 45.04
CA ILE D 469 29.93 10.83 45.14
C ILE D 469 29.77 9.46 44.52
N ASP D 470 28.58 8.86 44.63
CA ASP D 470 28.33 7.56 44.02
C ASP D 470 28.21 7.67 42.50
N LYS D 471 27.48 8.69 42.04
CA LYS D 471 27.16 8.88 40.62
C LYS D 471 28.22 9.76 39.94
N GLN D 472 29.49 9.35 40.02
CA GLN D 472 30.60 10.23 39.68
C GLN D 472 31.42 9.66 38.52
N CYS D 473 31.71 10.52 37.54
CA CYS D 473 32.20 10.12 36.21
C CYS D 473 33.66 10.56 36.07
N ARG D 474 34.58 9.60 36.11
CA ARG D 474 35.98 9.93 35.99
C ARG D 474 36.35 10.26 34.55
N PHE D 475 37.44 11.01 34.40
CA PHE D 475 37.94 11.27 33.05
C PHE D 475 38.65 10.05 32.48
N GLU D 476 39.27 9.22 33.32
CA GLU D 476 40.01 8.08 32.80
C GLU D 476 39.12 6.87 32.53
N GLU D 477 37.83 6.96 32.80
CA GLU D 477 36.94 5.99 32.19
C GLU D 477 36.89 6.21 30.67
N ILE D 478 37.20 7.44 30.23
CA ILE D 478 37.33 7.72 28.80
C ILE D 478 38.64 7.15 28.26
N LEU D 479 39.76 7.53 28.90
CA LEU D 479 41.05 7.01 28.45
C LEU D 479 41.14 5.50 28.58
N ALA D 480 40.26 4.89 29.38
CA ALA D 480 40.16 3.43 29.39
C ALA D 480 39.50 2.93 28.12
N ASN D 481 38.45 3.63 27.68
CA ASN D 481 37.65 3.22 26.52
C ASN D 481 38.50 3.11 25.27
N PHE D 482 39.58 3.89 25.16
CA PHE D 482 40.43 3.88 23.96
C PHE D 482 41.62 2.96 24.08
N ALA D 483 42.18 2.79 25.29
CA ALA D 483 43.24 1.81 25.47
C ALA D 483 42.80 0.42 25.00
N ALA D 484 41.49 0.15 25.06
CA ALA D 484 40.93 -1.15 24.67
C ALA D 484 40.69 -1.30 23.17
N ILE D 485 40.88 -0.23 22.38
CA ILE D 485 40.50 -0.33 20.96
C ILE D 485 41.34 -1.28 20.17
N PRO D 486 42.66 -1.39 20.35
CA PRO D 486 43.42 -2.44 19.64
C PRO D 486 42.97 -3.86 19.98
N MET D 487 42.15 -4.05 21.02
CA MET D 487 41.51 -5.35 21.27
C MET D 487 40.88 -5.88 20.00
N ILE D 488 40.14 -5.02 19.31
CA ILE D 488 39.30 -5.44 18.20
C ILE D 488 40.12 -6.06 17.08
N PHE D 489 41.40 -5.69 16.96
CA PHE D 489 42.12 -6.07 15.74
C PHE D 489 42.48 -7.54 15.67
N ASP D 490 42.57 -8.26 16.80
CA ASP D 490 42.76 -9.70 16.71
C ASP D 490 41.50 -10.47 17.06
N GLU D 491 40.43 -9.78 17.45
CA GLU D 491 39.11 -10.37 17.26
C GLU D 491 38.75 -10.41 15.78
N ILE D 492 39.07 -9.33 15.05
CA ILE D 492 38.95 -9.32 13.60
C ILE D 492 39.95 -10.27 12.97
N ALA D 493 41.14 -10.41 13.55
CA ALA D 493 42.11 -11.38 13.01
C ALA D 493 41.58 -12.80 13.13
N GLN D 494 40.96 -13.14 14.26
CA GLN D 494 40.37 -14.47 14.39
C GLN D 494 39.11 -14.62 13.55
N ASN D 495 38.44 -13.51 13.24
CA ASN D 495 37.22 -13.60 12.44
C ASN D 495 37.53 -13.85 10.97
N LYS D 496 38.69 -13.41 10.51
CA LYS D 496 39.18 -13.73 9.18
C LYS D 496 39.89 -15.08 9.13
N ASP D 497 40.08 -15.77 10.27
CA ASP D 497 40.48 -17.18 10.26
C ASP D 497 39.39 -18.03 9.63
N ASN D 498 38.29 -18.15 10.37
CA ASN D 498 37.14 -18.97 10.00
C ASN D 498 36.59 -18.53 8.67
N LEU D 499 36.68 -17.23 8.38
CA LEU D 499 36.20 -16.70 7.12
C LEU D 499 37.01 -17.21 5.94
N ALA D 500 38.28 -17.56 6.17
CA ALA D 500 39.08 -18.10 5.08
C ALA D 500 38.56 -19.47 4.64
N GLN D 501 38.01 -20.25 5.58
CA GLN D 501 37.40 -21.52 5.19
C GLN D 501 36.06 -21.28 4.50
N ILE D 502 35.28 -20.30 4.97
CA ILE D 502 34.05 -19.92 4.27
C ILE D 502 34.37 -19.32 2.91
N SER D 503 35.53 -18.67 2.77
CA SER D 503 35.87 -17.99 1.51
C SER D 503 35.96 -18.96 0.34
N ILE D 504 36.50 -20.16 0.57
CA ILE D 504 36.66 -21.10 -0.53
C ILE D 504 35.34 -21.78 -0.86
N LYS D 505 34.48 -21.97 0.14
CA LYS D 505 33.14 -22.51 -0.10
C LYS D 505 32.42 -21.78 -1.22
N TYR D 506 32.60 -20.46 -1.31
CA TYR D 506 31.72 -19.60 -2.10
C TYR D 506 32.40 -18.90 -3.26
N GLN D 507 33.69 -19.12 -3.50
CA GLN D 507 34.36 -18.47 -4.62
C GLN D 507 34.14 -19.30 -5.88
N ASN D 508 33.00 -19.03 -6.52
CA ASN D 508 32.60 -19.64 -7.79
C ASN D 508 31.97 -18.58 -8.66
N GLN D 509 32.39 -18.49 -9.90
CA GLN D 509 31.88 -17.42 -10.75
C GLN D 509 30.43 -17.69 -11.13
N GLY D 510 29.55 -16.72 -10.84
CA GLY D 510 28.18 -16.80 -11.30
C GLY D 510 27.22 -17.61 -10.47
N LYS D 511 27.61 -18.11 -9.30
CA LYS D 511 26.77 -19.14 -8.68
C LYS D 511 25.65 -18.60 -7.78
N LYS D 512 25.84 -17.46 -7.09
CA LYS D 512 24.76 -16.84 -6.32
C LYS D 512 24.23 -17.75 -5.19
N ASP D 513 24.99 -18.78 -4.80
CA ASP D 513 24.55 -19.69 -3.74
C ASP D 513 24.33 -19.00 -2.40
N LEU D 514 24.93 -17.84 -2.19
CA LEU D 514 24.93 -17.22 -0.88
C LEU D 514 23.60 -16.57 -0.54
N LEU D 515 22.69 -16.44 -1.50
CA LEU D 515 21.34 -15.93 -1.22
C LEU D 515 20.41 -16.99 -0.64
N GLN D 516 20.76 -18.28 -0.74
CA GLN D 516 19.89 -19.34 -0.27
C GLN D 516 19.90 -19.42 1.26
N ALA D 517 18.82 -20.00 1.81
CA ALA D 517 18.69 -20.05 3.25
C ALA D 517 19.64 -21.05 3.90
N SER D 518 20.22 -21.96 3.13
CA SER D 518 21.23 -22.84 3.70
C SER D 518 22.46 -22.05 4.13
N ALA D 519 22.76 -20.94 3.45
CA ALA D 519 23.96 -20.14 3.71
C ALA D 519 23.78 -19.14 4.84
N GLU D 520 22.72 -19.27 5.64
CA GLU D 520 22.40 -18.21 6.59
C GLU D 520 23.44 -18.09 7.69
N ASP D 521 23.99 -19.21 8.13
CA ASP D 521 24.97 -19.15 9.21
C ASP D 521 26.31 -18.59 8.73
N ASP D 522 26.71 -18.89 7.50
CA ASP D 522 27.86 -18.23 6.91
C ASP D 522 27.63 -16.72 6.78
N VAL D 523 26.44 -16.33 6.33
CA VAL D 523 26.14 -14.91 6.19
C VAL D 523 26.24 -14.20 7.54
N LYS D 524 25.81 -14.87 8.61
CA LYS D 524 25.97 -14.27 9.93
C LYS D 524 27.43 -13.99 10.26
N ALA D 525 28.33 -14.87 9.79
CA ALA D 525 29.75 -14.67 10.06
C ALA D 525 30.32 -13.53 9.22
N ILE D 526 29.88 -13.43 7.96
CA ILE D 526 30.29 -12.33 7.10
C ILE D 526 29.80 -11.01 7.68
N LYS D 527 28.55 -10.98 8.16
CA LYS D 527 28.01 -9.74 8.68
C LYS D 527 28.72 -9.32 9.98
N ASP D 528 28.99 -10.28 10.87
CA ASP D 528 29.58 -9.88 12.16
C ASP D 528 31.00 -9.35 12.00
N LEU D 529 31.80 -9.92 11.08
CA LEU D 529 33.08 -9.30 10.75
C LEU D 529 32.88 -7.88 10.20
N LEU D 530 32.00 -7.73 9.20
CA LEU D 530 31.74 -6.39 8.67
C LEU D 530 31.24 -5.44 9.75
N ASP D 531 30.44 -5.94 10.71
CA ASP D 531 29.90 -5.04 11.72
C ASP D 531 30.97 -4.64 12.74
N GLN D 532 31.88 -5.56 13.07
CA GLN D 532 32.97 -5.22 13.98
C GLN D 532 33.90 -4.19 13.36
N THR D 533 34.22 -4.36 12.07
CA THR D 533 34.99 -3.36 11.35
C THR D 533 34.29 -2.02 11.36
N ASN D 534 32.99 -2.03 11.07
CA ASN D 534 32.21 -0.78 11.01
C ASN D 534 32.15 -0.11 12.38
N ASN D 535 31.96 -0.90 13.44
CA ASN D 535 31.95 -0.34 14.79
C ASN D 535 33.31 0.28 15.12
N LEU D 536 34.39 -0.39 14.72
CA LEU D 536 35.73 0.14 14.92
C LEU D 536 35.88 1.53 14.30
N LEU D 537 35.47 1.69 13.04
CA LEU D 537 35.61 2.99 12.38
C LEU D 537 34.83 4.07 13.11
N HIS D 538 33.64 3.74 13.60
CA HIS D 538 32.80 4.74 14.27
C HIS D 538 33.36 5.16 15.61
N LYS D 539 34.01 4.24 16.34
CA LYS D 539 34.69 4.64 17.56
C LYS D 539 35.85 5.60 17.26
N LEU D 540 36.64 5.32 16.22
CA LEU D 540 37.77 6.19 15.92
C LEU D 540 37.33 7.52 15.30
N LYS D 541 36.10 7.60 14.78
CA LYS D 541 35.65 8.76 14.04
C LYS D 541 35.75 10.04 14.86
N ILE D 542 35.58 9.92 16.17
CA ILE D 542 35.63 11.07 17.07
C ILE D 542 36.97 11.80 16.99
N PHE D 543 38.00 11.18 16.43
CA PHE D 543 39.32 11.81 16.31
C PHE D 543 39.55 12.49 14.97
N HIS D 544 38.82 12.10 13.91
CA HIS D 544 39.18 12.51 12.57
C HIS D 544 38.87 13.97 12.34
N ILE D 545 39.82 14.72 11.80
CA ILE D 545 39.63 16.12 11.43
C ILE D 545 39.55 16.20 9.91
N SER D 546 38.45 16.78 9.42
CA SER D 546 38.14 16.76 8.00
C SER D 546 38.95 17.81 7.24
N GLN D 547 38.94 17.65 5.92
CA GLN D 547 39.46 18.63 4.98
C GLN D 547 38.38 19.38 4.25
N SER D 548 37.14 19.29 4.74
CA SER D 548 36.11 20.24 4.32
C SER D 548 36.62 21.64 4.58
N GLU D 549 36.69 22.42 3.51
CA GLU D 549 37.29 23.74 3.64
C GLU D 549 36.24 24.74 4.09
N ASP D 550 36.05 24.77 5.41
CA ASP D 550 35.86 25.97 6.20
C ASP D 550 37.09 25.93 7.09
N LYS D 551 38.07 26.79 6.83
CA LYS D 551 39.18 26.92 7.76
C LYS D 551 38.95 28.06 8.73
N ALA D 552 37.69 28.38 9.03
CA ALA D 552 37.35 29.52 9.88
C ALA D 552 37.93 29.38 11.29
N ASN D 553 38.04 28.15 11.78
CA ASN D 553 38.83 27.91 12.97
C ASN D 553 39.51 26.55 12.86
N ILE D 554 40.84 26.57 13.06
CA ILE D 554 41.69 25.40 13.02
C ILE D 554 42.35 25.25 14.39
N LEU D 555 43.06 24.14 14.58
CA LEU D 555 43.52 23.81 15.91
C LEU D 555 45.04 23.59 15.88
N ASP D 556 45.67 23.85 17.02
CA ASP D 556 47.06 23.43 17.20
C ASP D 556 47.03 22.05 17.88
N LYS D 557 47.52 21.06 17.15
CA LYS D 557 47.33 19.66 17.47
C LYS D 557 48.68 18.98 17.60
N ASP D 558 48.71 17.86 18.31
CA ASP D 558 49.86 16.98 18.26
C ASP D 558 49.99 16.47 16.85
N GLU D 559 50.96 17.00 16.11
CA GLU D 559 51.01 16.77 14.67
C GLU D 559 51.47 15.36 14.34
N HIS D 560 52.26 14.72 15.21
CA HIS D 560 52.61 13.31 14.97
C HIS D 560 51.41 12.40 15.18
N PHE D 561 50.65 12.63 16.26
CA PHE D 561 49.44 11.85 16.50
C PHE D 561 48.53 11.86 15.28
N TYR D 562 48.20 13.04 14.77
CA TYR D 562 47.30 13.15 13.64
C TYR D 562 47.93 12.71 12.32
N LEU D 563 49.25 12.73 12.21
CA LEU D 563 49.89 12.22 11.00
C LEU D 563 49.48 10.76 10.78
N VAL D 564 49.89 9.89 11.70
CA VAL D 564 49.74 8.46 11.48
C VAL D 564 48.29 8.00 11.73
N PHE D 565 47.56 8.69 12.60
CA PHE D 565 46.16 8.32 12.81
C PHE D 565 45.34 8.51 11.55
N GLU D 566 45.42 9.71 10.93
CA GLU D 566 44.61 9.98 9.75
C GLU D 566 44.91 8.97 8.65
N GLU D 567 46.18 8.62 8.45
CA GLU D 567 46.48 7.60 7.45
C GLU D 567 45.72 6.32 7.76
N CYS D 568 45.70 5.92 9.03
CA CYS D 568 45.02 4.69 9.44
C CYS D 568 43.51 4.82 9.26
N TYR D 569 42.96 5.97 9.61
CA TYR D 569 41.52 6.19 9.46
C TYR D 569 41.09 6.12 8.00
N PHE D 570 41.87 6.76 7.11
CA PHE D 570 41.52 6.73 5.69
C PHE D 570 41.48 5.30 5.16
N GLU D 571 42.42 4.45 5.57
CA GLU D 571 42.41 3.06 5.09
C GLU D 571 41.19 2.32 5.60
N LEU D 572 40.88 2.49 6.88
CA LEU D 572 39.75 1.77 7.47
C LEU D 572 38.42 2.26 6.92
N ALA D 573 38.34 3.53 6.51
CA ALA D 573 37.09 4.10 6.03
C ALA D 573 36.61 3.48 4.73
N ASN D 574 37.45 2.71 4.04
CA ASN D 574 36.97 1.95 2.90
C ASN D 574 35.96 0.88 3.31
N ILE D 575 35.72 0.70 4.60
CA ILE D 575 34.68 -0.22 5.05
C ILE D 575 33.30 0.27 4.62
N VAL D 576 33.13 1.57 4.45
CA VAL D 576 31.79 2.12 4.18
C VAL D 576 31.26 1.60 2.85
N PRO D 577 31.92 1.83 1.71
CA PRO D 577 31.38 1.26 0.46
C PRO D 577 31.41 -0.25 0.44
N LEU D 578 32.36 -0.88 1.11
CA LEU D 578 32.38 -2.35 1.13
C LEU D 578 31.11 -2.88 1.78
N TYR D 579 30.72 -2.27 2.89
CA TYR D 579 29.56 -2.72 3.66
C TYR D 579 28.28 -2.62 2.82
N ASN D 580 28.07 -1.47 2.19
CA ASN D 580 26.91 -1.29 1.32
C ASN D 580 26.89 -2.29 0.17
N LYS D 581 28.04 -2.49 -0.48
CA LYS D 581 28.11 -3.40 -1.63
C LYS D 581 27.66 -4.79 -1.27
N ILE D 582 28.06 -5.26 -0.09
CA ILE D 582 27.78 -6.61 0.33
C ILE D 582 26.34 -6.74 0.81
N ARG D 583 25.85 -5.75 1.57
CA ARG D 583 24.45 -5.75 1.96
C ARG D 583 23.53 -5.78 0.74
N ASN D 584 23.80 -4.88 -0.22
CA ASN D 584 22.96 -4.77 -1.40
C ASN D 584 22.90 -6.07 -2.20
N TYR D 585 23.88 -6.96 -2.02
CA TYR D 585 23.87 -8.24 -2.71
C TYR D 585 23.22 -9.34 -1.87
N ILE D 586 23.66 -9.50 -0.62
CA ILE D 586 23.21 -10.62 0.23
C ILE D 586 21.74 -10.49 0.58
N THR D 587 21.19 -9.29 0.59
CA THR D 587 19.79 -9.17 0.97
C THR D 587 18.86 -9.39 -0.22
N GLN D 588 19.39 -9.74 -1.38
CA GLN D 588 18.54 -10.04 -2.52
C GLN D 588 17.73 -11.32 -2.25
N LYS D 589 16.54 -11.34 -2.79
CA LYS D 589 15.76 -12.57 -2.78
C LYS D 589 16.27 -13.51 -3.88
N PRO D 590 16.49 -14.79 -3.59
CA PRO D 590 16.97 -15.70 -4.64
C PRO D 590 15.96 -15.84 -5.78
N TYR D 591 16.43 -16.34 -6.92
CA TYR D 591 15.55 -16.66 -8.02
C TYR D 591 14.74 -17.92 -7.70
N SER D 592 13.43 -17.87 -7.91
CA SER D 592 12.60 -19.05 -7.76
C SER D 592 11.64 -19.17 -8.93
N ASP D 593 11.56 -20.39 -9.48
CA ASP D 593 10.58 -20.76 -10.51
C ASP D 593 9.17 -20.43 -10.06
N GLU D 594 8.37 -19.92 -10.99
CA GLU D 594 6.94 -19.71 -10.78
C GLU D 594 6.16 -20.38 -11.91
N LYS D 595 4.85 -20.52 -11.70
CA LYS D 595 4.01 -21.19 -12.69
C LYS D 595 4.06 -20.45 -14.02
N PHE D 596 3.91 -21.18 -15.12
CA PHE D 596 3.93 -20.54 -16.43
C PHE D 596 2.76 -21.00 -17.26
N LYS D 597 2.41 -20.15 -18.21
CA LYS D 597 1.26 -20.36 -19.09
C LYS D 597 1.47 -21.55 -20.03
N LEU D 598 0.41 -22.32 -20.24
CA LEU D 598 0.41 -23.38 -21.22
C LEU D 598 -0.46 -22.95 -22.41
N ASN D 599 0.00 -23.27 -23.62
CA ASN D 599 -0.71 -22.83 -24.80
C ASN D 599 -1.19 -23.96 -25.68
N PHE D 600 -0.67 -25.17 -25.50
CA PHE D 600 -0.95 -26.31 -26.38
C PHE D 600 -0.94 -25.88 -27.84
N GLU D 601 0.12 -25.15 -28.21
CA GLU D 601 0.43 -24.70 -29.57
C GLU D 601 -0.60 -23.74 -30.13
N ASN D 602 -1.48 -23.18 -29.31
CA ASN D 602 -2.55 -22.33 -29.81
C ASN D 602 -2.40 -20.96 -29.21
N SER D 603 -2.18 -19.97 -30.06
CA SER D 603 -2.04 -18.60 -29.61
C SER D 603 -3.35 -18.02 -29.07
N THR D 604 -4.53 -18.62 -29.36
CA THR D 604 -5.79 -18.14 -28.81
C THR D 604 -6.51 -19.21 -27.95
N LEU D 605 -5.74 -20.07 -27.28
CA LEU D 605 -6.32 -21.12 -26.41
C LEU D 605 -7.31 -20.52 -25.43
N ALA D 606 -8.53 -21.07 -25.46
CA ALA D 606 -9.58 -20.75 -24.49
C ALA D 606 -9.98 -19.28 -24.49
N ASN D 607 -9.79 -18.60 -25.62
CA ASN D 607 -10.19 -17.20 -25.75
C ASN D 607 -11.69 -17.01 -25.86
N GLY D 608 -12.45 -18.06 -26.09
CA GLY D 608 -13.89 -17.94 -26.19
C GLY D 608 -14.49 -19.31 -26.41
N TRP D 609 -15.53 -19.65 -25.66
CA TRP D 609 -16.04 -21.01 -25.67
C TRP D 609 -17.03 -21.27 -26.79
N ASP D 610 -17.44 -20.25 -27.54
CA ASP D 610 -18.55 -20.41 -28.47
C ASP D 610 -18.31 -21.55 -29.46
N LYS D 611 -19.38 -22.31 -29.73
CA LYS D 611 -19.30 -23.44 -30.66
C LYS D 611 -18.61 -23.09 -31.97
N ASN D 612 -18.92 -21.91 -32.55
CA ASN D 612 -18.30 -21.56 -33.84
C ASN D 612 -16.81 -21.32 -33.74
N LYS D 613 -16.29 -21.12 -32.52
CA LYS D 613 -14.87 -20.83 -32.32
C LYS D 613 -14.08 -22.03 -31.84
N GLU D 614 -14.72 -23.19 -31.65
CA GLU D 614 -13.99 -24.32 -31.09
C GLU D 614 -12.78 -24.71 -31.93
N PRO D 615 -12.86 -24.78 -33.27
CA PRO D 615 -11.64 -25.03 -34.06
C PRO D 615 -10.52 -24.02 -33.81
N ASP D 616 -10.84 -22.76 -33.47
CA ASP D 616 -9.79 -21.76 -33.28
C ASP D 616 -9.23 -21.77 -31.87
N ASN D 617 -10.14 -21.82 -30.87
CA ASN D 617 -9.81 -21.80 -29.43
C ASN D 617 -10.12 -23.21 -28.93
N THR D 618 -9.11 -24.03 -28.84
CA THR D 618 -9.32 -25.48 -28.92
C THR D 618 -9.80 -26.09 -27.59
N ALA D 619 -10.52 -25.36 -26.75
CA ALA D 619 -10.87 -25.81 -25.41
C ALA D 619 -12.34 -26.21 -25.33
N ILE D 620 -12.62 -27.32 -24.66
CA ILE D 620 -13.95 -27.91 -24.62
C ILE D 620 -14.22 -28.43 -23.22
N LEU D 621 -15.44 -28.20 -22.72
CA LEU D 621 -15.86 -28.64 -21.39
C LEU D 621 -16.79 -29.85 -21.50
N PHE D 622 -16.67 -30.77 -20.54
CA PHE D 622 -17.46 -31.99 -20.50
C PHE D 622 -17.93 -32.25 -19.08
N ILE D 623 -19.06 -32.92 -18.96
CA ILE D 623 -19.58 -33.38 -17.68
C ILE D 623 -19.79 -34.89 -17.76
N LYS D 624 -19.44 -35.60 -16.69
CA LYS D 624 -19.62 -37.05 -16.63
C LYS D 624 -19.71 -37.47 -15.17
N ASP D 625 -20.90 -37.97 -14.79
CA ASP D 625 -21.13 -38.54 -13.46
C ASP D 625 -20.77 -37.56 -12.35
N ASP D 626 -21.26 -36.33 -12.47
CA ASP D 626 -21.01 -35.25 -11.52
C ASP D 626 -19.54 -34.83 -11.47
N LYS D 627 -18.73 -35.25 -12.41
CA LYS D 627 -17.38 -34.70 -12.57
C LYS D 627 -17.30 -33.82 -13.81
N TYR D 628 -16.35 -32.89 -13.79
CA TYR D 628 -16.17 -31.88 -14.83
C TYR D 628 -14.80 -32.05 -15.49
N TYR D 629 -14.73 -31.82 -16.81
CA TYR D 629 -13.50 -32.08 -17.53
C TYR D 629 -13.23 -30.96 -18.52
N LEU D 630 -11.94 -30.68 -18.69
CA LEU D 630 -11.47 -29.77 -19.71
C LEU D 630 -10.73 -30.57 -20.78
N GLY D 631 -11.16 -30.41 -22.02
CA GLY D 631 -10.51 -31.04 -23.15
C GLY D 631 -9.84 -29.99 -24.02
N VAL D 632 -8.60 -30.25 -24.39
CA VAL D 632 -7.86 -29.40 -25.30
C VAL D 632 -7.57 -30.22 -26.56
N MET D 633 -8.02 -29.71 -27.69
CA MET D 633 -7.80 -30.38 -28.95
C MET D 633 -6.40 -30.07 -29.45
N ASN D 634 -5.68 -31.11 -29.82
CA ASN D 634 -4.46 -30.97 -30.60
C ASN D 634 -4.71 -30.04 -31.76
N LYS D 635 -3.73 -29.20 -32.08
CA LYS D 635 -3.87 -28.24 -33.18
C LYS D 635 -4.14 -28.94 -34.50
N LYS D 636 -3.45 -30.09 -34.73
CA LYS D 636 -3.59 -30.84 -35.97
C LYS D 636 -4.92 -31.58 -36.06
N ASN D 637 -5.61 -31.74 -34.92
CA ASN D 637 -6.88 -32.46 -34.95
C ASN D 637 -8.01 -31.57 -34.44
N ASN D 638 -8.12 -30.33 -34.92
CA ASN D 638 -9.08 -29.39 -34.32
C ASN D 638 -10.51 -29.53 -34.87
N LYS D 639 -10.80 -30.55 -35.68
CA LYS D 639 -12.16 -30.81 -36.16
C LYS D 639 -12.77 -32.05 -35.50
N ILE D 640 -12.11 -32.57 -34.49
CA ILE D 640 -12.49 -33.71 -33.67
C ILE D 640 -13.90 -33.57 -33.06
N PHE D 641 -14.42 -32.34 -32.94
CA PHE D 641 -15.80 -32.21 -32.51
C PHE D 641 -16.64 -31.38 -33.48
N ASP D 642 -16.39 -31.45 -34.78
CA ASP D 642 -17.31 -30.80 -35.70
C ASP D 642 -18.65 -31.56 -35.75
N ASP D 643 -19.62 -30.97 -36.44
CA ASP D 643 -20.97 -31.53 -36.47
C ASP D 643 -20.98 -33.00 -36.88
N LYS D 644 -20.24 -33.34 -37.93
CA LYS D 644 -20.23 -34.72 -38.37
C LYS D 644 -19.74 -35.65 -37.27
N ALA D 645 -18.65 -35.27 -36.58
CA ALA D 645 -18.11 -36.12 -35.53
C ALA D 645 -19.10 -36.33 -34.40
N ILE D 646 -19.89 -35.30 -34.10
CA ILE D 646 -20.81 -35.40 -32.97
C ILE D 646 -22.01 -36.28 -33.29
N LYS D 647 -22.50 -36.24 -34.54
CA LYS D 647 -23.60 -37.14 -34.88
C LYS D 647 -23.13 -38.58 -34.98
N GLU D 648 -21.98 -38.81 -35.59
CA GLU D 648 -21.47 -40.16 -35.79
C GLU D 648 -21.01 -40.83 -34.50
N ASN D 649 -20.86 -40.09 -33.40
CA ASN D 649 -20.29 -40.67 -32.19
C ASN D 649 -21.15 -40.38 -30.99
N LYS D 650 -22.43 -40.13 -31.22
CA LYS D 650 -23.37 -39.88 -30.14
C LYS D 650 -23.56 -41.15 -29.32
N GLY D 651 -23.47 -41.00 -28.01
CA GLY D 651 -23.61 -42.13 -27.10
C GLY D 651 -23.47 -41.62 -25.67
N GLU D 652 -23.59 -42.57 -24.74
CA GLU D 652 -23.83 -42.21 -23.34
C GLU D 652 -22.70 -41.40 -22.71
N GLY D 653 -21.46 -41.89 -22.79
CA GLY D 653 -20.26 -41.29 -22.20
C GLY D 653 -20.19 -39.92 -21.55
N TYR D 654 -19.68 -38.92 -22.28
CA TYR D 654 -19.43 -37.58 -21.77
C TYR D 654 -20.41 -36.58 -22.38
N LYS D 655 -20.91 -35.66 -21.54
CA LYS D 655 -21.83 -34.62 -22.00
C LYS D 655 -21.03 -33.38 -22.37
N LYS D 656 -20.80 -33.17 -23.67
CA LYS D 656 -20.04 -32.00 -24.11
C LYS D 656 -20.90 -30.75 -23.98
N ILE D 657 -20.32 -29.70 -23.40
CA ILE D 657 -21.00 -28.40 -23.31
C ILE D 657 -21.04 -27.77 -24.70
N VAL D 658 -22.21 -27.24 -25.06
CA VAL D 658 -22.40 -26.43 -26.28
C VAL D 658 -22.67 -25.01 -25.82
N TYR D 659 -21.78 -24.10 -26.15
CA TYR D 659 -21.82 -22.74 -25.64
C TYR D 659 -22.15 -21.79 -26.77
N LYS D 660 -23.19 -20.98 -26.60
CA LYS D 660 -23.51 -19.96 -27.60
C LYS D 660 -23.60 -18.63 -26.90
N LEU D 661 -23.01 -17.60 -27.50
CA LEU D 661 -22.90 -16.30 -26.84
C LEU D 661 -22.90 -15.19 -27.88
N LEU D 662 -23.61 -14.10 -27.59
CA LEU D 662 -23.62 -12.89 -28.41
C LEU D 662 -23.09 -11.75 -27.55
N PRO D 663 -21.78 -11.52 -27.51
CA PRO D 663 -21.20 -10.53 -26.58
C PRO D 663 -21.12 -9.13 -27.20
N GLY D 664 -20.97 -8.13 -26.32
CA GLY D 664 -20.85 -6.75 -26.75
C GLY D 664 -21.84 -6.37 -27.83
N ALA D 665 -23.14 -6.50 -27.53
CA ALA D 665 -24.19 -6.20 -28.50
C ALA D 665 -23.98 -4.85 -29.18
N ASN D 666 -23.65 -3.80 -28.40
CA ASN D 666 -23.45 -2.48 -28.97
C ASN D 666 -22.38 -2.44 -30.06
N LYS D 667 -21.43 -3.39 -30.07
CA LYS D 667 -20.47 -3.48 -31.16
C LYS D 667 -20.83 -4.55 -32.17
N MET D 668 -21.39 -5.67 -31.69
CA MET D 668 -21.57 -6.85 -32.53
C MET D 668 -22.68 -6.67 -33.55
N LEU D 669 -23.82 -6.08 -33.14
CA LEU D 669 -24.91 -5.85 -34.09
C LEU D 669 -24.47 -4.96 -35.26
N PRO D 670 -23.96 -3.75 -35.05
CA PRO D 670 -23.54 -2.95 -36.21
C PRO D 670 -22.44 -3.62 -37.01
N LYS D 671 -21.46 -4.20 -36.32
CA LYS D 671 -20.42 -4.97 -36.99
C LYS D 671 -21.01 -5.89 -38.04
N VAL D 672 -22.05 -6.63 -37.67
CA VAL D 672 -22.54 -7.68 -38.55
C VAL D 672 -23.56 -7.16 -39.56
N PHE D 673 -24.48 -6.28 -39.14
CA PHE D 673 -25.55 -5.87 -40.03
C PHE D 673 -25.09 -4.82 -41.03
N PHE D 674 -24.00 -4.11 -40.77
CA PHE D 674 -23.51 -3.09 -41.69
C PHE D 674 -22.21 -3.49 -42.36
N SER D 675 -21.76 -4.73 -42.16
CA SER D 675 -20.53 -5.20 -42.80
C SER D 675 -20.60 -5.07 -44.32
N ALA D 676 -19.42 -4.93 -44.95
CA ALA D 676 -19.33 -5.00 -46.41
C ALA D 676 -19.99 -6.26 -46.94
N LYS D 677 -19.79 -7.39 -46.25
CA LYS D 677 -20.26 -8.67 -46.74
C LYS D 677 -21.77 -8.86 -46.57
N SER D 678 -22.42 -8.18 -45.64
CA SER D 678 -23.83 -8.50 -45.42
C SER D 678 -24.77 -7.32 -45.51
N ILE D 679 -24.29 -6.10 -45.73
CA ILE D 679 -25.17 -4.94 -45.61
C ILE D 679 -26.26 -4.98 -46.68
N LYS D 680 -25.95 -5.51 -47.87
CA LYS D 680 -26.97 -5.56 -48.91
C LYS D 680 -28.08 -6.53 -48.54
N PHE D 681 -27.77 -7.62 -47.84
CA PHE D 681 -28.80 -8.53 -47.37
C PHE D 681 -29.63 -7.90 -46.26
N TYR D 682 -28.98 -7.26 -45.28
CA TYR D 682 -29.75 -6.67 -44.19
C TYR D 682 -30.47 -5.40 -44.63
N ASN D 683 -29.99 -4.73 -45.70
CA ASN D 683 -30.75 -3.73 -46.43
C ASN D 683 -31.23 -2.56 -45.58
N PRO D 684 -30.37 -1.92 -44.80
CA PRO D 684 -30.80 -0.74 -44.04
C PRO D 684 -31.19 0.41 -44.96
N SER D 685 -32.34 1.02 -44.69
CA SER D 685 -32.80 2.12 -45.52
C SER D 685 -31.88 3.34 -45.35
N GLU D 686 -32.14 4.36 -46.18
CA GLU D 686 -31.40 5.61 -46.05
C GLU D 686 -31.69 6.29 -44.73
N ASP D 687 -32.91 6.17 -44.22
CA ASP D 687 -33.22 6.66 -42.87
C ASP D 687 -32.34 5.97 -41.81
N ILE D 688 -32.24 4.64 -41.87
CA ILE D 688 -31.43 3.91 -40.88
C ILE D 688 -29.96 4.35 -40.98
N LEU D 689 -29.45 4.52 -42.20
CA LEU D 689 -28.05 4.91 -42.35
C LEU D 689 -27.82 6.31 -41.81
N ARG D 690 -28.82 7.20 -41.96
CA ARG D 690 -28.68 8.56 -41.44
C ARG D 690 -28.55 8.54 -39.92
N ILE D 691 -29.43 7.79 -39.25
CA ILE D 691 -29.39 7.69 -37.79
C ILE D 691 -28.05 7.14 -37.32
N ARG D 692 -27.58 6.09 -37.99
CA ARG D 692 -26.28 5.53 -37.65
C ARG D 692 -25.16 6.55 -37.84
N ASN D 693 -25.09 7.15 -39.03
CA ASN D 693 -23.98 8.03 -39.38
C ASN D 693 -23.80 9.16 -38.37
N HIS D 694 -24.90 9.78 -37.96
CA HIS D 694 -24.87 10.85 -36.97
C HIS D 694 -25.16 10.36 -35.55
N SER D 695 -25.36 9.06 -35.35
CA SER D 695 -25.61 8.49 -34.03
C SER D 695 -26.74 9.21 -33.29
N THR D 696 -27.88 9.40 -33.96
CA THR D 696 -29.00 9.99 -33.24
C THR D 696 -29.76 8.97 -32.41
N HIS D 697 -29.38 7.70 -32.45
CA HIS D 697 -29.95 6.70 -31.54
C HIS D 697 -29.24 6.67 -30.19
N THR D 698 -28.16 7.44 -30.03
CA THR D 698 -27.45 7.49 -28.76
C THR D 698 -27.39 8.91 -28.21
N LYS D 699 -27.16 8.99 -26.90
CA LYS D 699 -26.93 10.28 -26.27
C LYS D 699 -25.49 10.73 -26.40
N ASN D 700 -24.53 9.81 -26.30
CA ASN D 700 -23.12 10.18 -26.30
C ASN D 700 -22.27 9.16 -27.06
N GLY D 701 -22.86 8.51 -28.05
CA GLY D 701 -22.12 7.59 -28.87
C GLY D 701 -21.34 8.30 -29.94
N SER D 702 -20.61 7.51 -30.70
CA SER D 702 -19.71 7.94 -31.75
C SER D 702 -20.45 8.02 -33.09
N PRO D 703 -20.35 9.12 -33.82
CA PRO D 703 -20.81 9.12 -35.22
C PRO D 703 -19.88 8.27 -36.07
N GLN D 704 -20.33 7.91 -37.26
CA GLN D 704 -19.40 7.31 -38.21
C GLN D 704 -18.38 8.36 -38.70
N LYS D 705 -17.23 7.85 -39.19
CA LYS D 705 -16.13 8.71 -39.60
C LYS D 705 -16.56 9.71 -40.68
N GLY D 706 -16.19 10.98 -40.50
CA GLY D 706 -16.62 12.06 -41.36
C GLY D 706 -17.90 12.76 -40.92
N TYR D 707 -18.71 12.15 -40.06
CA TYR D 707 -20.02 12.72 -39.75
C TYR D 707 -20.02 13.39 -38.39
N GLU D 708 -20.87 14.40 -38.27
CA GLU D 708 -21.04 15.11 -37.02
C GLU D 708 -22.10 14.42 -36.16
N LYS D 709 -21.84 14.37 -34.86
CA LYS D 709 -22.82 13.94 -33.86
C LYS D 709 -23.98 14.91 -33.80
N PHE D 710 -25.18 14.44 -34.13
CA PHE D 710 -26.42 15.15 -33.88
C PHE D 710 -27.06 14.62 -32.60
N GLU D 711 -28.06 15.36 -32.12
CA GLU D 711 -28.61 15.11 -30.81
C GLU D 711 -29.45 13.83 -30.78
N PHE D 712 -29.53 13.25 -29.59
CA PHE D 712 -30.39 12.09 -29.37
C PHE D 712 -31.84 12.39 -29.75
N ASN D 713 -32.45 11.46 -30.50
CA ASN D 713 -33.85 11.55 -30.91
C ASN D 713 -34.52 10.19 -30.62
N ILE D 714 -35.42 10.17 -29.64
CA ILE D 714 -36.03 8.90 -29.21
C ILE D 714 -36.76 8.22 -30.35
N GLU D 715 -37.35 8.99 -31.26
CA GLU D 715 -37.96 8.37 -32.44
C GLU D 715 -36.92 7.68 -33.31
N ASP D 716 -35.72 8.27 -33.43
CA ASP D 716 -34.65 7.62 -34.19
C ASP D 716 -34.16 6.36 -33.47
N CYS D 717 -34.02 6.45 -32.15
CA CYS D 717 -33.65 5.29 -31.33
C CYS D 717 -34.56 4.11 -31.63
N ARG D 718 -35.86 4.36 -31.69
CA ARG D 718 -36.81 3.26 -31.82
C ARG D 718 -36.87 2.69 -33.23
N LYS D 719 -36.66 3.52 -34.24
CA LYS D 719 -36.49 3.02 -35.60
C LYS D 719 -35.26 2.14 -35.70
N PHE D 720 -34.19 2.51 -35.00
CA PHE D 720 -32.97 1.69 -35.02
C PHE D 720 -33.18 0.36 -34.29
N ILE D 721 -33.78 0.40 -33.10
CA ILE D 721 -34.15 -0.85 -32.43
C ILE D 721 -34.98 -1.73 -33.35
N ASP D 722 -35.97 -1.15 -34.06
CA ASP D 722 -36.81 -1.98 -34.92
C ASP D 722 -36.01 -2.53 -36.10
N PHE D 723 -35.09 -1.73 -36.65
CA PHE D 723 -34.18 -2.30 -37.64
C PHE D 723 -33.36 -3.46 -37.05
N TYR D 724 -32.86 -3.30 -35.82
CA TYR D 724 -32.11 -4.38 -35.18
C TYR D 724 -32.97 -5.64 -34.99
N LYS D 725 -34.21 -5.47 -34.52
CA LYS D 725 -35.07 -6.62 -34.32
C LYS D 725 -35.34 -7.36 -35.62
N GLN D 726 -35.55 -6.63 -36.73
CA GLN D 726 -35.80 -7.29 -38.00
C GLN D 726 -34.56 -7.99 -38.52
N SER D 727 -33.38 -7.41 -38.27
CA SER D 727 -32.15 -8.03 -38.77
C SER D 727 -31.81 -9.28 -37.98
N ILE D 728 -32.09 -9.27 -36.66
CA ILE D 728 -31.86 -10.45 -35.84
C ILE D 728 -32.71 -11.62 -36.30
N SER D 729 -33.99 -11.36 -36.58
CA SER D 729 -34.89 -12.44 -37.03
C SER D 729 -34.54 -12.98 -38.41
N LYS D 730 -33.81 -12.22 -39.23
CA LYS D 730 -33.29 -12.70 -40.51
C LYS D 730 -31.90 -13.32 -40.39
N HIS D 731 -31.27 -13.25 -39.23
CA HIS D 731 -29.89 -13.70 -39.13
C HIS D 731 -29.86 -15.22 -39.09
N PRO D 732 -28.99 -15.88 -39.86
CA PRO D 732 -29.03 -17.35 -39.97
C PRO D 732 -28.87 -18.08 -38.64
N GLU D 733 -28.21 -17.51 -37.64
CA GLU D 733 -27.99 -18.23 -36.40
C GLU D 733 -28.57 -17.58 -35.16
N TRP D 734 -28.41 -16.26 -35.02
CA TRP D 734 -28.82 -15.55 -33.81
C TRP D 734 -30.32 -15.72 -33.52
N LYS D 735 -31.13 -15.98 -34.55
CA LYS D 735 -32.56 -16.17 -34.30
C LYS D 735 -32.79 -17.37 -33.37
N ASP D 736 -31.93 -18.39 -33.43
CA ASP D 736 -32.05 -19.55 -32.54
C ASP D 736 -31.86 -19.21 -31.06
N PHE D 737 -31.46 -17.98 -30.71
CA PHE D 737 -31.47 -17.61 -29.29
C PHE D 737 -32.88 -17.50 -28.75
N GLY D 738 -33.89 -17.42 -29.63
CA GLY D 738 -35.28 -17.26 -29.20
C GLY D 738 -35.48 -16.02 -28.34
N PHE D 739 -35.06 -14.89 -28.88
CA PHE D 739 -35.22 -13.63 -28.15
C PHE D 739 -36.69 -13.33 -27.92
N ARG D 740 -36.99 -12.76 -26.77
CA ARG D 740 -38.31 -12.24 -26.46
C ARG D 740 -38.10 -10.82 -25.96
N PHE D 741 -38.31 -9.84 -26.81
CA PHE D 741 -37.97 -8.47 -26.45
C PHE D 741 -39.17 -7.72 -25.88
N SER D 742 -38.89 -6.70 -25.07
CA SER D 742 -39.92 -5.74 -24.72
C SER D 742 -40.45 -5.06 -25.98
N ASP D 743 -41.66 -4.52 -25.88
CA ASP D 743 -42.22 -3.74 -26.98
C ASP D 743 -41.32 -2.53 -27.26
N THR D 744 -41.00 -2.30 -28.54
CA THR D 744 -40.03 -1.25 -28.85
C THR D 744 -40.44 0.12 -28.28
N GLN D 745 -41.74 0.42 -28.22
CA GLN D 745 -42.11 1.70 -27.61
C GLN D 745 -41.81 1.77 -26.12
N ARG D 746 -41.42 0.67 -25.48
CA ARG D 746 -41.06 0.74 -24.07
C ARG D 746 -39.61 1.17 -23.82
N TYR D 747 -38.73 1.03 -24.81
CA TYR D 747 -37.34 1.43 -24.62
C TYR D 747 -37.24 2.95 -24.58
N ASN D 748 -36.47 3.49 -23.62
CA ASN D 748 -36.21 4.94 -23.60
C ASN D 748 -34.78 5.29 -24.00
N SER D 749 -33.92 4.32 -24.23
CA SER D 749 -32.55 4.51 -24.71
C SER D 749 -32.06 3.15 -25.18
N ILE D 750 -31.05 3.17 -26.07
CA ILE D 750 -30.70 1.94 -26.77
C ILE D 750 -29.97 0.93 -25.89
N ASP D 751 -29.42 1.38 -24.75
CA ASP D 751 -28.76 0.46 -23.83
C ASP D 751 -29.77 -0.50 -23.20
N GLU D 752 -31.03 -0.09 -23.10
CA GLU D 752 -32.05 -1.02 -22.60
C GLU D 752 -32.31 -2.12 -23.61
N PHE D 753 -32.10 -1.86 -24.90
CA PHE D 753 -32.24 -2.95 -25.86
C PHE D 753 -31.00 -3.83 -25.89
N TYR D 754 -29.80 -3.23 -25.92
CA TYR D 754 -28.56 -4.00 -25.91
C TYR D 754 -28.48 -4.93 -24.70
N ARG D 755 -29.01 -4.50 -23.55
CA ARG D 755 -28.98 -5.34 -22.37
C ARG D 755 -29.86 -6.58 -22.54
N GLU D 756 -31.05 -6.41 -23.13
CA GLU D 756 -31.91 -7.57 -23.38
C GLU D 756 -31.26 -8.52 -24.40
N VAL D 757 -30.58 -7.96 -25.41
CA VAL D 757 -29.83 -8.78 -26.37
C VAL D 757 -28.75 -9.59 -25.64
N GLU D 758 -27.97 -8.93 -24.78
CA GLU D 758 -26.90 -9.61 -24.07
C GLU D 758 -27.46 -10.62 -23.05
N ASN D 759 -28.45 -10.19 -22.26
CA ASN D 759 -29.04 -11.08 -21.27
C ASN D 759 -29.48 -12.41 -21.88
N GLN D 760 -30.11 -12.33 -23.04
CA GLN D 760 -30.68 -13.52 -23.66
C GLN D 760 -29.74 -14.16 -24.65
N GLY D 761 -28.71 -13.45 -25.10
CA GLY D 761 -27.77 -14.00 -26.03
C GLY D 761 -26.72 -14.89 -25.37
N TYR D 762 -27.16 -15.88 -24.61
CA TYR D 762 -26.25 -16.78 -23.91
C TYR D 762 -27.00 -18.06 -23.64
N LYS D 763 -26.50 -19.16 -24.17
CA LYS D 763 -27.19 -20.44 -24.09
C LYS D 763 -26.15 -21.54 -23.90
N LEU D 764 -26.42 -22.44 -22.96
CA LEU D 764 -25.65 -23.65 -22.75
C LEU D 764 -26.53 -24.84 -23.06
N THR D 765 -26.06 -25.71 -23.93
CA THR D 765 -26.70 -27.00 -24.11
C THR D 765 -25.65 -28.09 -24.09
N PHE D 766 -26.10 -29.33 -24.32
CA PHE D 766 -25.30 -30.52 -24.08
C PHE D 766 -25.50 -31.52 -25.20
N GLU D 767 -24.41 -32.15 -25.62
CA GLU D 767 -24.42 -33.30 -26.51
C GLU D 767 -23.80 -34.48 -25.78
N ASN D 768 -24.38 -35.66 -25.97
CA ASN D 768 -23.87 -36.90 -25.40
C ASN D 768 -22.86 -37.51 -26.37
N ILE D 769 -21.63 -37.68 -25.93
CA ILE D 769 -20.57 -38.21 -26.77
C ILE D 769 -20.10 -39.52 -26.16
N SER D 770 -19.97 -40.54 -27.00
CA SER D 770 -19.67 -41.87 -26.51
C SER D 770 -18.31 -41.91 -25.81
N GLU D 771 -18.29 -42.55 -24.64
CA GLU D 771 -17.05 -42.71 -23.89
C GLU D 771 -15.94 -43.34 -24.72
N SER D 772 -16.28 -44.27 -25.61
CA SER D 772 -15.23 -44.89 -26.40
C SER D 772 -14.65 -43.92 -27.42
N TYR D 773 -15.43 -42.96 -27.91
CA TYR D 773 -14.86 -41.96 -28.82
C TYR D 773 -13.85 -41.06 -28.08
N ILE D 774 -14.20 -40.62 -26.88
CA ILE D 774 -13.30 -39.81 -26.05
C ILE D 774 -12.03 -40.60 -25.72
N ASP D 775 -12.18 -41.82 -25.20
CA ASP D 775 -11.02 -42.67 -24.93
C ASP D 775 -10.12 -42.80 -26.14
N SER D 776 -10.69 -43.11 -27.32
CA SER D 776 -9.85 -43.32 -28.48
C SER D 776 -9.08 -42.06 -28.84
N VAL D 777 -9.74 -40.91 -28.81
CA VAL D 777 -9.08 -39.67 -29.19
C VAL D 777 -8.06 -39.24 -28.12
N VAL D 778 -8.33 -39.54 -26.84
CA VAL D 778 -7.34 -39.29 -25.80
C VAL D 778 -6.12 -40.21 -25.98
N ASN D 779 -6.36 -41.50 -26.26
CA ASN D 779 -5.24 -42.45 -26.41
C ASN D 779 -4.29 -42.04 -27.52
N GLN D 780 -4.81 -41.44 -28.58
CA GLN D 780 -3.98 -41.09 -29.73
C GLN D 780 -3.32 -39.73 -29.61
N GLY D 781 -3.54 -38.99 -28.52
CA GLY D 781 -2.97 -37.65 -28.46
C GLY D 781 -3.67 -36.62 -29.33
N LYS D 782 -4.87 -36.94 -29.84
CA LYS D 782 -5.69 -35.96 -30.56
C LYS D 782 -6.47 -35.06 -29.61
N LEU D 783 -6.76 -35.55 -28.40
CA LEU D 783 -7.39 -34.75 -27.36
C LEU D 783 -6.56 -34.85 -26.08
N TYR D 784 -6.37 -33.72 -25.40
CA TYR D 784 -5.74 -33.70 -24.09
C TYR D 784 -6.84 -33.47 -23.06
N LEU D 785 -7.05 -34.42 -22.16
CA LEU D 785 -8.20 -34.45 -21.26
C LEU D 785 -7.77 -34.35 -19.81
N PHE D 786 -8.44 -33.47 -19.07
CA PHE D 786 -8.11 -33.19 -17.68
C PHE D 786 -9.39 -33.16 -16.87
N GLN D 787 -9.36 -33.75 -15.68
CA GLN D 787 -10.46 -33.53 -14.77
C GLN D 787 -10.25 -32.19 -14.07
N ILE D 788 -11.31 -31.40 -14.00
CA ILE D 788 -11.32 -30.14 -13.27
C ILE D 788 -11.56 -30.46 -11.80
N TYR D 789 -10.62 -30.09 -10.94
CA TYR D 789 -10.60 -30.70 -9.61
C TYR D 789 -10.29 -29.70 -8.49
N ASN D 790 -11.02 -29.85 -7.38
CA ASN D 790 -10.54 -29.43 -6.06
C ASN D 790 -11.03 -30.48 -5.08
N LYS D 791 -10.66 -30.35 -3.80
CA LYS D 791 -10.95 -31.43 -2.87
C LYS D 791 -12.45 -31.64 -2.68
N ASP D 792 -13.29 -30.62 -2.92
CA ASP D 792 -14.74 -30.86 -2.82
C ASP D 792 -15.26 -31.90 -3.81
N PHE D 793 -14.48 -32.25 -4.84
CA PHE D 793 -14.88 -33.28 -5.80
C PHE D 793 -14.34 -34.65 -5.40
N SER D 794 -13.66 -34.76 -4.26
CA SER D 794 -13.18 -36.06 -3.82
C SER D 794 -14.37 -36.95 -3.50
N ALA D 795 -14.26 -38.23 -3.83
CA ALA D 795 -15.28 -39.17 -3.40
C ALA D 795 -15.46 -39.20 -1.89
N TYR D 796 -14.48 -38.72 -1.13
CA TYR D 796 -14.56 -38.67 0.33
C TYR D 796 -15.15 -37.38 0.87
N SER D 797 -15.31 -36.35 0.05
CA SER D 797 -15.68 -35.05 0.57
C SER D 797 -17.18 -35.05 0.93
N LYS D 798 -17.49 -34.98 2.23
CA LYS D 798 -18.85 -35.06 2.78
C LYS D 798 -19.12 -33.86 3.68
N GLY D 799 -18.49 -32.73 3.37
CA GLY D 799 -18.65 -31.52 4.15
C GLY D 799 -19.29 -30.41 3.32
N ARG D 800 -19.46 -29.26 3.95
CA ARG D 800 -19.90 -28.08 3.20
C ARG D 800 -18.82 -27.70 2.18
N PRO D 801 -19.15 -27.62 0.90
CA PRO D 801 -18.14 -27.23 -0.10
C PRO D 801 -17.72 -25.76 0.03
N ASN D 802 -16.58 -25.45 -0.61
CA ASN D 802 -16.15 -24.07 -0.76
C ASN D 802 -17.21 -23.29 -1.54
N LEU D 803 -17.36 -22.00 -1.21
CA LEU D 803 -18.14 -21.07 -2.02
C LEU D 803 -17.84 -21.19 -3.51
N HIS D 804 -16.55 -21.29 -3.87
CA HIS D 804 -16.19 -21.29 -5.29
C HIS D 804 -16.64 -22.55 -6.01
N THR D 805 -16.70 -23.68 -5.28
CA THR D 805 -17.26 -24.91 -5.85
C THR D 805 -18.75 -24.76 -6.12
N LEU D 806 -19.46 -24.11 -5.20
CA LEU D 806 -20.89 -23.86 -5.38
C LEU D 806 -21.13 -22.98 -6.60
N TYR D 807 -20.31 -21.92 -6.77
CA TYR D 807 -20.43 -21.05 -7.96
C TYR D 807 -20.18 -21.85 -9.24
N TRP D 808 -19.12 -22.67 -9.24
CA TRP D 808 -18.80 -23.46 -10.44
C TRP D 808 -19.94 -24.40 -10.81
N LYS D 809 -20.42 -25.20 -9.87
CA LYS D 809 -21.53 -26.10 -10.18
C LYS D 809 -22.75 -25.30 -10.64
N ALA D 810 -22.97 -24.11 -10.07
CA ALA D 810 -24.13 -23.33 -10.45
C ALA D 810 -24.12 -22.99 -11.94
N LEU D 811 -22.93 -22.88 -12.55
CA LEU D 811 -22.86 -22.51 -13.97
C LEU D 811 -23.70 -23.45 -14.82
N PHE D 812 -23.72 -24.73 -14.46
CA PHE D 812 -24.33 -25.73 -15.32
C PHE D 812 -25.64 -26.24 -14.76
N ASP D 813 -26.06 -25.74 -13.59
CA ASP D 813 -27.25 -26.22 -12.92
C ASP D 813 -28.51 -25.74 -13.67
N GLU D 814 -29.45 -26.66 -13.90
CA GLU D 814 -30.65 -26.34 -14.66
C GLU D 814 -31.48 -25.25 -14.00
N ARG D 815 -31.41 -25.12 -12.67
CA ARG D 815 -32.07 -24.00 -12.02
C ARG D 815 -31.41 -22.66 -12.33
N ASN D 816 -30.12 -22.67 -12.68
CA ASN D 816 -29.46 -21.44 -13.09
C ASN D 816 -29.75 -21.16 -14.56
N LEU D 817 -29.66 -22.19 -15.41
CA LEU D 817 -29.89 -22.02 -16.85
C LEU D 817 -31.31 -21.59 -17.17
N GLN D 818 -32.26 -21.82 -16.25
CA GLN D 818 -33.63 -21.37 -16.43
C GLN D 818 -33.72 -19.85 -16.43
N ASP D 819 -32.77 -19.20 -15.75
CA ASP D 819 -32.79 -17.75 -15.56
C ASP D 819 -31.40 -17.31 -15.05
N VAL D 820 -30.49 -17.07 -15.99
CA VAL D 820 -29.05 -17.15 -15.73
C VAL D 820 -28.61 -16.13 -14.70
N VAL D 821 -28.02 -16.61 -13.60
CA VAL D 821 -27.32 -15.77 -12.63
C VAL D 821 -25.81 -15.90 -12.81
N TYR D 822 -25.32 -17.14 -12.97
CA TYR D 822 -23.91 -17.47 -13.12
C TYR D 822 -23.64 -17.74 -14.59
N LYS D 823 -22.66 -17.05 -15.14
CA LYS D 823 -22.39 -17.14 -16.57
C LYS D 823 -20.90 -17.39 -16.78
N LEU D 824 -20.58 -18.30 -17.69
CA LEU D 824 -19.20 -18.66 -17.98
C LEU D 824 -18.62 -17.74 -19.05
N ASN D 825 -17.41 -17.22 -18.79
CA ASN D 825 -16.74 -16.25 -19.66
C ASN D 825 -15.60 -16.90 -20.45
N GLY D 826 -15.30 -16.34 -21.62
CA GLY D 826 -14.09 -16.67 -22.35
C GLY D 826 -12.84 -16.09 -21.68
N GLU D 827 -11.68 -16.43 -22.26
CA GLU D 827 -10.36 -16.00 -21.77
C GLU D 827 -9.98 -16.68 -20.45
N ALA D 828 -10.19 -17.99 -20.37
CA ALA D 828 -9.59 -18.79 -19.32
C ALA D 828 -8.11 -19.00 -19.63
N GLU D 829 -7.34 -19.38 -18.61
CA GLU D 829 -5.92 -19.63 -18.79
C GLU D 829 -5.54 -20.93 -18.11
N LEU D 830 -4.50 -21.61 -18.63
CA LEU D 830 -3.98 -22.84 -18.06
C LEU D 830 -2.53 -22.62 -17.61
N PHE D 831 -2.14 -23.24 -16.49
CA PHE D 831 -0.79 -23.04 -15.98
C PHE D 831 -0.19 -24.36 -15.57
N TYR D 832 1.14 -24.37 -15.55
CA TYR D 832 1.93 -25.49 -15.07
C TYR D 832 2.81 -24.98 -13.95
N ARG D 833 2.83 -25.69 -12.82
CA ARG D 833 3.75 -25.35 -11.74
C ARG D 833 4.63 -26.55 -11.41
N LYS D 834 5.95 -26.35 -11.51
CA LYS D 834 6.90 -27.39 -11.16
C LYS D 834 6.96 -27.60 -9.66
N GLN D 835 7.27 -28.84 -9.27
CA GLN D 835 7.55 -29.15 -7.88
C GLN D 835 8.58 -28.20 -7.29
N SER D 836 8.33 -27.72 -6.06
CA SER D 836 9.23 -26.77 -5.42
C SER D 836 9.85 -27.24 -4.11
N ILE D 837 9.40 -28.34 -3.52
CA ILE D 837 9.99 -28.86 -2.28
C ILE D 837 10.03 -30.39 -2.35
N PRO D 838 10.93 -31.00 -1.55
CA PRO D 838 11.02 -32.47 -1.55
C PRO D 838 9.80 -33.11 -0.91
N LYS D 839 9.47 -34.30 -1.39
CA LYS D 839 8.33 -35.06 -0.86
C LYS D 839 8.76 -35.77 0.42
N LYS D 840 8.63 -35.09 1.55
CA LYS D 840 8.94 -35.67 2.85
C LYS D 840 7.67 -36.23 3.50
N ILE D 841 7.71 -37.50 3.89
CA ILE D 841 6.57 -38.07 4.59
C ILE D 841 6.63 -37.65 6.07
N THR D 842 5.93 -36.56 6.40
CA THR D 842 6.06 -35.96 7.73
C THR D 842 5.38 -36.80 8.81
N HIS D 843 4.25 -37.42 8.50
CA HIS D 843 3.54 -38.23 9.48
C HIS D 843 3.16 -39.56 8.84
N PRO D 844 3.94 -40.61 9.08
CA PRO D 844 3.66 -41.90 8.43
C PRO D 844 2.37 -42.55 8.92
N ALA D 845 1.77 -43.34 8.03
CA ALA D 845 0.50 -44.00 8.28
C ALA D 845 0.56 -44.83 9.56
N LYS D 846 -0.51 -44.71 10.36
CA LYS D 846 -0.80 -45.56 11.51
C LYS D 846 0.09 -45.29 12.70
N GLU D 847 0.81 -44.17 12.68
CA GLU D 847 1.52 -43.67 13.84
C GLU D 847 0.77 -42.47 14.39
N ALA D 848 0.49 -42.49 15.68
CA ALA D 848 -0.31 -41.44 16.27
C ALA D 848 0.39 -40.09 16.12
N ILE D 849 -0.43 -39.04 15.97
CA ILE D 849 0.05 -37.68 15.86
C ILE D 849 -0.61 -36.86 16.95
N ALA D 850 0.17 -36.06 17.66
CA ALA D 850 -0.38 -35.22 18.71
C ALA D 850 -1.29 -34.17 18.09
N ASN D 851 -2.42 -33.92 18.74
CA ASN D 851 -3.30 -32.84 18.33
C ASN D 851 -2.87 -31.53 19.00
N LYS D 852 -2.93 -30.43 18.25
CA LYS D 852 -2.42 -29.19 18.81
C LYS D 852 -3.39 -28.57 19.81
N ASN D 853 -4.70 -28.76 19.62
CA ASN D 853 -5.69 -28.17 20.50
C ASN D 853 -5.66 -28.86 21.85
N LYS D 854 -5.22 -28.15 22.89
CA LYS D 854 -5.16 -28.71 24.24
C LYS D 854 -6.54 -28.96 24.84
N ASP D 855 -7.61 -28.43 24.26
CA ASP D 855 -8.97 -28.74 24.70
C ASP D 855 -9.61 -29.87 23.90
N ASN D 856 -8.87 -30.50 22.99
CA ASN D 856 -9.47 -31.53 22.14
C ASN D 856 -9.75 -32.77 22.99
N PRO D 857 -10.91 -33.40 22.84
CA PRO D 857 -11.11 -34.68 23.57
C PRO D 857 -10.13 -35.76 23.16
N LYS D 858 -9.67 -35.75 21.90
CA LYS D 858 -8.63 -36.65 21.44
C LYS D 858 -7.31 -35.91 21.54
N LYS D 859 -6.44 -36.38 22.44
CA LYS D 859 -5.10 -35.80 22.54
C LYS D 859 -4.24 -36.16 21.33
N GLU D 860 -4.58 -37.23 20.61
CA GLU D 860 -3.84 -37.59 19.42
C GLU D 860 -4.79 -38.21 18.40
N SER D 861 -4.36 -38.18 17.14
CA SER D 861 -5.09 -38.75 16.03
C SER D 861 -4.22 -39.77 15.30
N VAL D 862 -4.85 -40.74 14.65
CA VAL D 862 -4.10 -41.73 13.88
C VAL D 862 -4.82 -42.00 12.57
N PHE D 863 -4.06 -42.13 11.48
CA PHE D 863 -4.62 -42.25 10.15
C PHE D 863 -4.15 -43.53 9.46
N GLU D 864 -5.01 -44.10 8.61
CA GLU D 864 -4.62 -45.25 7.81
C GLU D 864 -3.73 -44.89 6.61
N TYR D 865 -3.35 -43.62 6.44
CA TYR D 865 -2.58 -43.18 5.28
C TYR D 865 -1.54 -42.18 5.75
N ASP D 866 -0.56 -41.88 4.88
CA ASP D 866 0.48 -40.90 5.17
C ASP D 866 -0.04 -39.47 5.13
N LEU D 867 0.63 -38.59 5.87
CA LEU D 867 0.35 -37.16 5.82
C LEU D 867 1.64 -36.43 5.49
N ILE D 868 1.59 -35.62 4.43
CA ILE D 868 2.77 -35.02 3.83
C ILE D 868 2.60 -33.51 3.91
N LYS D 869 3.49 -32.87 4.66
CA LYS D 869 3.46 -31.43 4.75
C LYS D 869 3.57 -30.81 3.36
N ASP D 870 2.66 -29.88 3.07
CA ASP D 870 2.73 -29.07 1.84
C ASP D 870 2.68 -29.95 0.60
N LYS D 871 1.84 -30.98 0.63
CA LYS D 871 1.89 -32.01 -0.41
C LYS D 871 1.67 -31.44 -1.81
N ARG D 872 0.81 -30.43 -1.94
CA ARG D 872 0.57 -29.85 -3.27
C ARG D 872 1.85 -29.32 -3.94
N PHE D 873 2.86 -28.95 -3.15
CA PHE D 873 4.11 -28.42 -3.69
C PHE D 873 5.17 -29.50 -3.93
N THR D 874 4.88 -30.77 -3.65
CA THR D 874 5.86 -31.84 -3.81
C THR D 874 5.74 -32.58 -5.14
N GLU D 875 4.92 -32.11 -6.07
CA GLU D 875 4.87 -32.71 -7.40
C GLU D 875 4.46 -31.63 -8.39
N ASP D 876 4.72 -31.89 -9.67
CA ASP D 876 4.28 -30.99 -10.73
C ASP D 876 2.76 -31.00 -10.86
N LYS D 877 2.19 -29.83 -11.18
CA LYS D 877 0.74 -29.71 -11.31
C LYS D 877 0.35 -28.80 -12.47
N PHE D 878 -0.85 -29.06 -13.01
CA PHE D 878 -1.54 -28.24 -13.99
C PHE D 878 -2.65 -27.48 -13.30
N PHE D 879 -2.96 -26.27 -13.79
CA PHE D 879 -4.03 -25.47 -13.20
C PHE D 879 -4.85 -24.79 -14.28
N PHE D 880 -6.04 -24.35 -13.88
CA PHE D 880 -7.08 -23.82 -14.75
C PHE D 880 -7.69 -22.62 -14.04
N HIS D 881 -7.51 -21.42 -14.60
CA HIS D 881 -8.14 -20.22 -14.10
C HIS D 881 -9.29 -19.86 -15.02
N CYS D 882 -10.48 -19.74 -14.47
CA CYS D 882 -11.68 -19.65 -15.30
C CYS D 882 -12.51 -18.45 -14.91
N PRO D 883 -12.67 -17.46 -15.79
CA PRO D 883 -13.49 -16.28 -15.44
C PRO D 883 -14.99 -16.57 -15.56
N ILE D 884 -15.76 -15.94 -14.65
CA ILE D 884 -17.20 -16.01 -14.68
C ILE D 884 -17.78 -14.62 -14.38
N THR D 885 -19.06 -14.46 -14.69
CA THR D 885 -19.81 -13.27 -14.33
C THR D 885 -20.95 -13.71 -13.41
N ILE D 886 -21.12 -12.97 -12.33
CA ILE D 886 -22.19 -13.23 -11.37
C ILE D 886 -23.24 -12.16 -11.51
N ASN D 887 -24.51 -12.54 -11.29
CA ASN D 887 -25.66 -11.65 -11.52
C ASN D 887 -25.68 -11.14 -12.97
N PHE D 888 -25.53 -12.09 -13.91
CA PHE D 888 -25.32 -11.78 -15.32
C PHE D 888 -26.36 -10.81 -15.89
N LYS D 889 -27.62 -10.94 -15.49
CA LYS D 889 -28.69 -10.11 -16.05
C LYS D 889 -29.05 -8.90 -15.19
N SER D 890 -28.27 -8.59 -14.17
CA SER D 890 -28.59 -7.49 -13.28
C SER D 890 -28.09 -6.15 -13.81
N SER D 891 -28.79 -5.09 -13.43
CA SER D 891 -28.51 -3.72 -13.85
C SER D 891 -27.70 -3.00 -12.76
N GLY D 892 -26.48 -2.56 -13.11
CA GLY D 892 -25.63 -1.76 -12.25
C GLY D 892 -26.45 -0.85 -11.35
N ALA D 893 -26.06 -0.77 -10.09
CA ALA D 893 -26.77 0.06 -9.13
C ALA D 893 -26.04 1.39 -9.11
N ASN D 894 -26.43 2.29 -10.01
CA ASN D 894 -25.81 3.60 -10.02
C ASN D 894 -26.26 4.45 -8.84
N LYS D 895 -27.47 4.22 -8.34
CA LYS D 895 -27.96 4.91 -7.15
C LYS D 895 -28.07 3.93 -5.98
N PHE D 896 -27.05 3.06 -5.83
CA PHE D 896 -27.10 2.03 -4.79
C PHE D 896 -27.21 2.66 -3.41
N ASN D 897 -26.32 3.62 -3.11
CA ASN D 897 -26.37 4.26 -1.79
C ASN D 897 -27.74 4.89 -1.53
N ASP D 898 -28.36 5.47 -2.56
CA ASP D 898 -29.67 6.09 -2.39
C ASP D 898 -30.73 5.05 -2.06
N GLU D 899 -30.64 3.86 -2.67
CA GLU D 899 -31.61 2.80 -2.38
C GLU D 899 -31.44 2.26 -0.96
N ILE D 900 -30.20 2.05 -0.54
CA ILE D 900 -29.93 1.67 0.85
C ILE D 900 -30.56 2.68 1.81
N ASN D 901 -30.30 3.97 1.57
CA ASN D 901 -30.77 5.01 2.50
C ASN D 901 -32.30 5.07 2.52
N LEU D 902 -32.96 4.88 1.37
CA LEU D 902 -34.40 4.77 1.35
C LEU D 902 -34.87 3.63 2.26
N LEU D 903 -34.24 2.46 2.15
CA LEU D 903 -34.61 1.33 3.01
C LEU D 903 -34.36 1.65 4.48
N LEU D 904 -33.19 2.20 4.79
CA LEU D 904 -32.87 2.49 6.18
C LEU D 904 -33.82 3.51 6.78
N LYS D 905 -34.36 4.42 5.97
CA LYS D 905 -35.34 5.38 6.48
C LYS D 905 -36.66 4.68 6.83
N GLU D 906 -37.14 3.81 5.94
CA GLU D 906 -38.39 3.10 6.19
C GLU D 906 -38.29 2.19 7.42
N LYS D 907 -37.14 1.54 7.60
CA LYS D 907 -36.99 0.53 8.64
C LYS D 907 -36.15 1.01 9.81
N ALA D 908 -36.02 2.33 9.99
CA ALA D 908 -35.05 2.87 10.91
C ALA D 908 -35.21 2.36 12.34
N ASN D 909 -36.39 1.89 12.70
CA ASN D 909 -36.60 1.42 14.07
C ASN D 909 -36.11 0.00 14.32
N ASP D 910 -35.79 -0.78 13.27
CA ASP D 910 -35.20 -2.11 13.42
C ASP D 910 -33.66 -2.11 13.34
N VAL D 911 -33.05 -1.00 12.95
CA VAL D 911 -31.64 -0.97 12.58
C VAL D 911 -30.75 -0.88 13.80
N HIS D 912 -29.69 -1.69 13.83
CA HIS D 912 -28.65 -1.57 14.83
C HIS D 912 -27.40 -0.99 14.18
N ILE D 913 -26.48 -0.53 15.02
CA ILE D 913 -25.21 0.03 14.56
C ILE D 913 -24.10 -0.89 15.04
N LEU D 914 -23.30 -1.39 14.10
CA LEU D 914 -22.12 -2.19 14.42
C LEU D 914 -20.92 -1.31 14.12
N SER D 915 -20.31 -0.79 15.17
CA SER D 915 -19.17 0.11 15.03
C SER D 915 -17.88 -0.58 15.48
N ILE D 916 -16.82 -0.36 14.69
CA ILE D 916 -15.56 -1.08 14.86
C ILE D 916 -14.41 -0.09 14.95
N ASP D 917 -13.58 -0.25 15.97
CA ASP D 917 -12.43 0.59 16.22
C ASP D 917 -11.17 -0.27 16.26
N ARG D 918 -10.04 0.37 16.54
CA ARG D 918 -8.77 -0.29 16.70
C ARG D 918 -7.97 0.49 17.73
N GLY D 919 -6.88 -0.10 18.19
CA GLY D 919 -6.06 0.54 19.19
C GLY D 919 -4.80 -0.24 19.40
N GLU D 920 -4.06 0.15 20.44
CA GLU D 920 -2.80 -0.50 20.74
C GLU D 920 -3.02 -1.96 21.11
N ARG D 921 -4.01 -2.24 21.98
CA ARG D 921 -4.26 -3.60 22.46
C ARG D 921 -5.19 -4.41 21.57
N HIS D 922 -5.78 -3.85 20.52
CA HIS D 922 -6.80 -4.58 19.75
C HIS D 922 -6.61 -4.35 18.27
N LEU D 923 -6.45 -5.44 17.51
CA LEU D 923 -6.47 -5.31 16.06
C LEU D 923 -7.78 -4.71 15.61
N ALA D 924 -8.87 -5.05 16.29
CA ALA D 924 -10.19 -4.47 16.04
C ALA D 924 -11.04 -4.75 17.28
N TYR D 925 -11.92 -3.80 17.60
CA TYR D 925 -12.84 -3.94 18.74
C TYR D 925 -14.21 -3.46 18.28
N TYR D 926 -15.26 -4.22 18.58
CA TYR D 926 -16.60 -3.89 18.09
C TYR D 926 -17.58 -3.65 19.24
N THR D 927 -18.58 -2.79 18.97
CA THR D 927 -19.78 -2.65 19.80
C THR D 927 -20.98 -2.71 18.88
N LEU D 928 -21.96 -3.55 19.21
CA LEU D 928 -23.27 -3.51 18.57
C LEU D 928 -24.21 -2.68 19.44
N VAL D 929 -24.84 -1.66 18.86
CA VAL D 929 -25.65 -0.73 19.63
C VAL D 929 -27.02 -0.59 18.97
N ASP D 930 -28.06 -0.46 19.80
CA ASP D 930 -29.41 -0.34 19.28
C ASP D 930 -29.71 1.13 19.00
N GLY D 931 -30.95 1.42 18.56
CA GLY D 931 -31.35 2.77 18.20
C GLY D 931 -31.39 3.75 19.37
N LYS D 932 -31.35 3.25 20.60
CA LYS D 932 -31.36 4.09 21.78
C LYS D 932 -29.97 4.38 22.31
N GLY D 933 -28.94 3.73 21.79
CA GLY D 933 -27.60 3.87 22.33
C GLY D 933 -27.21 2.84 23.37
N ASN D 934 -28.02 1.81 23.56
CA ASN D 934 -27.66 0.69 24.42
C ASN D 934 -26.67 -0.21 23.70
N ILE D 935 -25.62 -0.64 24.41
CA ILE D 935 -24.74 -1.66 23.85
C ILE D 935 -25.40 -3.02 24.03
N ILE D 936 -25.56 -3.75 22.93
CA ILE D 936 -26.12 -5.10 22.92
C ILE D 936 -25.03 -6.18 22.94
N LYS D 937 -23.88 -5.90 22.36
CA LYS D 937 -22.77 -6.83 22.26
C LYS D 937 -21.51 -6.00 22.13
N GLN D 938 -20.43 -6.45 22.74
CA GLN D 938 -19.18 -5.71 22.70
C GLN D 938 -18.05 -6.66 23.04
N ASP D 939 -16.98 -6.62 22.26
CA ASP D 939 -15.86 -7.52 22.49
C ASP D 939 -14.72 -7.11 21.57
N THR D 940 -13.51 -7.61 21.90
CA THR D 940 -12.37 -7.55 21.02
C THR D 940 -12.51 -8.60 19.92
N PHE D 941 -11.86 -8.33 18.79
CA PHE D 941 -11.68 -9.31 17.72
C PHE D 941 -10.32 -10.01 17.80
N ASN D 942 -9.52 -9.69 18.82
CA ASN D 942 -8.21 -10.31 18.97
C ASN D 942 -8.30 -11.84 19.01
N ILE D 943 -9.37 -12.36 19.62
CA ILE D 943 -9.65 -13.79 19.72
C ILE D 943 -11.03 -14.02 19.13
N ILE D 944 -11.14 -14.99 18.24
CA ILE D 944 -12.38 -15.17 17.51
C ILE D 944 -13.31 -16.09 18.29
N GLY D 945 -14.61 -15.80 18.22
CA GLY D 945 -15.60 -16.87 18.17
C GLY D 945 -15.62 -17.67 19.44
N ASN D 946 -15.80 -18.99 19.37
CA ASN D 946 -16.05 -19.96 18.24
C ASN D 946 -14.82 -20.45 17.47
N ASP D 947 -13.66 -19.88 17.73
CA ASP D 947 -12.42 -20.47 17.25
C ASP D 947 -11.94 -21.48 18.31
N ARG D 948 -11.93 -22.76 17.94
CA ARG D 948 -11.61 -23.82 18.90
C ARG D 948 -10.20 -23.69 19.45
N MET D 949 -9.27 -23.13 18.68
CA MET D 949 -7.88 -22.97 19.15
C MET D 949 -7.68 -21.78 20.09
N LYS D 950 -8.64 -20.86 20.15
CA LYS D 950 -8.50 -19.66 20.98
C LYS D 950 -7.24 -18.86 20.65
N THR D 951 -6.83 -18.85 19.37
CA THR D 951 -5.64 -18.11 18.99
C THR D 951 -5.80 -16.62 19.26
N ASN D 952 -4.83 -16.02 19.95
CA ASN D 952 -4.82 -14.56 20.09
C ASN D 952 -4.06 -13.97 18.90
N TYR D 953 -4.79 -13.46 17.92
CA TYR D 953 -4.13 -13.00 16.70
C TYR D 953 -3.35 -11.71 16.91
N HIS D 954 -3.66 -10.97 17.97
CA HIS D 954 -2.87 -9.79 18.30
C HIS D 954 -1.45 -10.18 18.69
N ASP D 955 -1.30 -11.25 19.47
CA ASP D 955 0.02 -11.77 19.78
C ASP D 955 0.69 -12.42 18.58
N LYS D 956 -0.09 -13.07 17.73
CA LYS D 956 0.50 -13.79 16.60
C LYS D 956 1.07 -12.84 15.57
N LEU D 957 0.35 -11.75 15.27
CA LEU D 957 0.80 -10.80 14.26
C LEU D 957 1.97 -9.96 14.78
N ALA D 958 1.92 -9.57 16.05
CA ALA D 958 3.04 -8.87 16.65
C ALA D 958 4.30 -9.71 16.63
N ALA D 959 4.16 -11.03 16.86
CA ALA D 959 5.32 -11.93 16.81
C ALA D 959 5.88 -12.06 15.39
N ILE D 960 5.01 -12.09 14.37
CA ILE D 960 5.48 -12.10 12.99
C ILE D 960 6.16 -10.78 12.64
N GLU D 961 5.60 -9.66 13.10
CA GLU D 961 6.17 -8.36 12.79
C GLU D 961 7.57 -8.21 13.40
N LYS D 962 7.76 -8.70 14.64
CA LYS D 962 9.09 -8.64 15.24
C LYS D 962 10.08 -9.56 14.53
N ASP D 963 9.63 -10.76 14.13
CA ASP D 963 10.53 -11.65 13.40
C ASP D 963 10.93 -11.05 12.05
N ARG D 964 10.06 -10.26 11.43
CA ARG D 964 10.40 -9.64 10.16
C ARG D 964 11.39 -8.51 10.35
N ASP D 965 11.24 -7.75 11.44
CA ASP D 965 12.17 -6.68 11.75
C ASP D 965 13.58 -7.22 12.01
N SER D 966 13.67 -8.34 12.73
CA SER D 966 14.97 -8.95 12.96
C SER D 966 15.58 -9.50 11.67
N ALA D 967 14.75 -10.06 10.79
CA ALA D 967 15.26 -10.60 9.53
C ALA D 967 15.88 -9.50 8.66
N ARG D 968 15.19 -8.37 8.52
CA ARG D 968 15.76 -7.23 7.81
C ARG D 968 17.13 -6.84 8.41
N LYS D 969 17.21 -6.73 9.74
CA LYS D 969 18.44 -6.32 10.39
C LYS D 969 19.55 -7.37 10.30
N ASP D 970 19.20 -8.66 10.29
CA ASP D 970 20.23 -9.69 10.17
C ASP D 970 20.47 -10.12 8.73
N TRP D 971 19.91 -9.42 7.74
CA TRP D 971 20.06 -9.79 6.34
C TRP D 971 19.46 -11.17 6.05
N LYS D 972 18.46 -11.59 6.82
CA LYS D 972 17.78 -12.87 6.62
C LYS D 972 16.52 -12.68 5.76
N LYS D 973 16.02 -13.79 5.23
CA LYS D 973 14.81 -13.74 4.40
C LYS D 973 13.67 -13.06 5.14
N ILE D 974 13.00 -12.13 4.45
CA ILE D 974 11.85 -11.42 5.00
C ILE D 974 10.60 -12.20 4.63
N ASN D 975 9.90 -12.73 5.65
CA ASN D 975 8.69 -13.50 5.40
C ASN D 975 7.53 -12.56 5.08
N ASN D 976 6.46 -13.14 4.54
CA ASN D 976 5.26 -12.37 4.24
C ASN D 976 4.37 -12.30 5.47
N ILE D 977 3.67 -11.17 5.62
CA ILE D 977 2.67 -11.03 6.64
C ILE D 977 1.25 -10.93 6.07
N LYS D 978 1.10 -10.60 4.79
CA LYS D 978 -0.25 -10.30 4.30
C LYS D 978 -1.14 -11.55 4.29
N GLU D 979 -0.59 -12.75 4.01
CA GLU D 979 -1.43 -13.95 4.03
C GLU D 979 -1.87 -14.26 5.45
N MET D 980 -0.96 -14.10 6.41
CA MET D 980 -1.32 -14.20 7.82
C MET D 980 -2.46 -13.23 8.17
N LYS D 981 -2.38 -11.97 7.72
CA LYS D 981 -3.46 -11.00 8.01
C LYS D 981 -4.75 -11.36 7.30
N GLU D 982 -4.68 -11.78 6.05
CA GLU D 982 -5.89 -12.12 5.32
C GLU D 982 -6.57 -13.35 5.91
N GLY D 983 -5.79 -14.30 6.40
CA GLY D 983 -6.39 -15.50 6.95
C GLY D 983 -7.09 -15.23 8.26
N TYR D 984 -6.49 -14.39 9.10
CA TYR D 984 -7.17 -13.92 10.31
C TYR D 984 -8.42 -13.15 9.95
N LEU D 985 -8.30 -12.20 9.02
CA LEU D 985 -9.41 -11.29 8.76
C LEU D 985 -10.56 -12.01 8.06
N SER D 986 -10.27 -13.10 7.33
CA SER D 986 -11.35 -13.87 6.75
C SER D 986 -12.30 -14.40 7.82
N GLN D 987 -11.81 -14.65 9.04
CA GLN D 987 -12.72 -15.10 10.08
C GLN D 987 -13.50 -13.93 10.67
N VAL D 988 -12.89 -12.75 10.72
CA VAL D 988 -13.57 -11.59 11.28
C VAL D 988 -14.68 -11.14 10.35
N VAL D 989 -14.39 -11.12 9.06
CA VAL D 989 -15.39 -10.77 8.04
C VAL D 989 -16.59 -11.71 8.15
N HIS D 990 -16.33 -13.01 8.30
CA HIS D 990 -17.42 -13.97 8.47
C HIS D 990 -18.30 -13.60 9.68
N GLU D 991 -17.68 -13.19 10.79
CA GLU D 991 -18.46 -12.84 11.97
C GLU D 991 -19.27 -11.57 11.75
N ILE D 992 -18.68 -10.57 11.09
CA ILE D 992 -19.41 -9.32 10.87
C ILE D 992 -20.62 -9.56 9.97
N ALA D 993 -20.45 -10.38 8.92
CA ALA D 993 -21.57 -10.65 8.01
C ALA D 993 -22.73 -11.35 8.73
N LYS D 994 -22.45 -12.28 9.65
CA LYS D 994 -23.56 -12.91 10.38
C LYS D 994 -24.26 -11.89 11.28
N LEU D 995 -23.49 -11.04 11.96
CA LEU D 995 -24.06 -10.02 12.84
C LEU D 995 -24.88 -9.00 12.08
N VAL D 996 -24.43 -8.60 10.87
CA VAL D 996 -25.21 -7.69 10.03
C VAL D 996 -26.58 -8.30 9.72
N ILE D 997 -26.61 -9.58 9.34
CA ILE D 997 -27.88 -10.14 8.88
C ILE D 997 -28.79 -10.42 10.07
N GLU D 998 -28.21 -10.95 11.15
CA GLU D 998 -28.98 -11.29 12.34
C GLU D 998 -29.62 -10.06 12.98
N TYR D 999 -28.94 -8.92 12.97
CA TYR D 999 -29.38 -7.75 13.74
C TYR D 999 -29.78 -6.55 12.89
N ASN D 1000 -30.00 -6.74 11.58
CA ASN D 1000 -30.31 -5.65 10.64
C ASN D 1000 -29.40 -4.45 10.88
N ALA D 1001 -28.10 -4.71 10.86
CA ALA D 1001 -27.12 -3.74 11.30
C ALA D 1001 -26.52 -2.99 10.12
N ILE D 1002 -26.06 -1.78 10.40
CA ILE D 1002 -25.15 -1.09 9.50
C ILE D 1002 -23.78 -1.12 10.15
N VAL D 1003 -22.74 -0.93 9.33
CA VAL D 1003 -21.37 -1.03 9.80
C VAL D 1003 -20.71 0.34 9.71
N VAL D 1004 -20.07 0.74 10.80
CA VAL D 1004 -19.51 2.09 10.92
C VAL D 1004 -18.06 1.97 11.32
N PHE D 1005 -17.18 2.57 10.51
CA PHE D 1005 -15.74 2.61 10.73
C PHE D 1005 -15.33 4.06 10.98
N ALA D 1006 -14.21 4.23 11.67
CA ALA D 1006 -13.60 5.54 11.80
C ALA D 1006 -12.83 5.90 10.53
N ASP D 1007 -12.97 7.15 10.09
CA ASP D 1007 -12.25 7.65 8.93
C ASP D 1007 -10.76 7.78 9.22
N LEU D 1008 -9.96 7.74 8.16
CA LEU D 1008 -8.50 7.93 8.30
C LEU D 1008 -7.86 8.36 6.99
N LYS D 1018 4.52 -5.47 9.45
CA LYS D 1018 4.16 -4.08 9.19
C LYS D 1018 2.96 -3.63 10.04
N VAL D 1019 3.07 -2.40 10.61
CA VAL D 1019 2.07 -1.76 11.46
C VAL D 1019 0.67 -2.21 11.09
N GLU D 1020 -0.06 -2.78 12.06
CA GLU D 1020 -1.32 -3.46 11.79
C GLU D 1020 -2.53 -2.54 11.79
N LYS D 1021 -2.35 -1.24 12.05
CA LYS D 1021 -3.38 -0.27 11.65
C LYS D 1021 -3.71 -0.43 10.16
N GLN D 1022 -2.78 -1.04 9.41
CA GLN D 1022 -3.07 -1.56 8.08
C GLN D 1022 -4.12 -2.66 8.11
N VAL D 1023 -4.15 -3.50 9.18
CA VAL D 1023 -5.17 -4.55 9.31
C VAL D 1023 -6.57 -3.94 9.31
N TYR D 1024 -6.74 -2.82 10.04
CA TYR D 1024 -8.01 -2.10 10.04
C TYR D 1024 -8.42 -1.71 8.62
N GLN D 1025 -7.49 -1.16 7.84
CA GLN D 1025 -7.80 -0.78 6.46
C GLN D 1025 -8.06 -2.01 5.59
N LYS D 1026 -7.30 -3.08 5.83
CA LYS D 1026 -7.53 -4.31 5.07
C LYS D 1026 -8.85 -4.97 5.48
N LEU D 1027 -9.22 -4.86 6.77
CA LEU D 1027 -10.53 -5.34 7.21
C LEU D 1027 -11.64 -4.64 6.45
N GLU D 1028 -11.59 -3.30 6.39
CA GLU D 1028 -12.57 -2.57 5.59
C GLU D 1028 -12.64 -3.13 4.17
N LYS D 1029 -11.47 -3.27 3.53
CA LYS D 1029 -11.43 -3.68 2.14
C LYS D 1029 -12.06 -5.07 1.95
N MET D 1030 -11.66 -6.05 2.78
CA MET D 1030 -12.24 -7.39 2.64
C MET D 1030 -13.74 -7.40 2.98
N LEU D 1031 -14.18 -6.56 3.92
CA LEU D 1031 -15.61 -6.54 4.24
C LEU D 1031 -16.44 -5.94 3.10
N ILE D 1032 -15.97 -4.86 2.48
CA ILE D 1032 -16.68 -4.29 1.34
C ILE D 1032 -16.82 -5.33 0.23
N GLU D 1033 -15.74 -6.05 -0.07
CA GLU D 1033 -15.78 -7.06 -1.13
C GLU D 1033 -16.74 -8.18 -0.79
N LYS D 1034 -16.69 -8.70 0.44
CA LYS D 1034 -17.64 -9.76 0.82
C LYS D 1034 -19.07 -9.26 0.72
N LEU D 1035 -19.35 -8.02 1.13
CA LEU D 1035 -20.73 -7.56 1.09
C LEU D 1035 -21.20 -7.16 -0.32
N ASN D 1036 -20.29 -7.11 -1.30
CA ASN D 1036 -20.69 -7.01 -2.70
C ASN D 1036 -21.51 -8.23 -3.14
N TYR D 1037 -21.27 -9.39 -2.52
CA TYR D 1037 -21.89 -10.63 -3.03
C TYR D 1037 -21.80 -11.68 -1.91
N LEU D 1038 -22.83 -11.74 -1.07
CA LEU D 1038 -22.79 -12.46 0.19
C LEU D 1038 -23.72 -13.68 0.13
N VAL D 1039 -23.14 -14.88 0.06
CA VAL D 1039 -23.89 -16.14 0.04
C VAL D 1039 -23.69 -16.84 1.39
N PHE D 1040 -24.80 -17.30 2.00
CA PHE D 1040 -24.73 -18.14 3.18
C PHE D 1040 -24.82 -19.59 2.73
N LYS D 1041 -23.76 -20.35 3.00
CA LYS D 1041 -23.71 -21.74 2.54
C LYS D 1041 -24.81 -22.61 3.12
N ASP D 1042 -25.40 -22.22 4.25
CA ASP D 1042 -26.48 -23.02 4.81
C ASP D 1042 -27.84 -22.70 4.21
N ASN D 1043 -27.99 -21.57 3.50
CA ASN D 1043 -29.28 -21.23 2.92
C ASN D 1043 -29.56 -22.11 1.70
N GLU D 1044 -30.85 -22.26 1.40
CA GLU D 1044 -31.24 -23.00 0.21
C GLU D 1044 -30.92 -22.22 -1.07
N PHE D 1045 -30.58 -22.97 -2.13
CA PHE D 1045 -30.18 -22.48 -3.44
C PHE D 1045 -31.03 -21.33 -3.98
N ASP D 1046 -32.34 -21.46 -3.89
CA ASP D 1046 -33.25 -20.54 -4.55
C ASP D 1046 -33.82 -19.48 -3.62
N LYS D 1047 -33.34 -19.41 -2.38
CA LYS D 1047 -33.89 -18.49 -1.39
C LYS D 1047 -32.86 -17.39 -1.07
N THR D 1048 -33.36 -16.32 -0.44
CA THR D 1048 -32.54 -15.18 -0.05
C THR D 1048 -31.29 -15.58 0.71
N GLY D 1049 -30.15 -15.17 0.21
CA GLY D 1049 -28.87 -15.48 0.82
C GLY D 1049 -28.26 -16.76 0.31
N GLY D 1050 -29.00 -17.51 -0.50
CA GLY D 1050 -28.49 -18.72 -1.13
C GLY D 1050 -27.75 -18.37 -2.39
N VAL D 1051 -27.41 -19.41 -3.14
CA VAL D 1051 -26.50 -19.28 -4.27
C VAL D 1051 -27.11 -18.40 -5.36
N LEU D 1052 -28.39 -18.62 -5.70
CA LEU D 1052 -28.99 -17.80 -6.75
C LEU D 1052 -29.45 -16.42 -6.28
N ARG D 1053 -29.44 -16.12 -4.97
CA ARG D 1053 -29.98 -14.85 -4.47
C ARG D 1053 -29.06 -14.23 -3.41
N ALA D 1054 -27.79 -14.02 -3.77
CA ALA D 1054 -26.85 -13.48 -2.80
C ALA D 1054 -27.22 -12.07 -2.36
N TYR D 1055 -26.95 -11.77 -1.10
CA TYR D 1055 -27.09 -10.41 -0.62
C TYR D 1055 -26.03 -9.52 -1.24
N GLN D 1056 -26.45 -8.30 -1.61
CA GLN D 1056 -25.54 -7.23 -2.00
C GLN D 1056 -25.86 -6.03 -1.13
N LEU D 1057 -24.94 -5.69 -0.22
CA LEU D 1057 -25.15 -4.68 0.80
C LEU D 1057 -24.14 -3.55 0.74
N THR D 1058 -23.09 -3.68 -0.07
CA THR D 1058 -22.22 -2.53 -0.33
C THR D 1058 -22.29 -2.20 -1.81
N ALA D 1059 -21.86 -0.98 -2.13
CA ALA D 1059 -21.88 -0.53 -3.51
C ALA D 1059 -20.74 -1.16 -4.29
N PRO D 1060 -20.88 -1.28 -5.62
CA PRO D 1060 -19.77 -1.78 -6.45
C PRO D 1060 -18.52 -0.92 -6.29
N PHE D 1061 -17.38 -1.56 -6.04
CA PHE D 1061 -16.14 -0.84 -5.73
C PHE D 1061 -15.40 -0.45 -7.01
N GLU D 1062 -15.17 0.84 -7.19
CA GLU D 1062 -14.35 1.35 -8.30
C GLU D 1062 -12.98 1.75 -7.81
N THR D 1063 -12.92 2.89 -7.13
CA THR D 1063 -11.71 3.36 -6.47
C THR D 1063 -12.09 3.90 -5.11
N PHE D 1064 -11.07 4.26 -4.34
CA PHE D 1064 -11.33 4.88 -3.05
C PHE D 1064 -11.64 6.37 -3.19
N LYS D 1065 -11.05 7.09 -4.14
CA LYS D 1065 -11.43 8.49 -4.31
C LYS D 1065 -12.87 8.62 -4.78
N LYS D 1066 -13.32 7.72 -5.65
CA LYS D 1066 -14.72 7.75 -6.03
C LYS D 1066 -15.65 7.24 -4.94
N MET D 1067 -15.11 6.65 -3.86
CA MET D 1067 -16.00 5.94 -2.93
C MET D 1067 -16.72 6.89 -1.98
N GLY D 1068 -16.06 7.95 -1.52
CA GLY D 1068 -16.78 8.78 -0.56
C GLY D 1068 -16.82 8.19 0.85
N LYS D 1069 -17.85 8.59 1.60
CA LYS D 1069 -17.96 8.23 3.00
C LYS D 1069 -19.02 7.17 3.27
N GLN D 1070 -19.65 6.63 2.23
CA GLN D 1070 -20.61 5.52 2.36
C GLN D 1070 -20.47 4.59 1.17
N THR D 1071 -20.44 3.29 1.43
CA THR D 1071 -20.70 2.30 0.39
C THR D 1071 -21.74 1.35 0.98
N GLY D 1072 -22.97 1.50 0.53
CA GLY D 1072 -24.07 0.68 1.02
C GLY D 1072 -24.31 0.86 2.51
N ILE D 1073 -24.28 -0.25 3.24
CA ILE D 1073 -24.51 -0.21 4.68
C ILE D 1073 -23.24 0.09 5.46
N ILE D 1074 -22.13 0.41 4.78
CA ILE D 1074 -20.90 0.80 5.46
C ILE D 1074 -20.76 2.32 5.41
N TYR D 1075 -20.50 2.93 6.57
CA TYR D 1075 -20.34 4.38 6.68
C TYR D 1075 -19.03 4.67 7.38
N TYR D 1076 -18.36 5.73 6.95
CA TYR D 1076 -17.13 6.21 7.57
C TYR D 1076 -17.42 7.51 8.31
N VAL D 1077 -17.02 7.61 9.57
CA VAL D 1077 -17.28 8.81 10.37
C VAL D 1077 -15.97 9.40 10.87
N PRO D 1078 -15.90 10.71 11.13
CA PRO D 1078 -14.66 11.31 11.63
C PRO D 1078 -14.21 10.69 12.95
N ALA D 1079 -12.90 10.64 13.13
CA ALA D 1079 -12.31 9.88 14.23
C ALA D 1079 -12.28 10.65 15.55
N GLY D 1080 -12.40 11.97 15.51
CA GLY D 1080 -12.00 12.77 16.66
C GLY D 1080 -12.91 12.61 17.87
N PHE D 1081 -12.29 12.57 19.04
CA PHE D 1081 -12.99 12.65 20.32
C PHE D 1081 -13.88 11.44 20.55
N THR D 1082 -13.34 10.25 20.24
CA THR D 1082 -14.12 9.04 20.42
C THR D 1082 -13.64 8.16 21.56
N SER D 1083 -12.36 8.24 21.95
CA SER D 1083 -11.87 7.41 23.05
C SER D 1083 -11.90 8.13 24.40
N LYS D 1084 -11.40 9.38 24.47
CA LYS D 1084 -11.32 10.07 25.76
C LYS D 1084 -12.53 10.98 25.93
N ILE D 1085 -13.64 10.37 26.31
CA ILE D 1085 -14.93 11.04 26.40
C ILE D 1085 -15.85 10.18 27.26
N CYS D 1086 -16.52 10.83 28.20
CA CYS D 1086 -17.40 10.12 29.12
C CYS D 1086 -18.63 9.62 28.37
N PRO D 1087 -18.98 8.34 28.50
CA PRO D 1087 -20.13 7.81 27.74
C PRO D 1087 -21.48 8.17 28.33
N VAL D 1088 -21.50 8.81 29.48
CA VAL D 1088 -22.75 9.22 30.13
C VAL D 1088 -22.95 10.72 30.01
N THR D 1089 -21.94 11.49 30.35
CA THR D 1089 -22.09 12.94 30.32
C THR D 1089 -21.64 13.56 29.02
N GLY D 1090 -20.85 12.85 28.22
CA GLY D 1090 -20.28 13.45 27.03
C GLY D 1090 -19.12 14.38 27.28
N PHE D 1091 -18.56 14.39 28.49
CA PHE D 1091 -17.51 15.35 28.81
C PHE D 1091 -16.21 15.00 28.13
N VAL D 1092 -15.50 16.04 27.70
CA VAL D 1092 -14.21 15.94 27.04
C VAL D 1092 -13.29 17.01 27.59
N ASN D 1093 -12.05 16.63 27.90
CA ASN D 1093 -11.04 17.59 28.32
C ASN D 1093 -10.56 18.40 27.13
N GLN D 1094 -11.00 19.65 27.05
CA GLN D 1094 -10.48 20.62 26.08
C GLN D 1094 -9.69 21.74 26.75
N LEU D 1095 -9.38 21.60 28.04
CA LEU D 1095 -8.58 22.61 28.73
C LEU D 1095 -7.13 22.58 28.25
N TYR D 1096 -6.59 21.39 28.04
CA TYR D 1096 -5.20 21.21 27.61
C TYR D 1096 -4.22 21.90 28.57
N PRO D 1097 -4.29 21.59 29.88
CA PRO D 1097 -3.45 22.30 30.86
C PRO D 1097 -2.01 21.81 30.84
N LYS D 1098 -1.12 22.61 30.27
CA LYS D 1098 0.33 22.44 30.38
C LYS D 1098 0.92 23.76 30.86
N TYR D 1099 1.95 23.69 31.67
CA TYR D 1099 2.40 24.83 32.45
C TYR D 1099 3.61 25.54 31.83
N GLU D 1100 3.68 26.85 32.03
CA GLU D 1100 4.88 27.61 31.69
C GLU D 1100 5.07 28.82 32.61
N SER D 1101 4.19 29.82 32.55
CA SER D 1101 4.41 31.08 33.27
C SER D 1101 3.60 31.10 34.56
N VAL D 1102 4.11 31.85 35.56
CA VAL D 1102 3.44 31.84 36.86
C VAL D 1102 2.27 32.81 36.90
N SER D 1103 2.18 33.77 35.98
CA SER D 1103 0.97 34.57 35.90
C SER D 1103 -0.07 33.99 34.94
N LYS D 1104 0.35 33.37 33.84
CA LYS D 1104 -0.61 32.67 32.99
C LYS D 1104 -1.32 31.57 33.77
N SER D 1105 -0.61 30.92 34.69
CA SER D 1105 -1.27 29.97 35.57
C SER D 1105 -2.17 30.69 36.57
N GLN D 1106 -1.65 31.74 37.21
CA GLN D 1106 -2.50 32.60 38.04
C GLN D 1106 -3.65 33.18 37.23
N GLU D 1107 -3.42 33.42 35.93
CA GLU D 1107 -4.51 33.79 35.04
C GLU D 1107 -5.41 32.60 34.74
N PHE D 1108 -4.83 31.42 34.53
CA PHE D 1108 -5.60 30.23 34.18
C PHE D 1108 -6.60 29.86 35.28
N PHE D 1109 -6.23 30.05 36.54
CA PHE D 1109 -7.03 29.49 37.62
C PHE D 1109 -8.10 30.45 38.14
N SER D 1110 -7.82 31.75 38.19
CA SER D 1110 -8.89 32.69 38.47
C SER D 1110 -9.89 32.78 37.33
N LYS D 1111 -9.59 32.17 36.19
CA LYS D 1111 -10.49 31.98 35.07
C LYS D 1111 -11.60 30.94 35.36
N PHE D 1112 -11.76 30.49 36.59
CA PHE D 1112 -12.77 29.52 36.97
C PHE D 1112 -14.03 30.22 37.49
N ASP D 1113 -15.10 29.44 37.67
CA ASP D 1113 -16.31 29.93 38.32
C ASP D 1113 -16.24 29.77 39.82
N LYS D 1114 -15.94 28.56 40.27
CA LYS D 1114 -15.66 28.27 41.67
C LYS D 1114 -14.75 27.06 41.75
N ILE D 1115 -13.81 27.10 42.67
CA ILE D 1115 -13.10 25.92 43.14
C ILE D 1115 -13.46 25.76 44.59
N CYS D 1116 -13.78 24.54 45.01
CA CYS D 1116 -14.46 24.36 46.28
C CYS D 1116 -14.20 22.97 46.81
N TYR D 1117 -14.69 22.72 48.02
CA TYR D 1117 -14.61 21.41 48.66
C TYR D 1117 -16.00 21.02 49.17
N ASN D 1118 -16.36 19.77 48.98
CA ASN D 1118 -17.62 19.20 49.44
C ASN D 1118 -17.30 17.94 50.26
N LEU D 1119 -17.50 18.01 51.60
CA LEU D 1119 -17.16 16.87 52.46
C LEU D 1119 -18.36 15.98 52.74
N ASP D 1120 -19.56 16.34 52.30
CA ASP D 1120 -20.58 15.32 52.16
C ASP D 1120 -20.01 14.15 51.37
N LYS D 1121 -19.18 14.46 50.37
CA LYS D 1121 -18.63 13.45 49.48
C LYS D 1121 -17.11 13.33 49.54
N GLY D 1122 -16.40 14.25 50.20
CA GLY D 1122 -14.98 14.07 50.44
C GLY D 1122 -14.07 14.33 49.26
N TYR D 1123 -14.44 15.26 48.38
CA TYR D 1123 -13.60 15.57 47.24
C TYR D 1123 -13.81 17.02 46.82
N PHE D 1124 -12.87 17.51 46.00
CA PHE D 1124 -12.85 18.88 45.54
C PHE D 1124 -13.67 19.05 44.26
N GLU D 1125 -13.89 20.29 43.87
CA GLU D 1125 -14.71 20.61 42.72
C GLU D 1125 -14.10 21.76 41.92
N PHE D 1126 -14.25 21.69 40.60
CA PHE D 1126 -13.77 22.72 39.68
C PHE D 1126 -14.93 23.04 38.74
N SER D 1127 -15.73 24.02 39.11
CA SER D 1127 -16.79 24.50 38.23
C SER D 1127 -16.21 25.55 37.28
N PHE D 1128 -16.57 25.43 36.01
CA PHE D 1128 -16.09 26.36 35.00
C PHE D 1128 -16.95 26.23 33.75
N ASP D 1129 -16.95 27.30 32.94
CA ASP D 1129 -17.47 27.25 31.59
C ASP D 1129 -16.31 27.35 30.61
N TYR D 1130 -16.37 26.53 29.57
CA TYR D 1130 -15.28 26.42 28.60
C TYR D 1130 -15.08 27.69 27.78
N LYS D 1131 -16.12 28.52 27.64
CA LYS D 1131 -15.98 29.74 26.83
C LYS D 1131 -15.11 30.78 27.54
N ASN D 1132 -15.19 30.86 28.87
CA ASN D 1132 -14.34 31.78 29.62
C ASN D 1132 -12.86 31.41 29.54
N PHE D 1133 -12.54 30.29 28.91
CA PHE D 1133 -11.17 29.92 28.56
C PHE D 1133 -10.95 30.24 27.09
N GLY D 1134 -9.66 30.36 26.72
CA GLY D 1134 -9.31 30.98 25.44
C GLY D 1134 -9.92 30.28 24.24
N ASP D 1135 -9.93 28.95 24.25
CA ASP D 1135 -10.59 28.15 23.21
C ASP D 1135 -12.10 28.39 23.24
N LYS D 1136 -12.62 29.01 22.18
CA LYS D 1136 -14.06 29.31 22.10
C LYS D 1136 -14.83 28.23 21.34
N ALA D 1137 -14.11 27.29 20.72
CA ALA D 1137 -14.77 26.11 20.18
C ALA D 1137 -15.51 25.33 21.27
N ALA D 1138 -14.94 25.31 22.48
CA ALA D 1138 -15.46 24.50 23.56
C ALA D 1138 -16.66 25.18 24.23
N LYS D 1139 -17.76 24.44 24.35
CA LYS D 1139 -19.03 24.90 24.92
C LYS D 1139 -19.27 24.22 26.27
N GLY D 1140 -20.20 24.79 27.03
CA GLY D 1140 -20.75 24.13 28.19
C GLY D 1140 -20.06 24.40 29.51
N LYS D 1141 -20.84 24.43 30.59
CA LYS D 1141 -20.32 24.53 31.94
C LYS D 1141 -20.20 23.12 32.53
N TRP D 1142 -19.06 22.84 33.13
CA TRP D 1142 -18.81 21.55 33.73
C TRP D 1142 -18.28 21.74 35.15
N THR D 1143 -18.58 20.76 36.00
CA THR D 1143 -18.00 20.66 37.34
C THR D 1143 -17.32 19.31 37.42
N ILE D 1144 -15.98 19.32 37.45
CA ILE D 1144 -15.20 18.10 37.52
C ILE D 1144 -14.78 17.87 38.96
N ALA D 1145 -14.53 16.62 39.31
CA ALA D 1145 -14.32 16.24 40.70
C ALA D 1145 -13.08 15.37 40.81
N SER D 1146 -12.54 15.34 42.02
CA SER D 1146 -11.32 14.63 42.33
C SER D 1146 -11.58 13.16 42.68
N PHE D 1147 -12.82 12.72 42.48
CA PHE D 1147 -13.27 11.38 42.84
C PHE D 1147 -12.49 10.30 42.09
N GLY D 1148 -12.02 9.29 42.84
CA GLY D 1148 -11.57 8.04 42.25
C GLY D 1148 -10.06 7.86 42.22
N SER D 1149 -9.68 6.67 41.75
CA SER D 1149 -8.32 6.24 41.40
C SER D 1149 -7.83 6.90 40.09
N ARG D 1150 -6.53 6.74 39.80
CA ARG D 1150 -5.91 7.09 38.51
C ARG D 1150 -4.50 6.52 38.47
N LEU D 1151 -3.95 6.35 37.24
CA LEU D 1151 -2.65 5.71 37.02
C LEU D 1151 -1.73 6.58 36.15
N ILE D 1152 -0.41 6.37 36.31
CA ILE D 1152 0.62 7.16 35.62
C ILE D 1152 1.86 6.30 35.33
N ASN D 1153 2.42 6.40 34.10
CA ASN D 1153 3.68 5.74 33.78
C ASN D 1153 4.84 6.74 33.77
N PHE D 1154 6.03 6.15 33.72
CA PHE D 1154 7.33 6.83 33.64
C PHE D 1154 8.34 5.77 33.17
N ARG D 1155 9.63 6.02 33.39
CA ARG D 1155 10.65 5.02 33.14
C ARG D 1155 11.65 4.98 34.29
N ASN D 1156 11.68 3.86 34.99
CA ASN D 1156 12.69 3.43 35.97
C ASN D 1156 14.01 4.20 35.88
N ASP D 1164 7.56 2.03 33.88
CA ASP D 1164 6.74 1.50 34.96
C ASP D 1164 5.64 2.49 35.36
N THR D 1165 4.48 1.96 35.80
CA THR D 1165 3.30 2.76 36.12
C THR D 1165 2.87 2.53 37.57
N ARG D 1166 2.45 3.62 38.23
CA ARG D 1166 2.08 3.65 39.64
C ARG D 1166 0.62 4.07 39.80
N GLU D 1167 0.13 4.04 41.04
CA GLU D 1167 -1.24 4.46 41.35
C GLU D 1167 -1.24 5.67 42.27
N VAL D 1168 -2.13 6.63 41.97
CA VAL D 1168 -2.21 7.93 42.64
C VAL D 1168 -3.68 8.26 42.85
N TYR D 1169 -3.97 9.01 43.91
CA TYR D 1169 -5.33 9.47 44.21
C TYR D 1169 -5.33 11.00 44.22
N PRO D 1170 -6.01 11.65 43.28
CA PRO D 1170 -5.87 13.11 43.19
C PRO D 1170 -6.49 13.86 44.38
N THR D 1171 -7.62 13.40 44.90
CA THR D 1171 -8.29 14.16 45.95
C THR D 1171 -7.54 14.18 47.28
N LYS D 1172 -6.44 13.45 47.44
CA LYS D 1172 -5.64 13.57 48.66
C LYS D 1172 -4.19 13.94 48.42
N GLU D 1173 -3.62 13.62 47.26
CA GLU D 1173 -2.37 14.32 46.95
C GLU D 1173 -2.59 15.83 46.80
N LEU D 1174 -3.84 16.26 46.86
CA LEU D 1174 -4.18 17.67 46.95
C LEU D 1174 -3.87 18.25 48.33
N GLU D 1175 -4.01 17.44 49.40
CA GLU D 1175 -3.81 17.97 50.75
C GLU D 1175 -2.37 18.27 51.05
N LYS D 1176 -1.47 17.53 50.46
CA LYS D 1176 -0.06 17.87 50.60
C LYS D 1176 0.27 19.17 49.85
N LEU D 1177 -0.43 19.46 48.76
CA LEU D 1177 -0.34 20.79 48.15
C LEU D 1177 -0.99 21.85 49.03
N LEU D 1178 -1.77 21.45 50.02
CA LEU D 1178 -2.39 22.42 50.92
C LEU D 1178 -1.68 22.48 52.27
N LYS D 1179 -0.95 21.43 52.63
CA LYS D 1179 -0.16 21.46 53.85
C LYS D 1179 1.09 22.30 53.69
N ASP D 1180 1.77 22.20 52.54
CA ASP D 1180 3.01 22.96 52.36
C ASP D 1180 2.75 24.45 52.22
N TYR D 1181 1.57 24.84 51.72
CA TYR D 1181 1.22 26.26 51.57
C TYR D 1181 0.05 26.65 52.46
N SER D 1182 -0.25 25.83 53.46
CA SER D 1182 -1.04 26.24 54.63
C SER D 1182 -2.43 26.73 54.29
N ILE D 1183 -2.88 26.51 53.05
CA ILE D 1183 -4.32 26.56 52.69
C ILE D 1183 -5.14 25.79 53.74
N GLU D 1184 -6.40 26.14 53.85
CA GLU D 1184 -7.35 25.29 54.52
C GLU D 1184 -8.74 25.44 53.95
N TYR D 1185 -9.37 24.27 53.72
CA TYR D 1185 -10.58 24.02 52.95
C TYR D 1185 -11.56 23.22 53.77
N GLY D 1186 -11.22 22.94 55.03
CA GLY D 1186 -11.78 21.79 55.71
C GLY D 1186 -13.28 21.84 55.87
N HIS D 1187 -13.85 23.04 56.00
CA HIS D 1187 -15.25 23.21 56.38
C HIS D 1187 -16.13 23.69 55.24
N GLY D 1188 -15.72 23.44 53.99
CA GLY D 1188 -16.51 23.84 52.83
C GLY D 1188 -16.10 25.13 52.16
N GLU D 1189 -14.95 25.69 52.53
CA GLU D 1189 -14.49 26.97 51.99
C GLU D 1189 -14.44 26.93 50.46
N CYS D 1190 -14.86 28.04 49.85
CA CYS D 1190 -14.66 28.25 48.42
C CYS D 1190 -13.22 28.68 48.21
N ILE D 1191 -12.43 27.80 47.61
CA ILE D 1191 -10.98 27.86 47.71
C ILE D 1191 -10.43 28.69 46.56
N LYS D 1192 -11.30 29.24 45.70
CA LYS D 1192 -10.82 29.83 44.44
C LYS D 1192 -9.80 30.95 44.68
N ALA D 1193 -10.07 31.87 45.63
CA ALA D 1193 -9.22 33.05 45.78
C ALA D 1193 -7.78 32.72 46.19
N ALA D 1194 -7.58 31.71 47.05
CA ALA D 1194 -6.25 31.45 47.65
C ALA D 1194 -5.20 31.06 46.61
N ILE D 1195 -5.49 30.05 45.78
CA ILE D 1195 -4.52 29.61 44.79
C ILE D 1195 -4.12 30.76 43.86
N CYS D 1196 -5.06 31.63 43.45
CA CYS D 1196 -4.71 32.78 42.59
C CYS D 1196 -3.81 33.82 43.28
N GLY D 1197 -3.63 33.70 44.58
CA GLY D 1197 -2.83 34.65 45.31
C GLY D 1197 -1.65 33.99 45.96
N GLU D 1198 -1.07 33.05 45.21
CA GLU D 1198 0.21 32.44 45.52
C GLU D 1198 1.08 32.54 44.28
N SER D 1199 2.38 32.32 44.46
CA SER D 1199 3.28 32.32 43.31
C SER D 1199 4.63 31.70 43.61
N ASP D 1200 4.70 30.80 44.58
CA ASP D 1200 5.70 29.76 44.47
C ASP D 1200 5.58 29.14 43.08
N LYS D 1201 6.67 29.09 42.33
CA LYS D 1201 6.57 28.68 40.94
C LYS D 1201 5.99 27.27 40.80
N LYS D 1202 6.36 26.38 41.73
CA LYS D 1202 6.02 24.96 41.64
C LYS D 1202 4.86 24.52 42.54
N PHE D 1203 4.35 25.39 43.42
CA PHE D 1203 3.03 25.12 43.97
C PHE D 1203 2.02 24.98 42.84
N PHE D 1204 2.17 25.81 41.82
CA PHE D 1204 1.37 25.65 40.62
C PHE D 1204 1.71 24.37 39.87
N ALA D 1205 3.00 24.03 39.78
CA ALA D 1205 3.44 22.85 39.03
C ALA D 1205 2.76 21.59 39.53
N LYS D 1206 2.59 21.44 40.85
CA LYS D 1206 1.81 20.31 41.35
C LYS D 1206 0.34 20.50 41.03
N LEU D 1207 -0.18 21.71 41.26
CA LEU D 1207 -1.61 21.96 41.06
C LEU D 1207 -2.03 21.74 39.62
N THR D 1208 -1.25 22.22 38.65
CA THR D 1208 -1.57 21.94 37.25
C THR D 1208 -1.46 20.46 36.96
N SER D 1209 -0.44 19.81 37.49
CA SER D 1209 -0.26 18.38 37.25
C SER D 1209 -1.36 17.54 37.87
N VAL D 1210 -1.84 17.88 39.08
CA VAL D 1210 -2.94 17.11 39.63
C VAL D 1210 -4.27 17.49 39.01
N LEU D 1211 -4.35 18.63 38.30
CA LEU D 1211 -5.60 18.93 37.62
C LEU D 1211 -5.77 18.10 36.35
N ASN D 1212 -4.68 17.88 35.59
CA ASN D 1212 -4.82 17.05 34.41
C ASN D 1212 -4.84 15.55 34.77
N THR D 1213 -4.39 15.19 35.96
CA THR D 1213 -4.70 13.83 36.41
C THR D 1213 -6.20 13.67 36.59
N ILE D 1214 -6.90 14.74 36.96
CA ILE D 1214 -8.36 14.70 37.08
C ILE D 1214 -8.99 14.46 35.72
N LEU D 1215 -8.47 15.11 34.68
CA LEU D 1215 -9.01 15.01 33.33
C LEU D 1215 -8.56 13.76 32.59
N GLN D 1216 -7.58 13.03 33.10
CA GLN D 1216 -7.12 11.78 32.50
C GLN D 1216 -8.17 10.72 32.81
N MET D 1217 -9.02 10.41 31.82
CA MET D 1217 -10.11 9.46 32.01
C MET D 1217 -9.72 8.04 31.62
N ARG D 1218 -8.85 7.91 30.64
CA ARG D 1218 -8.35 6.63 30.21
C ARG D 1218 -7.10 6.31 31.04
N ASN D 1219 -7.08 5.13 31.62
CA ASN D 1219 -6.15 4.80 32.71
C ASN D 1219 -5.60 3.41 32.49
N SER D 1220 -4.34 3.31 32.08
CA SER D 1220 -3.76 2.04 31.66
C SER D 1220 -2.57 1.65 32.54
N LYS D 1221 -2.35 0.34 32.63
CA LYS D 1221 -1.19 -0.22 33.30
C LYS D 1221 -0.29 -0.89 32.27
N THR D 1222 1.02 -0.96 32.59
CA THR D 1222 1.95 -1.69 31.74
C THR D 1222 1.66 -3.18 31.71
N GLY D 1223 0.69 -3.65 32.50
CA GLY D 1223 0.39 -5.06 32.67
C GLY D 1223 -0.35 -5.64 31.47
N THR D 1224 -0.54 -6.96 31.50
CA THR D 1224 -1.44 -7.61 30.55
C THR D 1224 -2.88 -7.20 30.76
N GLU D 1225 -3.21 -6.62 31.92
CA GLU D 1225 -4.58 -6.25 32.22
C GLU D 1225 -5.09 -5.20 31.22
N LEU D 1226 -6.42 -5.10 31.14
CA LEU D 1226 -7.05 -4.10 30.29
C LEU D 1226 -6.93 -2.71 30.90
N ASP D 1227 -7.48 -1.71 30.23
CA ASP D 1227 -7.48 -0.38 30.78
C ASP D 1227 -8.91 0.17 30.79
N TYR D 1228 -9.24 0.89 31.87
CA TYR D 1228 -10.59 1.31 32.18
C TYR D 1228 -10.80 2.79 31.87
N LEU D 1229 -12.05 3.22 31.86
CA LEU D 1229 -12.36 4.62 31.63
C LEU D 1229 -13.15 5.12 32.83
N ILE D 1230 -12.67 6.20 33.44
CA ILE D 1230 -13.26 6.81 34.64
C ILE D 1230 -13.63 8.27 34.33
N SER D 1231 -14.77 8.69 34.81
CA SER D 1231 -15.20 10.04 34.45
C SER D 1231 -15.24 10.94 35.69
N PRO D 1232 -14.65 12.14 35.63
CA PRO D 1232 -14.76 13.09 36.73
C PRO D 1232 -15.99 13.99 36.71
N VAL D 1233 -16.99 13.70 35.89
CA VAL D 1233 -18.21 14.52 35.81
C VAL D 1233 -19.40 13.64 36.22
N ALA D 1234 -20.20 14.13 37.16
CA ALA D 1234 -21.28 13.34 37.73
C ALA D 1234 -22.56 13.44 36.91
N ASP D 1235 -23.34 12.37 36.92
CA ASP D 1235 -24.62 12.33 36.21
C ASP D 1235 -25.68 13.04 37.07
N VAL D 1236 -26.94 12.83 36.70
CA VAL D 1236 -28.04 13.44 37.45
C VAL D 1236 -28.12 12.85 38.87
N ASN D 1237 -27.96 11.52 39.02
CA ASN D 1237 -27.91 10.87 40.33
C ASN D 1237 -26.60 11.14 41.06
N GLY D 1238 -25.72 11.94 40.46
CA GLY D 1238 -24.46 12.29 41.07
C GLY D 1238 -23.43 11.18 41.08
N ASN D 1239 -23.69 10.06 40.41
CA ASN D 1239 -22.70 9.00 40.36
C ASN D 1239 -21.69 9.22 39.22
N PHE D 1240 -20.53 8.60 39.37
CA PHE D 1240 -19.41 8.81 38.46
C PHE D 1240 -19.17 7.54 37.66
N PHE D 1241 -19.23 7.66 36.33
CA PHE D 1241 -19.07 6.48 35.47
C PHE D 1241 -17.70 5.84 35.64
N ASP D 1242 -17.70 4.52 35.80
CA ASP D 1242 -16.47 3.73 35.88
C ASP D 1242 -16.68 2.48 35.03
N SER D 1243 -15.76 2.24 34.10
CA SER D 1243 -15.88 1.09 33.22
C SER D 1243 -15.69 -0.23 33.96
N ARG D 1244 -14.98 -0.22 35.09
CA ARG D 1244 -14.78 -1.46 35.84
C ARG D 1244 -16.06 -1.92 36.53
N GLN D 1245 -17.03 -1.03 36.67
CA GLN D 1245 -18.27 -1.30 37.41
C GLN D 1245 -19.42 -0.69 36.61
N ALA D 1246 -19.67 -1.24 35.41
CA ALA D 1246 -20.61 -0.61 34.49
C ALA D 1246 -21.67 -1.60 34.02
N PRO D 1247 -22.90 -1.14 33.83
CA PRO D 1247 -23.95 -2.04 33.32
C PRO D 1247 -23.58 -2.58 31.95
N LYS D 1248 -24.25 -3.67 31.57
CA LYS D 1248 -23.86 -4.38 30.34
C LYS D 1248 -24.18 -3.56 29.09
N ASN D 1249 -25.13 -2.63 29.16
CA ASN D 1249 -25.44 -1.79 28.01
C ASN D 1249 -24.50 -0.60 27.86
N MET D 1250 -23.42 -0.53 28.62
CA MET D 1250 -22.44 0.54 28.59
C MET D 1250 -21.04 -0.04 28.46
N PRO D 1251 -20.06 0.76 28.04
CA PRO D 1251 -18.72 0.20 27.74
C PRO D 1251 -18.09 -0.53 28.93
N GLN D 1252 -17.54 -1.71 28.65
CA GLN D 1252 -16.90 -2.54 29.68
C GLN D 1252 -15.42 -2.21 29.88
N ASP D 1253 -14.83 -1.37 29.06
CA ASP D 1253 -13.45 -0.95 29.23
C ASP D 1253 -13.24 0.27 28.33
N ALA D 1254 -12.00 0.76 28.29
CA ALA D 1254 -11.73 2.00 27.56
C ALA D 1254 -11.74 1.76 26.05
N ASP D 1255 -11.27 0.59 25.61
CA ASP D 1255 -11.29 0.30 24.18
C ASP D 1255 -12.72 0.16 23.67
N ALA D 1256 -13.60 -0.46 24.45
CA ALA D 1256 -15.01 -0.48 24.09
C ALA D 1256 -15.56 0.93 23.98
N ASN D 1257 -15.14 1.83 24.89
CA ASN D 1257 -15.64 3.20 24.86
C ASN D 1257 -15.36 3.86 23.53
N GLY D 1258 -14.19 3.59 22.95
CA GLY D 1258 -13.86 4.17 21.66
C GLY D 1258 -14.77 3.69 20.56
N ALA D 1259 -15.05 2.39 20.52
CA ALA D 1259 -15.95 1.85 19.51
C ALA D 1259 -17.38 2.31 19.76
N TYR D 1260 -17.76 2.42 21.01
CA TYR D 1260 -19.09 2.88 21.34
C TYR D 1260 -19.37 4.25 20.71
N HIS D 1261 -18.38 5.14 20.75
CA HIS D 1261 -18.61 6.48 20.26
C HIS D 1261 -18.53 6.59 18.74
N ILE D 1262 -17.78 5.69 18.08
CA ILE D 1262 -17.99 5.49 16.65
C ILE D 1262 -19.46 5.14 16.39
N GLY D 1263 -20.03 4.29 17.25
CA GLY D 1263 -21.41 3.90 17.05
C GLY D 1263 -22.38 5.05 17.25
N LEU D 1264 -22.16 5.86 18.30
CA LEU D 1264 -23.02 7.01 18.54
C LEU D 1264 -22.99 7.98 17.36
N LYS D 1265 -21.81 8.15 16.75
CA LYS D 1265 -21.75 8.93 15.52
C LYS D 1265 -22.55 8.26 14.40
N GLY D 1266 -22.66 6.92 14.43
CA GLY D 1266 -23.52 6.24 13.47
C GLY D 1266 -24.99 6.42 13.77
N LEU D 1267 -25.36 6.54 15.04
CA LEU D 1267 -26.72 6.90 15.40
C LEU D 1267 -27.12 8.27 14.85
N MET D 1268 -26.20 9.23 14.90
CA MET D 1268 -26.45 10.53 14.28
C MET D 1268 -26.78 10.36 12.79
N LEU D 1269 -25.96 9.59 12.08
CA LEU D 1269 -26.22 9.41 10.66
C LEU D 1269 -27.54 8.69 10.44
N LEU D 1270 -27.84 7.70 11.28
CA LEU D 1270 -29.12 7.01 11.14
C LEU D 1270 -30.30 7.95 11.40
N GLY D 1271 -30.12 8.95 12.27
CA GLY D 1271 -31.18 9.92 12.50
C GLY D 1271 -31.35 10.89 11.34
N ARG D 1272 -30.24 11.30 10.72
CA ARG D 1272 -30.34 12.09 9.50
C ARG D 1272 -31.00 11.31 8.37
N ILE D 1273 -30.66 10.02 8.24
CA ILE D 1273 -31.29 9.18 7.23
C ILE D 1273 -32.79 9.09 7.48
N LYS D 1274 -33.17 8.91 8.74
CA LYS D 1274 -34.57 8.71 9.10
C LYS D 1274 -35.36 10.01 8.93
N ASN D 1275 -34.74 11.16 9.22
CA ASN D 1275 -35.40 12.46 9.17
C ASN D 1275 -35.18 13.21 7.87
N ASN D 1276 -34.50 12.61 6.91
CA ASN D 1276 -34.38 13.23 5.59
C ASN D 1276 -35.72 13.20 4.89
N GLN D 1277 -36.02 14.28 4.16
CA GLN D 1277 -37.25 14.33 3.39
C GLN D 1277 -36.93 14.24 1.90
N GLU D 1278 -37.76 13.44 1.21
CA GLU D 1278 -37.58 13.13 -0.20
C GLU D 1278 -37.25 14.37 -1.03
N GLY D 1279 -36.32 14.20 -1.95
CA GLY D 1279 -35.90 15.28 -2.82
C GLY D 1279 -34.51 15.81 -2.55
N LYS D 1280 -34.20 16.05 -1.27
CA LYS D 1280 -33.00 16.78 -0.89
C LYS D 1280 -31.88 15.84 -0.40
N LYS D 1281 -30.65 16.33 -0.54
CA LYS D 1281 -29.47 15.51 -0.32
C LYS D 1281 -29.32 15.12 1.14
N LEU D 1282 -28.73 13.94 1.35
CA LEU D 1282 -28.37 13.48 2.67
C LEU D 1282 -27.05 14.11 3.08
N ASN D 1283 -27.04 14.89 4.16
CA ASN D 1283 -25.79 15.41 4.68
C ASN D 1283 -25.21 14.43 5.70
N LEU D 1284 -24.01 13.93 5.42
CA LEU D 1284 -23.39 12.89 6.23
C LEU D 1284 -22.11 13.38 6.89
N VAL D 1285 -21.82 14.68 6.83
CA VAL D 1285 -20.66 15.25 7.51
C VAL D 1285 -21.08 15.54 8.95
N ILE D 1286 -20.25 15.15 9.90
CA ILE D 1286 -20.54 15.37 11.31
C ILE D 1286 -19.42 16.22 11.89
N LYS D 1287 -19.72 17.49 12.12
CA LYS D 1287 -18.79 18.39 12.79
C LYS D 1287 -18.81 18.14 14.29
N ASN D 1288 -17.71 18.50 14.95
CA ASN D 1288 -17.58 18.21 16.38
C ASN D 1288 -18.70 18.86 17.20
N GLU D 1289 -19.12 20.07 16.83
CA GLU D 1289 -20.16 20.75 17.61
C GLU D 1289 -21.45 19.96 17.61
N GLU D 1290 -21.88 19.50 16.43
CA GLU D 1290 -23.07 18.66 16.35
C GLU D 1290 -22.90 17.40 17.18
N TYR D 1291 -21.72 16.78 17.12
CA TYR D 1291 -21.41 15.59 17.91
C TYR D 1291 -21.43 15.89 19.39
N PHE D 1292 -20.72 16.94 19.83
CA PHE D 1292 -20.74 17.30 21.25
C PHE D 1292 -22.17 17.58 21.71
N GLU D 1293 -22.94 18.30 20.89
CA GLU D 1293 -24.33 18.56 21.24
C GLU D 1293 -25.11 17.25 21.37
N PHE D 1294 -24.89 16.32 20.43
CA PHE D 1294 -25.60 15.04 20.47
C PHE D 1294 -25.22 14.23 21.71
N VAL D 1295 -23.92 14.16 22.00
CA VAL D 1295 -23.47 13.32 23.09
C VAL D 1295 -23.75 13.96 24.45
N GLN D 1296 -23.69 15.30 24.51
CA GLN D 1296 -23.92 15.97 25.79
C GLN D 1296 -25.39 15.98 26.16
N ASN D 1297 -26.29 16.07 25.18
CA ASN D 1297 -27.70 16.33 25.45
C ASN D 1297 -28.63 15.13 25.28
N ARG D 1298 -28.13 13.94 24.92
CA ARG D 1298 -29.06 12.83 24.79
C ARG D 1298 -29.36 12.18 26.14
N ASN D 1299 -28.44 12.28 27.07
CA ASN D 1299 -28.80 11.92 28.45
C ASN D 1299 -29.62 13.01 29.13
N ASN D 1300 -29.42 14.26 28.74
CA ASN D 1300 -30.12 15.39 29.36
C ASN D 1300 -30.08 16.64 28.46
#